data_5VBT
# 
_entry.id   5VBT 
# 
_audit_conform.dict_name       mmcif_pdbx.dic 
_audit_conform.dict_version    5.379 
_audit_conform.dict_location   http://mmcif.pdb.org/dictionaries/ascii/mmcif_pdbx.dic 
# 
loop_
_database_2.database_id 
_database_2.database_code 
_database_2.pdbx_database_accession 
_database_2.pdbx_DOI 
PDB   5VBT         pdb_00005vbt 10.2210/pdb5vbt/pdb 
WWPDB D_1000227189 ?            ?                   
# 
_pdbx_database_status.status_code                     REL 
_pdbx_database_status.status_code_sf                  REL 
_pdbx_database_status.status_code_mr                  ? 
_pdbx_database_status.entry_id                        5VBT 
_pdbx_database_status.recvd_initial_deposition_date   2017-03-30 
_pdbx_database_status.SG_entry                        Y 
_pdbx_database_status.deposit_site                    RCSB 
_pdbx_database_status.process_site                    RCSB 
_pdbx_database_status.status_code_cs                  ? 
_pdbx_database_status.methods_development_category    ? 
_pdbx_database_status.pdb_format_compatible           Y 
_pdbx_database_status.status_code_nmr_data            ? 
# 
loop_
_audit_author.name 
_audit_author.pdbx_ordinal 
_audit_author.identifier_ORCID 
'DONG, A.'                             1  ? 
'DONG, X.'                             2  ? 
'LIU, L.'                              3  ? 
'GUO, Y.'                              4  ? 
'LI, Y.'                               5  ? 
'ZHANG, W.'                            6  ? 
'WALKER, J.R.'                         7  ? 
'SIDHU, S.'                            8  ? 
'Bountra, C.'                          9  ? 
'Arrowsmith, C.H.'                     10 ? 
'Edwards, A.M.'                        11 ? 
'TONG, Y.'                             12 ? 
'Structural Genomics Consortium (SGC)' 13 ? 
# 
_citation.abstract                  ? 
_citation.abstract_id_CAS           ? 
_citation.book_id_ISBN              ? 
_citation.book_publisher            ? 
_citation.book_publisher_city       ? 
_citation.book_title                ? 
_citation.coordinate_linkage        ? 
_citation.country                   ? 
_citation.database_id_Medline       ? 
_citation.details                   ? 
_citation.id                        primary 
_citation.journal_abbrev            'to be published' 
_citation.journal_id_ASTM           ? 
_citation.journal_id_CSD            0353 
_citation.journal_id_ISSN           ? 
_citation.journal_full              ? 
_citation.journal_issue             ? 
_citation.journal_volume            ? 
_citation.language                  ? 
_citation.page_first                ? 
_citation.page_last                 ? 
_citation.title                     'Crystal structure of a highly specific and potent USP7 ubiquitin variant inhibitor' 
_citation.year                      ? 
_citation.database_id_CSD           ? 
_citation.pdbx_database_id_DOI      ? 
_citation.pdbx_database_id_PubMed   ? 
_citation.unpublished_flag          ? 
# 
loop_
_citation_author.citation_id 
_citation_author.name 
_citation_author.ordinal 
_citation_author.identifier_ORCID 
primary 'DONG, X.'                             1  ? 
primary 'DONG, A.'                             2  ? 
primary 'LIU, L.'                              3  ? 
primary 'GUO, Y.'                              4  ? 
primary 'LI, Y.'                               5  ? 
primary 'ZHANG, W.'                            6  ? 
primary 'WALKER, J.R.'                         7  ? 
primary 'SIDHU, S.'                            8  ? 
primary 'Bountra, C.'                          9  ? 
primary 'Arrowsmith, C.H.'                     10 ? 
primary 'Edwards, A.M.'                        11 ? 
primary 'TONG, Y.'                             12 ? 
primary 'Structural Genomics Consortium (SGC)' 13 ? 
# 
_cell.angle_alpha                  90.000 
_cell.angle_alpha_esd              ? 
_cell.angle_beta                   97.260 
_cell.angle_beta_esd               ? 
_cell.angle_gamma                  90.000 
_cell.angle_gamma_esd              ? 
_cell.entry_id                     5VBT 
_cell.details                      ? 
_cell.formula_units_Z              ? 
_cell.length_a                     46.011 
_cell.length_a_esd                 ? 
_cell.length_b                     30.830 
_cell.length_b_esd                 ? 
_cell.length_c                     51.046 
_cell.length_c_esd                 ? 
_cell.volume                       ? 
_cell.volume_esd                   ? 
_cell.Z_PDB                        4 
_cell.reciprocal_angle_alpha       ? 
_cell.reciprocal_angle_beta        ? 
_cell.reciprocal_angle_gamma       ? 
_cell.reciprocal_angle_alpha_esd   ? 
_cell.reciprocal_angle_beta_esd    ? 
_cell.reciprocal_angle_gamma_esd   ? 
_cell.reciprocal_length_a          ? 
_cell.reciprocal_length_b          ? 
_cell.reciprocal_length_c          ? 
_cell.reciprocal_length_a_esd      ? 
_cell.reciprocal_length_b_esd      ? 
_cell.reciprocal_length_c_esd      ? 
_cell.pdbx_unique_axis             ? 
# 
_symmetry.entry_id                         5VBT 
_symmetry.cell_setting                     ? 
_symmetry.Int_Tables_number                4 
_symmetry.space_group_name_Hall            ? 
_symmetry.space_group_name_H-M             'P 1 21 1' 
_symmetry.pdbx_full_space_group_name_H-M   ? 
# 
loop_
_entity.id 
_entity.type 
_entity.src_method 
_entity.pdbx_description 
_entity.formula_weight 
_entity.pdbx_number_of_molecules 
_entity.pdbx_ec 
_entity.pdbx_mutation 
_entity.pdbx_fragment 
_entity.details 
1 polymer man UBH04 8876.288 2   ? ? ? ? 
2 water   nat water 18.015   156 ? ? ? ? 
# 
_entity_poly.entity_id                      1 
_entity_poly.type                           'polypeptide(L)' 
_entity_poly.nstd_linkage                   no 
_entity_poly.nstd_monomer                   no 
_entity_poly.pdbx_seq_one_letter_code       GMPIFVKTLTGKNITLEVEPSDTIENVKAKIQDKEGIPPDQQRLIFTGKKLEDGRTLSDYNIKFASTLHLVIRLRGARP 
_entity_poly.pdbx_seq_one_letter_code_can   GMPIFVKTLTGKNITLEVEPSDTIENVKAKIQDKEGIPPDQQRLIFTGKKLEDGRTLSDYNIKFASTLHLVIRLRGARP 
_entity_poly.pdbx_strand_id                 A,B 
_entity_poly.pdbx_target_identifier         ? 
# 
loop_
_entity_poly_seq.entity_id 
_entity_poly_seq.num 
_entity_poly_seq.mon_id 
_entity_poly_seq.hetero 
1 1  GLY n 
1 2  MET n 
1 3  PRO n 
1 4  ILE n 
1 5  PHE n 
1 6  VAL n 
1 7  LYS n 
1 8  THR n 
1 9  LEU n 
1 10 THR n 
1 11 GLY n 
1 12 LYS n 
1 13 ASN n 
1 14 ILE n 
1 15 THR n 
1 16 LEU n 
1 17 GLU n 
1 18 VAL n 
1 19 GLU n 
1 20 PRO n 
1 21 SER n 
1 22 ASP n 
1 23 THR n 
1 24 ILE n 
1 25 GLU n 
1 26 ASN n 
1 27 VAL n 
1 28 LYS n 
1 29 ALA n 
1 30 LYS n 
1 31 ILE n 
1 32 GLN n 
1 33 ASP n 
1 34 LYS n 
1 35 GLU n 
1 36 GLY n 
1 37 ILE n 
1 38 PRO n 
1 39 PRO n 
1 40 ASP n 
1 41 GLN n 
1 42 GLN n 
1 43 ARG n 
1 44 LEU n 
1 45 ILE n 
1 46 PHE n 
1 47 THR n 
1 48 GLY n 
1 49 LYS n 
1 50 LYS n 
1 51 LEU n 
1 52 GLU n 
1 53 ASP n 
1 54 GLY n 
1 55 ARG n 
1 56 THR n 
1 57 LEU n 
1 58 SER n 
1 59 ASP n 
1 60 TYR n 
1 61 ASN n 
1 62 ILE n 
1 63 LYS n 
1 64 PHE n 
1 65 ALA n 
1 66 SER n 
1 67 THR n 
1 68 LEU n 
1 69 HIS n 
1 70 LEU n 
1 71 VAL n 
1 72 ILE n 
1 73 ARG n 
1 74 LEU n 
1 75 ARG n 
1 76 GLY n 
1 77 ALA n 
1 78 ARG n 
1 79 PRO n 
# 
_entity_src_gen.entity_id                          1 
_entity_src_gen.pdbx_src_id                        1 
_entity_src_gen.pdbx_alt_source_flag               sample 
_entity_src_gen.pdbx_seq_type                      'Biological sequence' 
_entity_src_gen.pdbx_beg_seq_num                   1 
_entity_src_gen.pdbx_end_seq_num                   79 
_entity_src_gen.gene_src_common_name               ? 
_entity_src_gen.gene_src_genus                     ? 
_entity_src_gen.pdbx_gene_src_gene                 ? 
_entity_src_gen.gene_src_species                   ? 
_entity_src_gen.gene_src_strain                    ? 
_entity_src_gen.gene_src_tissue                    ? 
_entity_src_gen.gene_src_tissue_fraction           ? 
_entity_src_gen.gene_src_details                   ? 
_entity_src_gen.pdbx_gene_src_fragment             ? 
_entity_src_gen.pdbx_gene_src_scientific_name      'synthetic construct' 
_entity_src_gen.pdbx_gene_src_ncbi_taxonomy_id     32630 
_entity_src_gen.pdbx_gene_src_variant              ? 
_entity_src_gen.pdbx_gene_src_cell_line            ? 
_entity_src_gen.pdbx_gene_src_atcc                 ? 
_entity_src_gen.pdbx_gene_src_organ                ? 
_entity_src_gen.pdbx_gene_src_organelle            ? 
_entity_src_gen.pdbx_gene_src_cell                 ? 
_entity_src_gen.pdbx_gene_src_cellular_location    ? 
_entity_src_gen.host_org_common_name               ? 
_entity_src_gen.pdbx_host_org_scientific_name      'Escherichia coli' 
_entity_src_gen.pdbx_host_org_ncbi_taxonomy_id     469008 
_entity_src_gen.host_org_genus                     ? 
_entity_src_gen.pdbx_host_org_gene                 ? 
_entity_src_gen.pdbx_host_org_organ                ? 
_entity_src_gen.host_org_species                   ? 
_entity_src_gen.pdbx_host_org_tissue               ? 
_entity_src_gen.pdbx_host_org_tissue_fraction      ? 
_entity_src_gen.pdbx_host_org_strain               'BL21(DE3)' 
_entity_src_gen.pdbx_host_org_variant              ? 
_entity_src_gen.pdbx_host_org_cell_line            ? 
_entity_src_gen.pdbx_host_org_atcc                 ? 
_entity_src_gen.pdbx_host_org_culture_collection   ? 
_entity_src_gen.pdbx_host_org_cell                 ? 
_entity_src_gen.pdbx_host_org_organelle            ? 
_entity_src_gen.pdbx_host_org_cellular_location    ? 
_entity_src_gen.pdbx_host_org_vector_type          plasmid 
_entity_src_gen.pdbx_host_org_vector               ? 
_entity_src_gen.host_org_details                   ? 
_entity_src_gen.expression_system_id               ? 
_entity_src_gen.plasmid_name                       pET28-MHL 
_entity_src_gen.plasmid_details                    ? 
_entity_src_gen.pdbx_description                   ? 
# 
_struct_ref.id                         1 
_struct_ref.db_name                    PDB 
_struct_ref.db_code                    5VBT 
_struct_ref.pdbx_db_accession          5VBT 
_struct_ref.pdbx_db_isoform            ? 
_struct_ref.entity_id                  1 
_struct_ref.pdbx_seq_one_letter_code   ? 
_struct_ref.pdbx_align_begin           1 
# 
loop_
_struct_ref_seq.align_id 
_struct_ref_seq.ref_id 
_struct_ref_seq.pdbx_PDB_id_code 
_struct_ref_seq.pdbx_strand_id 
_struct_ref_seq.seq_align_beg 
_struct_ref_seq.pdbx_seq_align_beg_ins_code 
_struct_ref_seq.seq_align_end 
_struct_ref_seq.pdbx_seq_align_end_ins_code 
_struct_ref_seq.pdbx_db_accession 
_struct_ref_seq.db_align_beg 
_struct_ref_seq.pdbx_db_align_beg_ins_code 
_struct_ref_seq.db_align_end 
_struct_ref_seq.pdbx_db_align_end_ins_code 
_struct_ref_seq.pdbx_auth_seq_align_beg 
_struct_ref_seq.pdbx_auth_seq_align_end 
1 1 5VBT A 1 ? 79 ? 5VBT 0 ? 78 ? 0 78 
2 1 5VBT B 1 ? 79 ? 5VBT 0 ? 78 ? 0 78 
# 
loop_
_chem_comp.id 
_chem_comp.type 
_chem_comp.mon_nstd_flag 
_chem_comp.name 
_chem_comp.pdbx_synonyms 
_chem_comp.formula 
_chem_comp.formula_weight 
ALA 'L-peptide linking' y ALANINE         ? 'C3 H7 N O2'     89.093  
ARG 'L-peptide linking' y ARGININE        ? 'C6 H15 N4 O2 1' 175.209 
ASN 'L-peptide linking' y ASPARAGINE      ? 'C4 H8 N2 O3'    132.118 
ASP 'L-peptide linking' y 'ASPARTIC ACID' ? 'C4 H7 N O4'     133.103 
GLN 'L-peptide linking' y GLUTAMINE       ? 'C5 H10 N2 O3'   146.144 
GLU 'L-peptide linking' y 'GLUTAMIC ACID' ? 'C5 H9 N O4'     147.129 
GLY 'peptide linking'   y GLYCINE         ? 'C2 H5 N O2'     75.067  
HIS 'L-peptide linking' y HISTIDINE       ? 'C6 H10 N3 O2 1' 156.162 
HOH non-polymer         . WATER           ? 'H2 O'           18.015  
ILE 'L-peptide linking' y ISOLEUCINE      ? 'C6 H13 N O2'    131.173 
LEU 'L-peptide linking' y LEUCINE         ? 'C6 H13 N O2'    131.173 
LYS 'L-peptide linking' y LYSINE          ? 'C6 H15 N2 O2 1' 147.195 
MET 'L-peptide linking' y METHIONINE      ? 'C5 H11 N O2 S'  149.211 
PHE 'L-peptide linking' y PHENYLALANINE   ? 'C9 H11 N O2'    165.189 
PRO 'L-peptide linking' y PROLINE         ? 'C5 H9 N O2'     115.130 
SER 'L-peptide linking' y SERINE          ? 'C3 H7 N O3'     105.093 
THR 'L-peptide linking' y THREONINE       ? 'C4 H9 N O3'     119.119 
TYR 'L-peptide linking' y TYROSINE        ? 'C9 H11 N O3'    181.189 
VAL 'L-peptide linking' y VALINE          ? 'C5 H11 N O2'    117.146 
# 
_exptl.absorpt_coefficient_mu     ? 
_exptl.absorpt_correction_T_max   ? 
_exptl.absorpt_correction_T_min   ? 
_exptl.absorpt_correction_type    ? 
_exptl.absorpt_process_details    ? 
_exptl.entry_id                   5VBT 
_exptl.crystals_number            1 
_exptl.details                    ? 
_exptl.method                     'X-RAY DIFFRACTION' 
_exptl.method_details             ? 
# 
_exptl_crystal.colour                      ? 
_exptl_crystal.density_diffrn              ? 
_exptl_crystal.density_Matthews            2.02 
_exptl_crystal.density_method              ? 
_exptl_crystal.density_percent_sol         39.20 
_exptl_crystal.description                 ? 
_exptl_crystal.F_000                       ? 
_exptl_crystal.id                          1 
_exptl_crystal.preparation                 ? 
_exptl_crystal.size_max                    ? 
_exptl_crystal.size_mid                    ? 
_exptl_crystal.size_min                    ? 
_exptl_crystal.size_rad                    ? 
_exptl_crystal.colour_lustre               ? 
_exptl_crystal.colour_modifier             ? 
_exptl_crystal.colour_primary              ? 
_exptl_crystal.density_meas                ? 
_exptl_crystal.density_meas_esd            ? 
_exptl_crystal.density_meas_gt             ? 
_exptl_crystal.density_meas_lt             ? 
_exptl_crystal.density_meas_temp           ? 
_exptl_crystal.density_meas_temp_esd       ? 
_exptl_crystal.density_meas_temp_gt        ? 
_exptl_crystal.density_meas_temp_lt        ? 
_exptl_crystal.pdbx_crystal_image_url      ? 
_exptl_crystal.pdbx_crystal_image_format   ? 
_exptl_crystal.pdbx_mosaicity              ? 
_exptl_crystal.pdbx_mosaicity_esd          ? 
# 
_exptl_crystal_grow.apparatus       ? 
_exptl_crystal_grow.atmosphere      ? 
_exptl_crystal_grow.crystal_id      1 
_exptl_crystal_grow.details         ? 
_exptl_crystal_grow.method          'VAPOR DIFFUSION, SITTING DROP' 
_exptl_crystal_grow.method_ref      ? 
_exptl_crystal_grow.pH              8.5 
_exptl_crystal_grow.pressure        ? 
_exptl_crystal_grow.pressure_esd    ? 
_exptl_crystal_grow.seeding         ? 
_exptl_crystal_grow.seeding_ref     ? 
_exptl_crystal_grow.temp            293 
_exptl_crystal_grow.temp_details    ? 
_exptl_crystal_grow.temp_esd        ? 
_exptl_crystal_grow.time            ? 
_exptl_crystal_grow.pdbx_details    '1.2 M sodium citrate, 0.1 M Tris pH 8.5' 
_exptl_crystal_grow.pdbx_pH_range   ? 
# 
_diffrn.ambient_environment    ? 
_diffrn.ambient_temp           100 
_diffrn.ambient_temp_details   ? 
_diffrn.ambient_temp_esd       ? 
_diffrn.crystal_id             1 
_diffrn.crystal_support        ? 
_diffrn.crystal_treatment      ? 
_diffrn.details                ? 
_diffrn.id                     1 
_diffrn.ambient_pressure       ? 
_diffrn.ambient_pressure_esd   ? 
_diffrn.ambient_pressure_gt    ? 
_diffrn.ambient_pressure_lt    ? 
_diffrn.ambient_temp_gt        ? 
_diffrn.ambient_temp_lt        ? 
# 
_diffrn_detector.details                      ? 
_diffrn_detector.detector                     PIXEL 
_diffrn_detector.diffrn_id                    1 
_diffrn_detector.type                         'DECTRIS PILATUS3 X 6M' 
_diffrn_detector.area_resol_mean              ? 
_diffrn_detector.dtime                        ? 
_diffrn_detector.pdbx_frames_total            ? 
_diffrn_detector.pdbx_collection_time_total   ? 
_diffrn_detector.pdbx_collection_date         2016-12-16 
# 
_diffrn_radiation.collimation                      ? 
_diffrn_radiation.diffrn_id                        1 
_diffrn_radiation.filter_edge                      ? 
_diffrn_radiation.inhomogeneity                    ? 
_diffrn_radiation.monochromator                    ? 
_diffrn_radiation.polarisn_norm                    ? 
_diffrn_radiation.polarisn_ratio                   ? 
_diffrn_radiation.probe                            ? 
_diffrn_radiation.type                             ? 
_diffrn_radiation.xray_symbol                      ? 
_diffrn_radiation.wavelength_id                    1 
_diffrn_radiation.pdbx_monochromatic_or_laue_m_l   M 
_diffrn_radiation.pdbx_wavelength_list             ? 
_diffrn_radiation.pdbx_wavelength                  ? 
_diffrn_radiation.pdbx_diffrn_protocol             'SINGLE WAVELENGTH' 
_diffrn_radiation.pdbx_analyzer                    ? 
_diffrn_radiation.pdbx_scattering_type             x-ray 
# 
_diffrn_radiation_wavelength.id           1 
_diffrn_radiation_wavelength.wavelength   0.97891 
_diffrn_radiation_wavelength.wt           1.0 
# 
_diffrn_source.current                     ? 
_diffrn_source.details                     ? 
_diffrn_source.diffrn_id                   1 
_diffrn_source.power                       ? 
_diffrn_source.size                        ? 
_diffrn_source.source                      SYNCHROTRON 
_diffrn_source.target                      ? 
_diffrn_source.type                        'APS BEAMLINE 19-ID' 
_diffrn_source.voltage                     ? 
_diffrn_source.take-off_angle              ? 
_diffrn_source.pdbx_wavelength_list        0.97891 
_diffrn_source.pdbx_wavelength             ? 
_diffrn_source.pdbx_synchrotron_beamline   19-ID 
_diffrn_source.pdbx_synchrotron_site       APS 
# 
_reflns.B_iso_Wilson_estimate            ? 
_reflns.entry_id                         5VBT 
_reflns.data_reduction_details           ? 
_reflns.data_reduction_method            ? 
_reflns.d_resolution_high                1.500 
_reflns.d_resolution_low                 50.000 
_reflns.details                          ? 
_reflns.limit_h_max                      ? 
_reflns.limit_h_min                      ? 
_reflns.limit_k_max                      ? 
_reflns.limit_k_min                      ? 
_reflns.limit_l_max                      ? 
_reflns.limit_l_min                      ? 
_reflns.number_all                       ? 
_reflns.number_obs                       22616 
_reflns.observed_criterion               ? 
_reflns.observed_criterion_F_max         ? 
_reflns.observed_criterion_F_min         ? 
_reflns.observed_criterion_I_max         ? 
_reflns.observed_criterion_I_min         ? 
_reflns.observed_criterion_sigma_F       ? 
_reflns.observed_criterion_sigma_I       ? 
_reflns.percent_possible_obs             98.800 
_reflns.R_free_details                   ? 
_reflns.Rmerge_F_all                     ? 
_reflns.Rmerge_F_obs                     ? 
_reflns.Friedel_coverage                 ? 
_reflns.number_gt                        ? 
_reflns.threshold_expression             ? 
_reflns.pdbx_redundancy                  5.300 
_reflns.pdbx_Rmerge_I_obs                0.085 
_reflns.pdbx_Rmerge_I_all                ? 
_reflns.pdbx_Rsym_value                  ? 
_reflns.pdbx_netI_over_av_sigmaI         ? 
_reflns.pdbx_netI_over_sigmaI            5.900 
_reflns.pdbx_res_netI_over_av_sigmaI_2   ? 
_reflns.pdbx_res_netI_over_sigmaI_2      ? 
_reflns.pdbx_chi_squared                 0.899 
_reflns.pdbx_scaling_rejects             ? 
_reflns.pdbx_d_res_high_opt              ? 
_reflns.pdbx_d_res_low_opt               ? 
_reflns.pdbx_d_res_opt_method            ? 
_reflns.phase_calculation_details        ? 
_reflns.pdbx_Rrim_I_all                  0.094 
_reflns.pdbx_Rpim_I_all                  0.040 
_reflns.pdbx_d_opt                       ? 
_reflns.pdbx_number_measured_all         119284 
_reflns.pdbx_diffrn_id                   1 
_reflns.pdbx_ordinal                     1 
_reflns.pdbx_CC_half                     ? 
_reflns.pdbx_R_split                     ? 
# 
loop_
_reflns_shell.d_res_high 
_reflns_shell.d_res_low 
_reflns_shell.meanI_over_sigI_all 
_reflns_shell.meanI_over_sigI_obs 
_reflns_shell.number_measured_all 
_reflns_shell.number_measured_obs 
_reflns_shell.number_possible 
_reflns_shell.number_unique_all 
_reflns_shell.number_unique_obs 
_reflns_shell.percent_possible_all 
_reflns_shell.percent_possible_obs 
_reflns_shell.Rmerge_F_all 
_reflns_shell.Rmerge_F_obs 
_reflns_shell.Rmerge_I_all 
_reflns_shell.Rmerge_I_obs 
_reflns_shell.meanI_over_sigI_gt 
_reflns_shell.meanI_over_uI_all 
_reflns_shell.meanI_over_uI_gt 
_reflns_shell.number_measured_gt 
_reflns_shell.number_unique_gt 
_reflns_shell.percent_possible_gt 
_reflns_shell.Rmerge_F_gt 
_reflns_shell.Rmerge_I_gt 
_reflns_shell.pdbx_redundancy 
_reflns_shell.pdbx_Rsym_value 
_reflns_shell.pdbx_chi_squared 
_reflns_shell.pdbx_netI_over_sigmaI_all 
_reflns_shell.pdbx_netI_over_sigmaI_obs 
_reflns_shell.pdbx_Rrim_I_all 
_reflns_shell.pdbx_Rpim_I_all 
_reflns_shell.pdbx_rejects 
_reflns_shell.pdbx_ordinal 
_reflns_shell.pdbx_diffrn_id 
_reflns_shell.pdbx_CC_half 
_reflns_shell.pdbx_R_split 
1.500 1.530  ? ? ? ? ? ? 1147 97.400  ? ? ? ? 0.535 ? ? ? ? ? ? ? ? 4.500 ? 0.514 ? ? 0.602 0.268 ? 1  1 0.792 ? 
1.530 1.550  ? ? ? ? ? ? ?    97.000  ? ? ? ? 0.499 ? ? ? ? ? ? ? ? 4.600 ? 0.501 ? ? 0.561 0.250 ? 2  1 0.836 ? 
1.550 1.580  ? ? ? ? ? ? ?    96.900  ? ? ? ? 0.418 ? ? ? ? ? ? ? ? 4.900 ? 0.519 ? ? 0.468 0.204 ? 3  1 0.884 ? 
1.580 1.620  ? ? ? ? ? ? ?    99.900  ? ? ? ? 0.387 ? ? ? ? ? ? ? ? 5.300 ? 0.549 ? ? 0.431 0.184 ? 4  1 0.885 ? 
1.620 1.650  ? ? ? ? ? ? ?    99.600  ? ? ? ? 0.380 ? ? ? ? ? ? ? ? 5.400 ? 0.547 ? ? 0.420 0.176 ? 5  1 0.919 ? 
1.650 1.690  ? ? ? ? ? ? ?    99.800  ? ? ? ? 0.331 ? ? ? ? ? ? ? ? 5.500 ? 0.542 ? ? 0.367 0.155 ? 6  1 0.920 ? 
1.690 1.730  ? ? ? ? ? ? ?    99.500  ? ? ? ? 0.279 ? ? ? ? ? ? ? ? 5.400 ? 0.575 ? ? 0.310 0.132 ? 7  1 0.941 ? 
1.730 1.780  ? ? ? ? ? ? ?    99.800  ? ? ? ? 0.234 ? ? ? ? ? ? ? ? 5.300 ? 0.561 ? ? 0.260 0.110 ? 8  1 0.960 ? 
1.780 1.830  ? ? ? ? ? ? ?    98.300  ? ? ? ? 0.197 ? ? ? ? ? ? ? ? 5.100 ? 0.632 ? ? 0.219 0.094 ? 9  1 0.974 ? 
1.830 1.890  ? ? ? ? ? ? ?    97.500  ? ? ? ? 0.162 ? ? ? ? ? ? ? ? 5.100 ? 0.667 ? ? 0.180 0.077 ? 10 1 0.980 ? 
1.890 1.960  ? ? ? ? ? ? ?    99.900  ? ? ? ? 0.140 ? ? ? ? ? ? ? ? 5.600 ? 0.716 ? ? 0.155 0.065 ? 11 1 0.986 ? 
1.960 2.040  ? ? ? ? ? ? ?    99.600  ? ? ? ? 0.116 ? ? ? ? ? ? ? ? 5.600 ? 0.827 ? ? 0.128 0.053 ? 12 1 0.990 ? 
2.040 2.130  ? ? ? ? ? ? ?    100.000 ? ? ? ? 0.099 ? ? ? ? ? ? ? ? 5.600 ? 0.910 ? ? 0.110 0.045 ? 13 1 0.992 ? 
2.130 2.240  ? ? ? ? ? ? ?    99.600  ? ? ? ? 0.091 ? ? ? ? ? ? ? ? 5.500 ? 0.977 ? ? 0.100 0.042 ? 14 1 0.992 ? 
2.240 2.380  ? ? ? ? ? ? ?    97.800  ? ? ? ? 0.087 ? ? ? ? ? ? ? ? 5.000 ? 1.060 ? ? 0.097 0.042 ? 15 1 0.993 ? 
2.380 2.560  ? ? ? ? ? ? ?    99.100  ? ? ? ? 0.078 ? ? ? ? ? ? ? ? 5.700 ? 1.096 ? ? 0.086 0.035 ? 16 1 0.994 ? 
2.560 2.820  ? ? ? ? ? ? ?    99.700  ? ? ? ? 0.074 ? ? ? ? ? ? ? ? 5.700 ? 1.240 ? ? 0.081 0.033 ? 17 1 0.994 ? 
2.820 3.230  ? ? ? ? ? ? ?    99.300  ? ? ? ? 0.064 ? ? ? ? ? ? ? ? 5.400 ? 1.344 ? ? 0.071 0.029 ? 18 1 0.995 ? 
3.230 4.070  ? ? ? ? ? ? ?    97.800  ? ? ? ? 0.058 ? ? ? ? ? ? ? ? 5.100 ? 1.594 ? ? 0.064 0.027 ? 19 1 0.995 ? 
4.070 50.000 ? ? ? ? ? ? ?    97.100  ? ? ? ? 0.067 ? ? ? ? ? ? ? ? 5.200 ? 2.332 ? ? 0.074 0.031 ? 20 1 0.995 ? 
# 
_refine.aniso_B[1][1]                            -0.4800 
_refine.aniso_B[1][2]                            -0.0000 
_refine.aniso_B[1][3]                            -0.4400 
_refine.aniso_B[2][2]                            1.3300 
_refine.aniso_B[2][3]                            -0.0000 
_refine.aniso_B[3][3]                            -0.7100 
_refine.B_iso_max                                46.440 
_refine.B_iso_mean                               18.0280 
_refine.B_iso_min                                11.680 
_refine.correlation_coeff_Fo_to_Fc               0.9710 
_refine.correlation_coeff_Fo_to_Fc_free          0.9590 
_refine.details                                  
'HYDROGENS HAVE BEEN ADDED IN THE RIDING POSITIONS U VALUES      : REFINED INDIVIDUALLY' 
_refine.diff_density_max                         ? 
_refine.diff_density_max_esd                     ? 
_refine.diff_density_min                         ? 
_refine.diff_density_min_esd                     ? 
_refine.diff_density_rms                         ? 
_refine.diff_density_rms_esd                     ? 
_refine.entry_id                                 5VBT 
_refine.pdbx_refine_id                           'X-RAY DIFFRACTION' 
_refine.ls_abs_structure_details                 ? 
_refine.ls_abs_structure_Flack                   ? 
_refine.ls_abs_structure_Flack_esd               ? 
_refine.ls_abs_structure_Rogers                  ? 
_refine.ls_abs_structure_Rogers_esd              ? 
_refine.ls_d_res_high                            1.5100 
_refine.ls_d_res_low                             50.0100 
_refine.ls_extinction_coef                       ? 
_refine.ls_extinction_coef_esd                   ? 
_refine.ls_extinction_expression                 ? 
_refine.ls_extinction_method                     ? 
_refine.ls_goodness_of_fit_all                   ? 
_refine.ls_goodness_of_fit_all_esd               ? 
_refine.ls_goodness_of_fit_obs                   ? 
_refine.ls_goodness_of_fit_obs_esd               ? 
_refine.ls_hydrogen_treatment                    ? 
_refine.ls_matrix_type                           ? 
_refine.ls_number_constraints                    ? 
_refine.ls_number_parameters                     ? 
_refine.ls_number_reflns_all                     ? 
_refine.ls_number_reflns_obs                     21344 
_refine.ls_number_reflns_R_free                  1263 
_refine.ls_number_reflns_R_work                  ? 
_refine.ls_number_restraints                     ? 
_refine.ls_percent_reflns_obs                    98.7200 
_refine.ls_percent_reflns_R_free                 5.6000 
_refine.ls_R_factor_all                          ? 
_refine.ls_R_factor_obs                          0.1616 
_refine.ls_R_factor_R_free                       0.1899 
_refine.ls_R_factor_R_free_error                 ? 
_refine.ls_R_factor_R_free_error_details         ? 
_refine.ls_R_factor_R_work                       0.1598 
_refine.ls_R_Fsqd_factor_obs                     ? 
_refine.ls_R_I_factor_obs                        ? 
_refine.ls_redundancy_reflns_all                 ? 
_refine.ls_redundancy_reflns_obs                 ? 
_refine.ls_restrained_S_all                      ? 
_refine.ls_restrained_S_obs                      ? 
_refine.ls_shift_over_esd_max                    ? 
_refine.ls_shift_over_esd_mean                   ? 
_refine.ls_structure_factor_coef                 ? 
_refine.ls_weighting_details                     ? 
_refine.ls_weighting_scheme                      ? 
_refine.ls_wR_factor_all                         ? 
_refine.ls_wR_factor_obs                         ? 
_refine.ls_wR_factor_R_free                      ? 
_refine.ls_wR_factor_R_work                      ? 
_refine.occupancy_max                            ? 
_refine.occupancy_min                            ? 
_refine.solvent_model_details                    MASK 
_refine.solvent_model_param_bsol                 ? 
_refine.solvent_model_param_ksol                 ? 
_refine.ls_R_factor_gt                           ? 
_refine.ls_goodness_of_fit_gt                    ? 
_refine.ls_goodness_of_fit_ref                   ? 
_refine.ls_shift_over_su_max                     ? 
_refine.ls_shift_over_su_max_lt                  ? 
_refine.ls_shift_over_su_mean                    ? 
_refine.ls_shift_over_su_mean_lt                 ? 
_refine.pdbx_ls_sigma_I                          ? 
_refine.pdbx_ls_sigma_F                          0.000 
_refine.pdbx_ls_sigma_Fsqd                       ? 
_refine.pdbx_data_cutoff_high_absF               ? 
_refine.pdbx_data_cutoff_high_rms_absF           ? 
_refine.pdbx_data_cutoff_low_absF                ? 
_refine.pdbx_isotropic_thermal_model             ? 
_refine.pdbx_ls_cross_valid_method               THROUGHOUT 
_refine.pdbx_method_to_determine_struct          'MOLECULAR REPLACEMENT' 
_refine.pdbx_starting_model                      4AP4 
_refine.pdbx_stereochemistry_target_values       'MAXIMUM LIKELIHOOD' 
_refine.pdbx_R_Free_selection_details            RANDOM 
_refine.pdbx_stereochem_target_val_spec_case     ? 
_refine.pdbx_overall_ESU_R                       0.0760 
_refine.pdbx_overall_ESU_R_Free                  0.0770 
_refine.pdbx_solvent_vdw_probe_radii             1.2000 
_refine.pdbx_solvent_ion_probe_radii             0.8000 
_refine.pdbx_solvent_shrinkage_radii             0.8000 
_refine.pdbx_real_space_R                        ? 
_refine.pdbx_density_correlation                 ? 
_refine.pdbx_pd_number_of_powder_patterns        ? 
_refine.pdbx_pd_number_of_points                 ? 
_refine.pdbx_pd_meas_number_of_points            ? 
_refine.pdbx_pd_proc_ls_prof_R_factor            ? 
_refine.pdbx_pd_proc_ls_prof_wR_factor           ? 
_refine.pdbx_pd_Marquardt_correlation_coeff      ? 
_refine.pdbx_pd_Fsqrd_R_factor                   ? 
_refine.pdbx_pd_ls_matrix_band_width             ? 
_refine.pdbx_overall_phase_error                 ? 
_refine.pdbx_overall_SU_R_free_Cruickshank_DPI   ? 
_refine.pdbx_overall_SU_R_free_Blow_DPI          ? 
_refine.pdbx_overall_SU_R_Blow_DPI               ? 
_refine.pdbx_TLS_residual_ADP_flag               ? 
_refine.pdbx_diffrn_id                           1 
_refine.overall_SU_B                             1.4550 
_refine.overall_SU_ML                            0.0530 
_refine.overall_SU_R_Cruickshank_DPI             ? 
_refine.overall_SU_R_free                        ? 
_refine.overall_FOM_free_R_set                   ? 
_refine.overall_FOM_work_R_set                   ? 
_refine.pdbx_average_fsc_overall                 ? 
_refine.pdbx_average_fsc_work                    ? 
_refine.pdbx_average_fsc_free                    ? 
# 
_refine_hist.cycle_id                         final 
_refine_hist.pdbx_refine_id                   'X-RAY DIFFRACTION' 
_refine_hist.d_res_high                       1.5100 
_refine_hist.d_res_low                        50.0100 
_refine_hist.pdbx_number_atoms_ligand         0 
_refine_hist.number_atoms_solvent             157 
_refine_hist.number_atoms_total               1384 
_refine_hist.pdbx_number_residues_total       158 
_refine_hist.pdbx_B_iso_mean_solvent          28.79 
_refine_hist.pdbx_number_atoms_protein        1227 
_refine_hist.pdbx_number_atoms_nucleic_acid   0 
# 
loop_
_refine_ls_restr.pdbx_refine_id 
_refine_ls_restr.criterion 
_refine_ls_restr.dev_ideal 
_refine_ls_restr.dev_ideal_target 
_refine_ls_restr.number 
_refine_ls_restr.rejects 
_refine_ls_restr.type 
_refine_ls_restr.weight 
_refine_ls_restr.pdbx_restraint_function 
'X-RAY DIFFRACTION' ? 0.009  0.019  1332 ? r_bond_refined_d       ? ? 
'X-RAY DIFFRACTION' ? 0.002  0.020  1299 ? r_bond_other_d         ? ? 
'X-RAY DIFFRACTION' ? 1.442  1.998  1816 ? r_angle_refined_deg    ? ? 
'X-RAY DIFFRACTION' ? 0.948  3.000  3034 ? r_angle_other_deg      ? ? 
'X-RAY DIFFRACTION' ? 6.187  5.000  176  ? r_dihedral_angle_1_deg ? ? 
'X-RAY DIFFRACTION' ? 35.895 24.815 54   ? r_dihedral_angle_2_deg ? ? 
'X-RAY DIFFRACTION' ? 11.109 15.000 255  ? r_dihedral_angle_3_deg ? ? 
'X-RAY DIFFRACTION' ? 18.986 15.000 9    ? r_dihedral_angle_4_deg ? ? 
'X-RAY DIFFRACTION' ? 0.089  0.200  212  ? r_chiral_restr         ? ? 
'X-RAY DIFFRACTION' ? 0.006  0.021  1498 ? r_gen_planes_refined   ? ? 
'X-RAY DIFFRACTION' ? 0.002  0.020  243  ? r_gen_planes_other     ? ? 
# 
_refine_ls_shell.pdbx_refine_id                   'X-RAY DIFFRACTION' 
_refine_ls_shell.d_res_high                       1.5050 
_refine_ls_shell.d_res_low                        1.5440 
_refine_ls_shell.number_reflns_all                1660 
_refine_ls_shell.number_reflns_obs                ? 
_refine_ls_shell.number_reflns_R_free             90 
_refine_ls_shell.number_reflns_R_work             1570 
_refine_ls_shell.percent_reflns_obs               96.9100 
_refine_ls_shell.percent_reflns_R_free            ? 
_refine_ls_shell.R_factor_all                     ? 
_refine_ls_shell.R_factor_obs                     ? 
_refine_ls_shell.R_factor_R_free                  0.2870 
_refine_ls_shell.R_factor_R_free_error            0.0000 
_refine_ls_shell.R_factor_R_work                  0.2270 
_refine_ls_shell.redundancy_reflns_all            ? 
_refine_ls_shell.redundancy_reflns_obs            ? 
_refine_ls_shell.wR_factor_all                    ? 
_refine_ls_shell.wR_factor_obs                    ? 
_refine_ls_shell.wR_factor_R_free                 ? 
_refine_ls_shell.wR_factor_R_work                 ? 
_refine_ls_shell.pdbx_total_number_of_bins_used   20 
_refine_ls_shell.pdbx_phase_error                 ? 
_refine_ls_shell.pdbx_fsc_work                    ? 
_refine_ls_shell.pdbx_fsc_free                    ? 
# 
_struct.entry_id                     5VBT 
_struct.title                        'Crystal structure of a highly specific and potent USP7 ubiquitin variant inhibitor' 
_struct.pdbx_model_details           ? 
_struct.pdbx_formula_weight          ? 
_struct.pdbx_formula_weight_method   ? 
_struct.pdbx_model_type_details      ? 
_struct.pdbx_CASP_flag               N 
# 
_struct_keywords.entry_id        5VBT 
_struct_keywords.text            'Ubiquitin, inhibitor, Structural Genomics, Structural Genomics Consortium, SGC, DE NOVO PROTEIN' 
_struct_keywords.pdbx_keywords   'DE NOVO PROTEIN' 
# 
loop_
_struct_asym.id 
_struct_asym.pdbx_blank_PDB_chainid_flag 
_struct_asym.pdbx_modified 
_struct_asym.entity_id 
_struct_asym.details 
A N N 1 ? 
B N N 1 ? 
C N N 2 ? 
D N N 2 ? 
# 
loop_
_struct_conf.conf_type_id 
_struct_conf.id 
_struct_conf.pdbx_PDB_helix_id 
_struct_conf.beg_label_comp_id 
_struct_conf.beg_label_asym_id 
_struct_conf.beg_label_seq_id 
_struct_conf.pdbx_beg_PDB_ins_code 
_struct_conf.end_label_comp_id 
_struct_conf.end_label_asym_id 
_struct_conf.end_label_seq_id 
_struct_conf.pdbx_end_PDB_ins_code 
_struct_conf.beg_auth_comp_id 
_struct_conf.beg_auth_asym_id 
_struct_conf.beg_auth_seq_id 
_struct_conf.end_auth_comp_id 
_struct_conf.end_auth_asym_id 
_struct_conf.end_auth_seq_id 
_struct_conf.pdbx_PDB_helix_class 
_struct_conf.details 
_struct_conf.pdbx_PDB_helix_length 
HELX_P HELX_P1 AA1 THR A 23 ? GLY A 36 ? THR A 22 GLY A 35 1 ? 14 
HELX_P HELX_P2 AA2 PRO A 38 ? ASP A 40 ? PRO A 37 ASP A 39 5 ? 3  
HELX_P HELX_P3 AA3 LEU A 57 ? ASN A 61 ? LEU A 56 ASN A 60 5 ? 5  
HELX_P HELX_P4 AA4 THR B 23 ? GLY B 36 ? THR B 22 GLY B 35 1 ? 14 
HELX_P HELX_P5 AA5 PRO B 38 ? ASP B 40 ? PRO B 37 ASP B 39 5 ? 3  
HELX_P HELX_P6 AA6 THR B 56 ? ASN B 61 ? THR B 55 ASN B 60 5 ? 6  
HELX_P HELX_P7 AA7 LEU B 74 ? ALA B 77 ? LEU B 73 ALA B 76 5 ? 4  
# 
_struct_conf_type.id          HELX_P 
_struct_conf_type.criteria    ? 
_struct_conf_type.reference   ? 
# 
loop_
_struct_sheet.id 
_struct_sheet.type 
_struct_sheet.number_strands 
_struct_sheet.details 
AA1 ? 5 ? 
AA2 ? 5 ? 
# 
loop_
_struct_sheet_order.sheet_id 
_struct_sheet_order.range_id_1 
_struct_sheet_order.range_id_2 
_struct_sheet_order.offset 
_struct_sheet_order.sense 
AA1 1 2 ? anti-parallel 
AA1 2 3 ? parallel      
AA1 3 4 ? anti-parallel 
AA1 4 5 ? anti-parallel 
AA2 1 2 ? anti-parallel 
AA2 2 3 ? parallel      
AA2 3 4 ? anti-parallel 
AA2 4 5 ? anti-parallel 
# 
loop_
_struct_sheet_range.sheet_id 
_struct_sheet_range.id 
_struct_sheet_range.beg_label_comp_id 
_struct_sheet_range.beg_label_asym_id 
_struct_sheet_range.beg_label_seq_id 
_struct_sheet_range.pdbx_beg_PDB_ins_code 
_struct_sheet_range.end_label_comp_id 
_struct_sheet_range.end_label_asym_id 
_struct_sheet_range.end_label_seq_id 
_struct_sheet_range.pdbx_end_PDB_ins_code 
_struct_sheet_range.beg_auth_comp_id 
_struct_sheet_range.beg_auth_asym_id 
_struct_sheet_range.beg_auth_seq_id 
_struct_sheet_range.end_auth_comp_id 
_struct_sheet_range.end_auth_asym_id 
_struct_sheet_range.end_auth_seq_id 
AA1 1 ILE A 14 ? VAL A 18 ? ILE A 13 VAL A 17 
AA1 2 MET A 2  ? LYS A 7  ? MET A 1  LYS A 6  
AA1 3 THR A 67 ? ILE A 72 ? THR A 66 ILE A 71 
AA1 4 GLN A 42 ? PHE A 46 ? GLN A 41 PHE A 45 
AA1 5 LYS A 49 ? LYS A 50 ? LYS A 48 LYS A 49 
AA2 1 ASN B 13 ? VAL B 18 ? ASN B 12 VAL B 17 
AA2 2 MET B 2  ? THR B 8  ? MET B 1  THR B 7  
AA2 3 THR B 67 ? ILE B 72 ? THR B 66 ILE B 71 
AA2 4 GLN B 42 ? PHE B 46 ? GLN B 41 PHE B 45 
AA2 5 LYS B 49 ? LYS B 50 ? LYS B 48 LYS B 49 
# 
loop_
_pdbx_struct_sheet_hbond.sheet_id 
_pdbx_struct_sheet_hbond.range_id_1 
_pdbx_struct_sheet_hbond.range_id_2 
_pdbx_struct_sheet_hbond.range_1_label_atom_id 
_pdbx_struct_sheet_hbond.range_1_label_comp_id 
_pdbx_struct_sheet_hbond.range_1_label_asym_id 
_pdbx_struct_sheet_hbond.range_1_label_seq_id 
_pdbx_struct_sheet_hbond.range_1_PDB_ins_code 
_pdbx_struct_sheet_hbond.range_1_auth_atom_id 
_pdbx_struct_sheet_hbond.range_1_auth_comp_id 
_pdbx_struct_sheet_hbond.range_1_auth_asym_id 
_pdbx_struct_sheet_hbond.range_1_auth_seq_id 
_pdbx_struct_sheet_hbond.range_2_label_atom_id 
_pdbx_struct_sheet_hbond.range_2_label_comp_id 
_pdbx_struct_sheet_hbond.range_2_label_asym_id 
_pdbx_struct_sheet_hbond.range_2_label_seq_id 
_pdbx_struct_sheet_hbond.range_2_PDB_ins_code 
_pdbx_struct_sheet_hbond.range_2_auth_atom_id 
_pdbx_struct_sheet_hbond.range_2_auth_comp_id 
_pdbx_struct_sheet_hbond.range_2_auth_asym_id 
_pdbx_struct_sheet_hbond.range_2_auth_seq_id 
AA1 1 2 O VAL A 18 ? O VAL A 17 N MET A 2  ? N MET A 1  
AA1 2 3 N PHE A 5  ? N PHE A 4  O LEU A 68 ? O LEU A 67 
AA1 3 4 O VAL A 71 ? O VAL A 70 N ARG A 43 ? N ARG A 42 
AA1 4 5 N PHE A 46 ? N PHE A 45 O LYS A 49 ? O LYS A 48 
AA2 1 2 O ILE B 14 ? O ILE B 13 N VAL B 6  ? N VAL B 5  
AA2 2 3 N LYS B 7  ? N LYS B 6  O LEU B 68 ? O LEU B 67 
AA2 3 4 O HIS B 69 ? O HIS B 68 N ILE B 45 ? N ILE B 44 
AA2 4 5 N PHE B 46 ? N PHE B 45 O LYS B 49 ? O LYS B 48 
# 
_atom_sites.entry_id                    5VBT 
_atom_sites.fract_transf_matrix[1][1]   -0.01149247 
_atom_sites.fract_transf_matrix[1][2]   -0.00395164 
_atom_sites.fract_transf_matrix[1][3]   0.01823039 
_atom_sites.fract_transf_matrix[2][1]   0.00889652 
_atom_sites.fract_transf_matrix[2][2]   0.02884869 
_atom_sites.fract_transf_matrix[2][3]   0.01186166 
_atom_sites.fract_transf_matrix[3][1]   -0.01709960 
_atom_sites.fract_transf_matrix[3][2]   0.00777844 
_atom_sites.fract_transf_matrix[3][3]   -0.00609281 
_atom_sites.fract_transf_vector[1]      0.231382 
_atom_sites.fract_transf_vector[2]      0.145392 
_atom_sites.fract_transf_vector[3]      0.126193 
# 
loop_
_atom_type.symbol 
C 
N 
O 
S 
# 
loop_
_atom_site.group_PDB 
_atom_site.id 
_atom_site.type_symbol 
_atom_site.label_atom_id 
_atom_site.label_alt_id 
_atom_site.label_comp_id 
_atom_site.label_asym_id 
_atom_site.label_entity_id 
_atom_site.label_seq_id 
_atom_site.pdbx_PDB_ins_code 
_atom_site.Cartn_x 
_atom_site.Cartn_y 
_atom_site.Cartn_z 
_atom_site.occupancy 
_atom_site.B_iso_or_equiv 
_atom_site.pdbx_formal_charge 
_atom_site.auth_seq_id 
_atom_site.auth_comp_id 
_atom_site.auth_asym_id 
_atom_site.auth_atom_id 
_atom_site.pdbx_PDB_model_num 
ATOM   1    N N   . GLY A 1 1  ? -12.939 -15.499 -0.438  1.00 29.98 ? 0   GLY A N   1 
ATOM   2    C CA  . GLY A 1 1  ? -13.468 -14.228 -1.018  1.00 27.57 ? 0   GLY A CA  1 
ATOM   3    C C   . GLY A 1 1  ? -14.703 -13.736 -0.296  1.00 25.48 ? 0   GLY A C   1 
ATOM   4    O O   . GLY A 1 1  ? -15.316 -14.482 0.472   1.00 25.26 ? 0   GLY A O   1 
ATOM   5    N N   . MET A 1 2  ? -15.037 -12.461 -0.512  1.00 22.09 ? 1   MET A N   1 
ATOM   6    C CA  . MET A 1 2  ? -16.250 -11.875 0.026   1.00 20.06 ? 1   MET A CA  1 
ATOM   7    C C   . MET A 1 2  ? -16.814 -10.795 -0.891  1.00 18.14 ? 1   MET A C   1 
ATOM   8    O O   . MET A 1 2  ? -16.069 -10.115 -1.603  1.00 17.16 ? 1   MET A O   1 
ATOM   9    C CB  . MET A 1 2  ? -16.019 -11.299 1.415   1.00 20.98 ? 1   MET A CB  1 
ATOM   10   C CG  . MET A 1 2  ? -15.279 -9.979  1.427   1.00 20.35 ? 1   MET A CG  1 
ATOM   11   S SD  . MET A 1 2  ? -14.731 -9.521  3.065   1.00 20.69 ? 1   MET A SD  1 
ATOM   12   C CE  . MET A 1 2  ? -13.938 -7.968  2.722   1.00 21.28 ? 1   MET A CE  1 
ATOM   13   N N   . PRO A 1 3  ? -18.131 -10.603 -0.850  1.00 16.61 ? 2   PRO A N   1 
ATOM   14   C CA  . PRO A 1 3  ? -18.767 -9.554  -1.629  1.00 15.81 ? 2   PRO A CA  1 
ATOM   15   C C   . PRO A 1 3  ? -18.708 -8.218  -0.913  1.00 15.22 ? 2   PRO A C   1 
ATOM   16   O O   . PRO A 1 3  ? -18.918 -8.166  0.303   1.00 14.70 ? 2   PRO A O   1 
ATOM   17   C CB  . PRO A 1 3  ? -20.195 -10.043 -1.753  1.00 16.92 ? 2   PRO A CB  1 
ATOM   18   C CG  . PRO A 1 3  ? -20.421 -10.816 -0.505  1.00 17.23 ? 2   PRO A CG  1 
ATOM   19   C CD  . PRO A 1 3  ? -19.119 -11.413 -0.124  1.00 17.43 ? 2   PRO A CD  1 
ATOM   20   N N   . ILE A 1 4  ? -18.408 -7.157  -1.658  1.00 13.69 ? 3   ILE A N   1 
ATOM   21   C CA  . ILE A 1 4  ? -18.644 -5.792  -1.198  1.00 13.33 ? 3   ILE A CA  1 
ATOM   22   C C   . ILE A 1 4  ? -19.372 -5.040  -2.291  1.00 13.29 ? 3   ILE A C   1 
ATOM   23   O O   . ILE A 1 4  ? -19.431 -5.489  -3.439  1.00 13.33 ? 3   ILE A O   1 
ATOM   24   C CB  . ILE A 1 4  ? -17.355 -5.060  -0.776  1.00 13.32 ? 3   ILE A CB  1 
ATOM   25   C CG1 . ILE A 1 4  ? -16.412 -4.843  -1.970  1.00 13.48 ? 3   ILE A CG1 1 
ATOM   26   C CG2 . ILE A 1 4  ? -16.666 -5.827  0.341   1.00 12.86 ? 3   ILE A CG2 1 
ATOM   27   C CD1 . ILE A 1 4  ? -15.248 -3.892  -1.670  1.00 14.58 ? 3   ILE A CD1 1 
ATOM   28   N N   . PHE A 1 5  ? -19.944 -3.895  -1.928  1.00 12.60 ? 4   PHE A N   1 
ATOM   29   C CA  . PHE A 1 5  ? -20.694 -3.070  -2.860  1.00 13.01 ? 4   PHE A CA  1 
ATOM   30   C C   . PHE A 1 5  ? -20.074 -1.699  -2.968  1.00 13.58 ? 4   PHE A C   1 
ATOM   31   O O   . PHE A 1 5  ? -19.462 -1.221  -2.007  1.00 13.26 ? 4   PHE A O   1 
ATOM   32   C CB  . PHE A 1 5  ? -22.156 -2.959  -2.457  1.00 12.73 ? 4   PHE A CB  1 
ATOM   33   C CG  . PHE A 1 5  ? -22.747 -4.273  -2.040  1.00 13.13 ? 4   PHE A CG  1 
ATOM   34   C CD1 . PHE A 1 5  ? -23.035 -5.243  -2.989  1.00 14.31 ? 4   PHE A CD1 1 
ATOM   35   C CD2 . PHE A 1 5  ? -22.957 -4.559  -0.705  1.00 13.31 ? 4   PHE A CD2 1 
ATOM   36   C CE1 . PHE A 1 5  ? -23.544 -6.484  -2.608  1.00 14.45 ? 4   PHE A CE1 1 
ATOM   37   C CE2 . PHE A 1 5  ? -23.466 -5.790  -0.309  1.00 14.08 ? 4   PHE A CE2 1 
ATOM   38   C CZ  . PHE A 1 5  ? -23.767 -6.752  -1.276  1.00 14.54 ? 4   PHE A CZ  1 
ATOM   39   N N   . VAL A 1 6  ? -20.199 -1.112  -4.156  1.00 13.44 ? 5   VAL A N   1 
ATOM   40   C CA  . VAL A 1 6  ? -19.804 0.270   -4.384  1.00 13.97 ? 5   VAL A CA  1 
ATOM   41   C C   . VAL A 1 6  ? -21.020 1.021   -4.868  1.00 14.08 ? 5   VAL A C   1 
ATOM   42   O O   . VAL A 1 6  ? -21.576 0.681   -5.908  1.00 14.94 ? 5   VAL A O   1 
ATOM   43   C CB  . VAL A 1 6  ? -18.628 0.377   -5.387  1.00 14.35 ? 5   VAL A CB  1 
ATOM   44   C CG1 . VAL A 1 6  ? -18.215 1.833   -5.588  1.00 15.57 ? 5   VAL A CG1 1 
ATOM   45   C CG2 . VAL A 1 6  ? -17.458 -0.476  -4.896  1.00 14.74 ? 5   VAL A CG2 1 
ATOM   46   N N   . LYS A 1 7  ? -21.442 2.015   -4.093  1.00 14.13 ? 6   LYS A N   1 
ATOM   47   C CA  . LYS A 1 7  ? -22.651 2.789   -4.364  1.00 14.95 ? 6   LYS A CA  1 
ATOM   48   C C   . LYS A 1 7  ? -22.275 4.147   -4.909  1.00 14.04 ? 6   LYS A C   1 
ATOM   49   O O   . LYS A 1 7  ? -21.343 4.768   -4.387  1.00 13.58 ? 6   LYS A O   1 
ATOM   50   C CB  . LYS A 1 7  ? -23.446 2.970   -3.078  1.00 17.42 ? 6   LYS A CB  1 
ATOM   51   C CG  . LYS A 1 7  ? -24.737 3.769   -3.196  1.00 20.21 ? 6   LYS A CG  1 
ATOM   52   C CD  . LYS A 1 7  ? -25.517 3.787   -1.872  1.00 21.64 ? 6   LYS A CD  1 
ATOM   53   C CE  . LYS A 1 7  ? -25.948 2.386   -1.456  1.00 23.65 ? 6   LYS A CE  1 
ATOM   54   N NZ  . LYS A 1 7  ? -27.007 2.377   -0.421  1.00 25.62 ? 6   LYS A NZ  1 
ATOM   55   N N   . THR A 1 8  ? -23.013 4.614   -5.916  1.00 13.39 ? 7   THR A N   1 
ATOM   56   C CA  . THR A 1 8  ? -22.830 5.958   -6.482  1.00 14.81 ? 7   THR A CA  1 
ATOM   57   C C   . THR A 1 8  ? -24.089 6.792   -6.327  1.00 15.43 ? 7   THR A C   1 
ATOM   58   O O   . THR A 1 8  ? -25.182 6.269   -6.039  1.00 14.95 ? 7   THR A O   1 
ATOM   59   C CB  . THR A 1 8  ? -22.436 5.931   -7.979  1.00 15.95 ? 7   THR A CB  1 
ATOM   60   O OG1 . THR A 1 8  ? -23.586 5.630   -8.764  1.00 17.29 ? 7   THR A OG1 1 
ATOM   61   C CG2 . THR A 1 8  ? -21.376 4.918   -8.244  1.00 16.39 ? 7   THR A CG2 1 
ATOM   62   N N   . LEU A 1 9  ? -23.950 8.095   -6.549  1.00 15.57 ? 8   LEU A N   1 
ATOM   63   C CA  . LEU A 1 9  ? -25.092 8.972   -6.352  1.00 17.31 ? 8   LEU A CA  1 
ATOM   64   C C   . LEU A 1 9  ? -26.210 8.755   -7.356  1.00 18.03 ? 8   LEU A C   1 
ATOM   65   O O   . LEU A 1 9  ? -27.336 9.149   -7.078  1.00 20.43 ? 8   LEU A O   1 
ATOM   66   C CB  . LEU A 1 9  ? -24.709 10.443  -6.294  1.00 19.47 ? 8   LEU A CB  1 
ATOM   67   C CG  . LEU A 1 9  ? -24.197 11.181  -7.518  1.00 19.58 ? 8   LEU A CG  1 
ATOM   68   C CD1 . LEU A 1 9  ? -25.289 11.625  -8.495  1.00 20.13 ? 8   LEU A CD1 1 
ATOM   69   C CD2 . LEU A 1 9  ? -23.459 12.415  -7.006  1.00 19.93 ? 8   LEU A CD2 1 
ATOM   70   N N   . THR A 1 10 ? -25.921 8.095   -8.478  1.00 19.04 ? 9   THR A N   1 
ATOM   71   C CA  . THR A 1 10 ? -26.970 7.760   -9.456  1.00 20.20 ? 9   THR A CA  1 
ATOM   72   C C   . THR A 1 10 ? -27.831 6.553   -9.073  1.00 22.35 ? 9   THR A C   1 
ATOM   73   O O   . THR A 1 10 ? -28.835 6.307   -9.729  1.00 23.73 ? 9   THR A O   1 
ATOM   74   C CB  . THR A 1 10 ? -26.363 7.483   -10.834 1.00 20.34 ? 9   THR A CB  1 
ATOM   75   O OG1 . THR A 1 10 ? -25.664 6.236   -10.814 1.00 19.26 ? 9   THR A OG1 1 
ATOM   76   C CG2 . THR A 1 10 ? -25.410 8.625   -11.265 1.00 21.01 ? 9   THR A CG2 1 
ATOM   77   N N   . GLY A 1 11 ? -27.408 5.777   -8.075  1.00 22.28 ? 10  GLY A N   1 
ATOM   78   C CA  . GLY A 1 11 ? -28.056 4.510   -7.735  1.00 23.48 ? 10  GLY A CA  1 
ATOM   79   C C   . GLY A 1 11 ? -27.610 3.334   -8.579  1.00 23.32 ? 10  GLY A C   1 
ATOM   80   O O   . GLY A 1 11 ? -28.085 2.211   -8.364  1.00 24.09 ? 10  GLY A O   1 
ATOM   81   N N   . LYS A 1 12 ? -26.698 3.563   -9.525  1.00 21.29 ? 11  LYS A N   1 
ATOM   82   C CA  . LYS A 1 12 ? -26.148 2.476   -10.338 1.00 22.53 ? 11  LYS A CA  1 
ATOM   83   C C   . LYS A 1 12 ? -24.926 1.960   -9.607  1.00 22.68 ? 11  LYS A C   1 
ATOM   84   O O   . LYS A 1 12 ? -23.859 2.572   -9.650  1.00 26.59 ? 11  LYS A O   1 
ATOM   85   C CB  . LYS A 1 12 ? -25.782 2.934   -11.749 1.00 23.46 ? 11  LYS A CB  1 
ATOM   86   N N   . ASN A 1 13 ? -25.106 0.839   -8.931  1.00 19.03 ? 12  ASN A N   1 
ATOM   87   C CA  . ASN A 1 13 ? -24.119 0.340   -7.977  1.00 18.24 ? 12  ASN A CA  1 
ATOM   88   C C   . ASN A 1 13 ? -23.413 -0.881  -8.530  1.00 18.12 ? 12  ASN A C   1 
ATOM   89   O O   . ASN A 1 13 ? -23.894 -1.519  -9.470  1.00 17.96 ? 12  ASN A O   1 
ATOM   90   C CB  . ASN A 1 13 ? -24.818 -0.002  -6.675  1.00 18.15 ? 12  ASN A CB  1 
ATOM   91   C CG  . ASN A 1 13 ? -25.544 1.194   -6.048  1.00 18.80 ? 12  ASN A CG  1 
ATOM   92   O OD1 . ASN A 1 13 ? -25.219 2.359   -6.293  1.00 18.73 ? 12  ASN A OD1 1 
ATOM   93   N ND2 . ASN A 1 13 ? -26.521 0.892   -5.219  1.00 19.56 ? 12  ASN A ND2 1 
ATOM   94   N N   . ILE A 1 14 ? -22.286 -1.208  -7.913  1.00 18.38 ? 13  ILE A N   1 
ATOM   95   C CA  . ILE A 1 14 ? -21.388 -2.277  -8.340  1.00 20.20 ? 13  ILE A CA  1 
ATOM   96   C C   . ILE A 1 14 ? -21.275 -3.302  -7.208  1.00 17.66 ? 13  ILE A C   1 
ATOM   97   O O   . ILE A 1 14 ? -21.128 -2.920  -6.048  1.00 16.54 ? 13  ILE A O   1 
ATOM   98   C CB  . ILE A 1 14 ? -19.946 -1.729  -8.574  1.00 22.09 ? 13  ILE A CB  1 
ATOM   99   C CG1 . ILE A 1 14 ? -19.947 -0.457  -9.442  1.00 25.23 ? 13  ILE A CG1 1 
ATOM   100  C CG2 . ILE A 1 14 ? -19.051 -2.800  -9.195  1.00 24.61 ? 13  ILE A CG2 1 
ATOM   101  C CD1 . ILE A 1 14 ? -18.572 0.132   -9.694  1.00 26.89 ? 13  ILE A CD1 1 
ATOM   102  N N   . THR A 1 15 ? -21.299 -4.589  -7.544  1.00 17.60 ? 14  THR A N   1 
ATOM   103  C CA  . THR A 1 15 ? -20.876 -5.647  -6.635  1.00 17.28 ? 14  THR A CA  1 
ATOM   104  C C   . THR A 1 15 ? -19.501 -6.171  -7.054  1.00 16.91 ? 14  THR A C   1 
ATOM   105  O O   . THR A 1 15 ? -19.293 -6.494  -8.223  1.00 17.56 ? 14  THR A O   1 
ATOM   106  C CB  . THR A 1 15 ? -21.866 -6.842  -6.619  1.00 18.85 ? 14  THR A CB  1 
ATOM   107  O OG1 . THR A 1 15 ? -23.163 -6.351  -6.249  1.00 21.43 ? 14  THR A OG1 1 
ATOM   108  C CG2 . THR A 1 15 ? -21.424 -7.919  -5.634  1.00 19.95 ? 14  THR A CG2 1 
ATOM   109  N N   . LEU A 1 16 ? -18.584 -6.249  -6.093  1.00 15.05 ? 15  LEU A N   1 
ATOM   110  C CA  . LEU A 1 16 ? -17.242 -6.792  -6.307  1.00 15.53 ? 15  LEU A CA  1 
ATOM   111  C C   . LEU A 1 16 ? -17.024 -8.018  -5.458  1.00 16.67 ? 15  LEU A C   1 
ATOM   112  O O   . LEU A 1 16 ? -17.599 -8.141  -4.378  1.00 18.03 ? 15  LEU A O   1 
ATOM   113  C CB  . LEU A 1 16 ? -16.180 -5.744  -5.950  1.00 15.49 ? 15  LEU A CB  1 
ATOM   114  C CG  . LEU A 1 16 ? -16.227 -4.399  -6.687  1.00 15.46 ? 15  LEU A CG  1 
ATOM   115  C CD1 . LEU A 1 16 ? -15.106 -3.474  -6.200  1.00 16.49 ? 15  LEU A CD1 1 
ATOM   116  C CD2 . LEU A 1 16 ? -16.112 -4.610  -8.195  1.00 15.97 ? 15  LEU A CD2 1 
ATOM   117  N N   . GLU A 1 17 ? -16.193 -8.937  -5.935  1.00 16.45 ? 16  GLU A N   1 
ATOM   118  C CA  . GLU A 1 17 ? -15.743 -10.055 -5.139  1.00 17.98 ? 16  GLU A CA  1 
ATOM   119  C C   . GLU A 1 17 ? -14.296 -9.805  -4.797  1.00 17.11 ? 16  GLU A C   1 
ATOM   120  O O   . GLU A 1 17 ? -13.446 -9.747  -5.698  1.00 17.55 ? 16  GLU A O   1 
ATOM   121  C CB  . GLU A 1 17 ? -15.915 -11.379 -5.901  1.00 19.98 ? 16  GLU A CB  1 
ATOM   122  C CG  . GLU A 1 17 ? -15.434 -12.608 -5.137  1.00 23.96 ? 16  GLU A CG  1 
ATOM   123  C CD  . GLU A 1 17 ? -16.369 -13.115 -4.038  1.00 28.84 ? 16  GLU A CD  1 
ATOM   124  O OE1 . GLU A 1 17 ? -17.519 -12.630 -3.875  1.00 30.31 ? 16  GLU A OE1 1 
ATOM   125  O OE2 . GLU A 1 17 ? -15.928 -14.047 -3.326  1.00 35.73 ? 16  GLU A OE2 1 
ATOM   126  N N   . VAL A 1 18 ? -14.006 -9.679  -3.509  1.00 16.14 ? 17  VAL A N   1 
ATOM   127  C CA  . VAL A 1 18 ? -12.703 -9.229  -3.042  1.00 16.56 ? 17  VAL A CA  1 
ATOM   128  C C   . VAL A 1 18 ? -12.183 -10.108 -1.921  1.00 17.06 ? 17  VAL A C   1 
ATOM   129  O O   . VAL A 1 18 ? -12.897 -10.972 -1.396  1.00 18.01 ? 17  VAL A O   1 
ATOM   130  C CB  . VAL A 1 18 ? -12.748 -7.764  -2.516  1.00 16.12 ? 17  VAL A CB  1 
ATOM   131  C CG1 . VAL A 1 18 ? -13.245 -6.828  -3.602  1.00 16.05 ? 17  VAL A CG1 1 
ATOM   132  C CG2 . VAL A 1 18 ? -13.598 -7.624  -1.245  1.00 15.97 ? 17  VAL A CG2 1 
ATOM   133  N N   . GLU A 1 19 ? -10.941 -9.862  -1.527  1.00 18.06 ? 18  GLU A N   1 
ATOM   134  C CA  . GLU A 1 19 ? -10.357 -10.453 -0.333  1.00 19.22 ? 18  GLU A CA  1 
ATOM   135  C C   . GLU A 1 19 ? -10.047 -9.328  0.656   1.00 18.06 ? 18  GLU A C   1 
ATOM   136  O O   . GLU A 1 19 ? -9.703  -8.222  0.248   1.00 16.09 ? 18  GLU A O   1 
ATOM   137  C CB  . GLU A 1 19 ? -9.052  -11.176 -0.664  1.00 21.81 ? 18  GLU A CB  1 
ATOM   138  C CG  . GLU A 1 19 ? -9.203  -12.392 -1.565  1.00 25.11 ? 18  GLU A CG  1 
ATOM   139  C CD  . GLU A 1 19 ? -9.899  -13.561 -0.895  1.00 29.24 ? 18  GLU A CD  1 
ATOM   140  O OE1 . GLU A 1 19 ? -10.077 -13.573 0.350   1.00 33.30 ? 18  GLU A OE1 1 
ATOM   141  O OE2 . GLU A 1 19 ? -10.266 -14.499 -1.630  1.00 36.22 ? 18  GLU A OE2 1 
ATOM   142  N N   . PRO A 1 20 ? -10.126 -9.594  1.968   1.00 18.01 ? 19  PRO A N   1 
ATOM   143  C CA  . PRO A 1 20 ? -9.757  -8.557  2.936   1.00 18.30 ? 19  PRO A CA  1 
ATOM   144  C C   . PRO A 1 20 ? -8.346  -8.006  2.754   1.00 17.65 ? 19  PRO A C   1 
ATOM   145  O O   . PRO A 1 20 ? -8.082  -6.838  3.086   1.00 17.31 ? 19  PRO A O   1 
ATOM   146  C CB  . PRO A 1 20 ? -9.867  -9.279  4.282   1.00 18.87 ? 19  PRO A CB  1 
ATOM   147  C CG  . PRO A 1 20 ? -10.881 -10.333 4.042   1.00 19.73 ? 19  PRO A CG  1 
ATOM   148  C CD  . PRO A 1 20 ? -10.693 -10.780 2.627   1.00 19.18 ? 19  PRO A CD  1 
ATOM   149  N N   . SER A 1 21 ? -7.456  -8.849  2.237   1.00 16.79 ? 20  SER A N   1 
ATOM   150  C CA  . SER A 1 21 ? -6.067  -8.467  1.972   1.00 17.22 ? 20  SER A CA  1 
ATOM   151  C C   . SER A 1 21 ? -5.870  -7.646  0.679   1.00 16.98 ? 20  SER A C   1 
ATOM   152  O O   . SER A 1 21 ? -4.762  -7.188  0.415   1.00 16.86 ? 20  SER A O   1 
ATOM   153  C CB  . SER A 1 21 ? -5.191  -9.731  1.937   1.00 18.39 ? 20  SER A CB  1 
ATOM   154  O OG  . SER A 1 21 ? -5.683  -10.645 0.982   1.00 20.77 ? 20  SER A OG  1 
ATOM   155  N N   . ASP A 1 22 ? -6.915  -7.477  -0.133  1.00 15.30 ? 21  ASP A N   1 
ATOM   156  C CA  . ASP A 1 22 ? -6.815  -6.654  -1.335  1.00 15.38 ? 21  ASP A CA  1 
ATOM   157  C C   . ASP A 1 22 ? -6.564  -5.194  -0.972  1.00 14.39 ? 21  ASP A C   1 
ATOM   158  O O   . ASP A 1 22 ? -7.043  -4.702  0.052   1.00 14.24 ? 21  ASP A O   1 
ATOM   159  C CB  . ASP A 1 22 ? -8.062  -6.749  -2.215  1.00 15.63 ? 21  ASP A CB  1 
ATOM   160  C CG  . ASP A 1 22 ? -8.233  -8.116  -2.867  1.00 17.45 ? 21  ASP A CG  1 
ATOM   161  O OD1 . ASP A 1 22 ? -7.280  -8.940  -2.909  1.00 19.59 ? 21  ASP A OD1 1 
ATOM   162  O OD2 . ASP A 1 22 ? -9.340  -8.364  -3.376  1.00 18.86 ? 21  ASP A OD2 1 
ATOM   163  N N   . THR A 1 23 ? -5.763  -4.530  -1.795  1.00 13.75 ? 22  THR A N   1 
ATOM   164  C CA  . THR A 1 23 ? -5.461  -3.125  -1.595  1.00 14.44 ? 22  THR A CA  1 
ATOM   165  C C   . THR A 1 23 ? -6.533  -2.246  -2.220  1.00 13.46 ? 22  THR A C   1 
ATOM   166  O O   . THR A 1 23 ? -7.303  -2.658  -3.085  1.00 13.60 ? 22  THR A O   1 
ATOM   167  C CB  . THR A 1 23 ? -4.099  -2.724  -2.219  1.00 15.04 ? 22  THR A CB  1 
ATOM   168  O OG1 . THR A 1 23 ? -4.123  -2.987  -3.623  1.00 17.24 ? 22  THR A OG1 1 
ATOM   169  C CG2 . THR A 1 23 ? -2.952  -3.486  -1.557  1.00 16.55 ? 22  THR A CG2 1 
ATOM   170  N N   . ILE A 1 24 ? -6.530  -0.984  -1.823  1.00 13.05 ? 23  ILE A N   1 
ATOM   171  C CA  . ILE A 1 24 ? -7.389  0.000   -2.455  1.00 13.27 ? 23  ILE A CA  1 
ATOM   172  C C   . ILE A 1 24 ? -7.053  0.138   -3.946  1.00 13.29 ? 23  ILE A C   1 
ATOM   173  O O   . ILE A 1 24 ? -7.965  0.286   -4.775  1.00 13.19 ? 23  ILE A O   1 
ATOM   174  C CB  . ILE A 1 24 ? -7.313  1.342   -1.706  1.00 13.71 ? 23  ILE A CB  1 
ATOM   175  C CG1 . ILE A 1 24 ? -7.762  1.154   -0.233  1.00 14.18 ? 23  ILE A CG1 1 
ATOM   176  C CG2 . ILE A 1 24 ? -8.115  2.414   -2.420  1.00 15.00 ? 23  ILE A CG2 1 
ATOM   177  C CD1 . ILE A 1 24 ? -9.104  0.462   -0.016  1.00 14.61 ? 23  ILE A CD1 1 
ATOM   178  N N   . GLU A 1 25 ? -5.778  0.045   -4.307  1.00 13.41 ? 24  GLU A N   1 
ATOM   179  C CA  . GLU A 1 25 ? -5.409  0.027   -5.738  1.00 13.76 ? 24  GLU A CA  1 
ATOM   180  C C   . GLU A 1 25 ? -6.139  -1.061  -6.516  1.00 13.40 ? 24  GLU A C   1 
ATOM   181  O O   . GLU A 1 25 ? -6.558  -0.823  -7.650  1.00 13.98 ? 24  GLU A O   1 
ATOM   182  C CB  . GLU A 1 25 ? -3.892  -0.133  -5.957  1.00 15.14 ? 24  GLU A CB  1 
ATOM   183  C CG  . GLU A 1 25 ? -3.042  1.020   -5.493  1.00 15.58 ? 24  GLU A CG  1 
ATOM   184  C CD  . GLU A 1 25 ? -2.484  0.828   -4.098  1.00 15.08 ? 24  GLU A CD  1 
ATOM   185  O OE1 . GLU A 1 25 ? -1.309  1.192   -3.929  1.00 14.26 ? 24  GLU A OE1 1 
ATOM   186  O OE2 . GLU A 1 25 ? -3.239  0.394   -3.172  1.00 14.86 ? 24  GLU A OE2 1 
ATOM   187  N N   A ASN A 1 26 ? -6.273  -2.238  -5.917  0.50 13.50 ? 25  ASN A N   1 
ATOM   188  N N   B ASN A 1 26 ? -6.261  -2.245  -5.915  0.50 13.68 ? 25  ASN A N   1 
ATOM   189  C CA  A ASN A 1 26 ? -6.955  -3.362  -6.548  0.50 13.67 ? 25  ASN A CA  1 
ATOM   190  C CA  B ASN A 1 26 ? -6.946  -3.378  -6.543  0.50 13.96 ? 25  ASN A CA  1 
ATOM   191  C C   A ASN A 1 26 ? -8.419  -3.005  -6.789  0.50 13.24 ? 25  ASN A C   1 
ATOM   192  C C   B ASN A 1 26 ? -8.413  -3.009  -6.786  0.50 13.41 ? 25  ASN A C   1 
ATOM   193  O O   A ASN A 1 26 ? -8.948  -3.114  -7.916  0.50 13.18 ? 25  ASN A O   1 
ATOM   194  O O   B ASN A 1 26 ? -8.942  -3.124  -7.913  0.50 13.41 ? 25  ASN A O   1 
ATOM   195  C CB  A ASN A 1 26 ? -6.823  -4.595  -5.654  0.50 14.05 ? 25  ASN A CB  1 
ATOM   196  C CB  B ASN A 1 26 ? -6.845  -4.645  -5.671  0.50 14.54 ? 25  ASN A CB  1 
ATOM   197  C CG  A ASN A 1 26 ? -7.547  -5.801  -6.199  0.50 14.32 ? 25  ASN A CG  1 
ATOM   198  C CG  B ASN A 1 26 ? -5.414  -5.173  -5.529  0.50 15.14 ? 25  ASN A CG  1 
ATOM   199  O OD1 A ASN A 1 26 ? -8.539  -5.674  -6.912  0.50 15.46 ? 25  ASN A OD1 1 
ATOM   200  O OD1 B ASN A 1 26 ? -4.893  -5.337  -4.417  0.50 16.82 ? 25  ASN A OD1 1 
ATOM   201  N ND2 A ASN A 1 26 ? -7.067  -6.996  -5.835  0.50 15.11 ? 25  ASN A ND2 1 
ATOM   202  N ND2 B ASN A 1 26 ? -4.798  -5.499  -6.651  0.50 15.28 ? 25  ASN A ND2 1 
ATOM   203  N N   . VAL A 1 27 ? -9.058  -2.508  -5.734  1.00 12.93 ? 26  VAL A N   1 
ATOM   204  C CA  . VAL A 1 27 ? -10.463 -2.137  -5.823  1.00 13.08 ? 26  VAL A CA  1 
ATOM   205  C C   . VAL A 1 27 ? -10.679 -1.024  -6.838  1.00 12.61 ? 26  VAL A C   1 
ATOM   206  O O   . VAL A 1 27 ? -11.595 -1.103  -7.654  1.00 12.61 ? 26  VAL A O   1 
ATOM   207  C CB  . VAL A 1 27 ? -11.044 -1.777  -4.457  1.00 13.85 ? 26  VAL A CB  1 
ATOM   208  C CG1 . VAL A 1 27 ? -12.453 -1.210  -4.576  1.00 13.89 ? 26  VAL A CG1 1 
ATOM   209  C CG2 . VAL A 1 27 ? -11.038 -3.008  -3.561  1.00 14.74 ? 26  VAL A CG2 1 
ATOM   210  N N   . LYS A 1 28 ? -9.836  0.006   -6.814  1.00 12.31 ? 27  LYS A N   1 
ATOM   211  C CA  . LYS A 1 28 ? -9.999  1.080   -7.775  1.00 12.41 ? 27  LYS A CA  1 
ATOM   212  C C   . LYS A 1 28 ? -9.779  0.620   -9.202  1.00 12.09 ? 27  LYS A C   1 
ATOM   213  O O   . LYS A 1 28 ? -10.420 1.142   -10.116 1.00 11.68 ? 27  LYS A O   1 
ATOM   214  C CB  . LYS A 1 28 ? -9.091  2.256   -7.465  1.00 12.80 ? 27  LYS A CB  1 
ATOM   215  C CG  . LYS A 1 28 ? -9.501  2.997   -6.214  1.00 13.63 ? 27  LYS A CG  1 
ATOM   216  C CD  . LYS A 1 28 ? -8.820  4.330   -6.090  1.00 14.18 ? 27  LYS A CD  1 
ATOM   217  C CE  . LYS A 1 28 ? -9.456  5.181   -5.011  1.00 15.09 ? 27  LYS A CE  1 
ATOM   218  N NZ  . LYS A 1 28 ? -8.829  6.525   -5.020  1.00 15.45 ? 27  LYS A NZ  1 
ATOM   219  N N   . ALA A 1 29 ? -8.871  -0.340  -9.405  1.00 12.03 ? 28  ALA A N   1 
ATOM   220  C CA  . ALA A 1 29 ? -8.677  -0.893  -10.741 1.00 12.05 ? 28  ALA A CA  1 
ATOM   221  C C   . ALA A 1 29 ? -9.944  -1.604  -11.225 1.00 12.37 ? 28  ALA A C   1 
ATOM   222  O O   . ALA A 1 29 ? -10.317 -1.500  -12.403 1.00 13.07 ? 28  ALA A O   1 
ATOM   223  C CB  . ALA A 1 29 ? -7.512  -1.848  -10.758 1.00 12.43 ? 28  ALA A CB  1 
ATOM   224  N N   . LYS A 1 30 ? -10.605 -2.329  -10.321 1.00 12.12 ? 29  LYS A N   1 
ATOM   225  C CA  . LYS A 1 30 ? -11.881 -2.945  -10.656 1.00 12.83 ? 29  LYS A CA  1 
ATOM   226  C C   . LYS A 1 30 ? -12.956 -1.927  -10.996 1.00 13.10 ? 29  LYS A C   1 
ATOM   227  O O   . LYS A 1 30 ? -13.711 -2.102  -11.956 1.00 13.10 ? 29  LYS A O   1 
ATOM   228  C CB  . LYS A 1 30 ? -12.370 -3.870  -9.536  1.00 13.00 ? 29  LYS A CB  1 
ATOM   229  C CG  . LYS A 1 30 ? -11.502 -5.120  -9.412  1.00 13.44 ? 29  LYS A CG  1 
ATOM   230  C CD  . LYS A 1 30 ? -12.067 -6.120  -8.412  1.00 14.58 ? 29  LYS A CD  1 
ATOM   231  C CE  . LYS A 1 30 ? -11.352 -7.450  -8.540  1.00 15.43 ? 29  LYS A CE  1 
ATOM   232  N NZ  . LYS A 1 30 ? -11.863 -8.422  -7.554  1.00 15.94 ? 29  LYS A NZ  1 
ATOM   233  N N   . ILE A 1 31 ? -13.020 -0.852  -10.225 1.00 12.29 ? 30  ILE A N   1 
ATOM   234  C CA  . ILE A 1 31 ? -14.005 0.202   -10.484 1.00 12.58 ? 30  ILE A CA  1 
ATOM   235  C C   . ILE A 1 31 ? -13.711 0.863   -11.836 1.00 13.13 ? 30  ILE A C   1 
ATOM   236  O O   . ILE A 1 31 ? -14.645 1.149   -12.580 1.00 13.85 ? 30  ILE A O   1 
ATOM   237  C CB  . ILE A 1 31 ? -14.035 1.232   -9.343  1.00 12.80 ? 30  ILE A CB  1 
ATOM   238  C CG1 . ILE A 1 31 ? -14.585 0.590   -8.053  1.00 12.43 ? 30  ILE A CG1 1 
ATOM   239  C CG2 . ILE A 1 31 ? -14.832 2.487   -9.728  1.00 13.23 ? 30  ILE A CG2 1 
ATOM   240  C CD1 . ILE A 1 31 ? -14.324 1.412   -6.805  1.00 12.81 ? 30  ILE A CD1 1 
ATOM   241  N N   . GLN A 1 32 ? -12.436 1.070   -12.174 1.00 13.11 ? 31  GLN A N   1 
ATOM   242  C CA  . GLN A 1 32 ? -12.086 1.581   -13.491 1.00 13.47 ? 31  GLN A CA  1 
ATOM   243  C C   . GLN A 1 32 ? -12.630 0.693   -14.598 1.00 14.35 ? 31  GLN A C   1 
ATOM   244  O O   . GLN A 1 32 ? -13.189 1.224   -15.566 1.00 14.57 ? 31  GLN A O   1 
ATOM   245  C CB  . GLN A 1 32 ? -10.584 1.792   -13.664 1.00 13.46 ? 31  GLN A CB  1 
ATOM   246  C CG  . GLN A 1 32 ? -10.268 2.378   -15.034 1.00 13.84 ? 31  GLN A CG  1 
ATOM   247  C CD  . GLN A 1 32 ? -8.811  2.618   -15.276 1.00 14.45 ? 31  GLN A CD  1 
ATOM   248  O OE1 . GLN A 1 32 ? -8.243  3.589   -14.779 1.00 15.54 ? 31  GLN A OE1 1 
ATOM   249  N NE2 . GLN A 1 32 ? -8.189  1.757   -16.074 1.00 14.97 ? 31  GLN A NE2 1 
ATOM   250  N N   . ASP A 1 33 ? -12.470 -0.623  -14.471 1.00 14.37 ? 32  ASP A N   1 
ATOM   251  C CA  . ASP A 1 33 ? -13.011 -1.560  -15.468 1.00 15.30 ? 32  ASP A CA  1 
ATOM   252  C C   . ASP A 1 33 ? -14.514 -1.445  -15.589 1.00 16.48 ? 32  ASP A C   1 
ATOM   253  O O   . ASP A 1 33 ? -15.058 -1.510  -16.703 1.00 16.54 ? 32  ASP A O   1 
ATOM   254  C CB  . ASP A 1 33 ? -12.623 -3.010  -15.128 1.00 16.34 ? 32  ASP A CB  1 
ATOM   255  C CG  . ASP A 1 33 ? -11.183 -3.347  -15.496 1.00 17.98 ? 32  ASP A CG  1 
ATOM   256  O OD1 . ASP A 1 33 ? -10.521 -2.568  -16.217 1.00 17.33 ? 32  ASP A OD1 1 
ATOM   257  O OD2 . ASP A 1 33 ? -10.719 -4.430  -15.076 1.00 20.81 ? 32  ASP A OD2 1 
ATOM   258  N N   . LYS A 1 34 ? -15.200 -1.301  -14.459 1.00 16.60 ? 33  LYS A N   1 
ATOM   259  C CA  . LYS A 1 34 ? -16.669 -1.242  -14.475 1.00 18.50 ? 33  LYS A CA  1 
ATOM   260  C C   . LYS A 1 34 ? -17.274 0.086   -14.850 1.00 19.69 ? 33  LYS A C   1 
ATOM   261  O O   . LYS A 1 34 ? -18.380 0.108   -15.395 1.00 20.73 ? 33  LYS A O   1 
ATOM   262  C CB  . LYS A 1 34 ? -17.237 -1.685  -13.120 1.00 20.12 ? 33  LYS A CB  1 
ATOM   263  C CG  . LYS A 1 34 ? -17.006 -3.151  -12.828 1.00 22.48 ? 33  LYS A CG  1 
ATOM   264  C CD  . LYS A 1 34 ? -17.930 -4.063  -13.631 1.00 24.81 ? 33  LYS A CD  1 
ATOM   265  N N   . GLU A 1 35 ? -16.618 1.181   -14.496 1.00 20.00 ? 34  GLU A N   1 
ATOM   266  C CA  . GLU A 1 35 ? -17.191 2.530   -14.657 1.00 20.67 ? 34  GLU A CA  1 
ATOM   267  C C   . GLU A 1 35 ? -16.406 3.458   -15.570 1.00 20.29 ? 34  GLU A C   1 
ATOM   268  O O   . GLU A 1 35 ? -16.920 4.518   -15.945 1.00 22.38 ? 34  GLU A O   1 
ATOM   269  C CB  . GLU A 1 35 ? -17.287 3.227   -13.302 1.00 22.77 ? 34  GLU A CB  1 
ATOM   270  C CG  . GLU A 1 35 ? -18.124 2.510   -12.272 1.00 26.46 ? 34  GLU A CG  1 
ATOM   271  C CD  . GLU A 1 35 ? -19.537 2.237   -12.745 1.00 29.46 ? 34  GLU A CD  1 
ATOM   272  O OE1 . GLU A 1 35 ? -20.153 3.139   -13.353 1.00 31.23 ? 34  GLU A OE1 1 
ATOM   273  O OE2 . GLU A 1 35 ? -20.038 1.127   -12.498 1.00 33.04 ? 34  GLU A OE2 1 
ATOM   274  N N   . GLY A 1 36 ? -15.165 3.108   -15.906 1.00 18.08 ? 35  GLY A N   1 
ATOM   275  C CA  . GLY A 1 36 ? -14.309 3.966   -16.735 1.00 17.83 ? 35  GLY A CA  1 
ATOM   276  C C   . GLY A 1 36 ? -13.753 5.195   -16.053 1.00 17.83 ? 35  GLY A C   1 
ATOM   277  O O   . GLY A 1 36 ? -13.327 6.134   -16.719 1.00 19.51 ? 35  GLY A O   1 
ATOM   278  N N   . ILE A 1 37 ? -13.733 5.175   -14.719 1.00 16.85 ? 36  ILE A N   1 
ATOM   279  C CA  A ILE A 1 37 ? -13.220 6.291   -13.927 0.50 16.16 ? 36  ILE A CA  1 
ATOM   280  C CA  B ILE A 1 37 ? -13.209 6.298   -13.945 0.50 16.18 ? 36  ILE A CA  1 
ATOM   281  C C   . ILE A 1 37 ? -11.786 5.956   -13.525 1.00 16.00 ? 36  ILE A C   1 
ATOM   282  O O   . ILE A 1 37 ? -11.571 4.954   -12.842 1.00 16.30 ? 36  ILE A O   1 
ATOM   283  C CB  A ILE A 1 37 ? -14.065 6.513   -12.649 0.50 16.15 ? 36  ILE A CB  1 
ATOM   284  C CB  B ILE A 1 37 ? -14.064 6.594   -12.698 0.50 16.21 ? 36  ILE A CB  1 
ATOM   285  C CG1 A ILE A 1 37 ? -15.567 6.551   -12.968 0.50 16.72 ? 36  ILE A CG1 1 
ATOM   286  C CG1 B ILE A 1 37 ? -15.518 6.848   -13.101 0.50 16.93 ? 36  ILE A CG1 1 
ATOM   287  C CG2 A ILE A 1 37 ? -13.628 7.798   -11.961 0.50 16.07 ? 36  ILE A CG2 1 
ATOM   288  C CG2 B ILE A 1 37 ? -13.521 7.813   -11.968 0.50 16.03 ? 36  ILE A CG2 1 
ATOM   289  C CD1 A ILE A 1 37 ? -16.454 6.304   -11.768 0.50 16.57 ? 36  ILE A CD1 1 
ATOM   290  C CD1 B ILE A 1 37 ? -15.680 7.995   -14.072 0.50 16.93 ? 36  ILE A CD1 1 
ATOM   291  N N   . PRO A 1 38 ? -10.803 6.785   -13.924 1.00 15.05 ? 37  PRO A N   1 
ATOM   292  C CA  . PRO A 1 38 ? -9.439  6.517   -13.446 1.00 15.79 ? 37  PRO A CA  1 
ATOM   293  C C   . PRO A 1 38 ? -9.348  6.567   -11.923 1.00 15.14 ? 37  PRO A C   1 
ATOM   294  O O   . PRO A 1 38 ? -10.088 7.303   -11.295 1.00 14.55 ? 37  PRO A O   1 
ATOM   295  C CB  . PRO A 1 38 ? -8.606  7.659   -14.032 1.00 16.01 ? 37  PRO A CB  1 
ATOM   296  C CG  . PRO A 1 38 ? -9.380  8.112   -15.213 1.00 16.62 ? 37  PRO A CG  1 
ATOM   297  C CD  . PRO A 1 38 ? -10.827 7.887   -14.913 1.00 15.88 ? 37  PRO A CD  1 
ATOM   298  N N   . PRO A 1 39 ? -8.426  5.811   -11.330 1.00 14.62 ? 38  PRO A N   1 
ATOM   299  C CA  . PRO A 1 39 ? -8.344  5.798   -9.871  1.00 14.78 ? 38  PRO A CA  1 
ATOM   300  C C   . PRO A 1 39 ? -8.163  7.147   -9.206  1.00 14.94 ? 38  PRO A C   1 
ATOM   301  O O   . PRO A 1 39 ? -8.737  7.387   -8.145  1.00 14.39 ? 38  PRO A O   1 
ATOM   302  C CB  . PRO A 1 39 ? -7.133  4.900   -9.594  1.00 15.14 ? 38  PRO A CB  1 
ATOM   303  C CG  . PRO A 1 39 ? -7.065  3.995   -10.771 1.00 15.80 ? 38  PRO A CG  1 
ATOM   304  C CD  . PRO A 1 39 ? -7.577  4.771   -11.943 1.00 15.34 ? 38  PRO A CD  1 
ATOM   305  N N   . ASP A 1 40 ? -7.373  8.022   -9.794  1.00 16.22 ? 39  ASP A N   1 
ATOM   306  C CA  . ASP A 1 40 ? -7.147  9.347   -9.197  1.00 17.77 ? 39  ASP A CA  1 
ATOM   307  C C   . ASP A 1 40 ? -8.385  10.263  -9.270  1.00 17.24 ? 39  ASP A C   1 
ATOM   308  O O   . ASP A 1 40 ? -8.394  11.342  -8.658  1.00 19.03 ? 39  ASP A O   1 
ATOM   309  C CB  . ASP A 1 40 ? -5.976  10.011  -9.896  1.00 20.71 ? 39  ASP A CB  1 
ATOM   310  C CG  . ASP A 1 40 ? -6.099  9.883   -11.366 1.00 23.64 ? 39  ASP A CG  1 
ATOM   311  O OD1 . ASP A 1 40 ? -5.721  8.801   -11.914 1.00 31.16 ? 39  ASP A OD1 1 
ATOM   312  O OD2 . ASP A 1 40 ? -6.685  10.792  -11.961 1.00 29.68 ? 39  ASP A OD2 1 
ATOM   313  N N   . GLN A 1 41 ? -9.408  9.859   -10.023 1.00 15.28 ? 40  GLN A N   1 
ATOM   314  C CA  . GLN A 1 41 ? -10.680 10.585  -10.059 1.00 15.30 ? 40  GLN A CA  1 
ATOM   315  C C   . GLN A 1 41 ? -11.765 9.910   -9.223  1.00 13.97 ? 40  GLN A C   1 
ATOM   316  O O   . GLN A 1 41 ? -12.907 10.378  -9.167  1.00 13.89 ? 40  GLN A O   1 
ATOM   317  C CB  . GLN A 1 41 ? -11.126 10.781  -11.485 1.00 16.19 ? 40  GLN A CB  1 
ATOM   318  C CG  . GLN A 1 41 ? -10.121 11.600  -12.289 1.00 17.37 ? 40  GLN A CG  1 
ATOM   319  C CD  . GLN A 1 41 ? -10.596 11.874  -13.699 1.00 18.45 ? 40  GLN A CD  1 
ATOM   320  O OE1 . GLN A 1 41 ? -11.427 11.148  -14.243 1.00 20.92 ? 40  GLN A OE1 1 
ATOM   321  N NE2 . GLN A 1 41 ? -10.068 12.932  -14.295 1.00 21.36 ? 40  GLN A NE2 1 
ATOM   322  N N   . GLN A 1 42 ? -11.412 8.799   -8.583  1.00 12.91 ? 41  GLN A N   1 
ATOM   323  C CA  . GLN A 1 42 ? -12.308 8.099   -7.656  1.00 13.26 ? 41  GLN A CA  1 
ATOM   324  C C   . GLN A 1 42 ? -12.025 8.561   -6.229  1.00 13.72 ? 41  GLN A C   1 
ATOM   325  O O   . GLN A 1 42 ? -10.901 8.406   -5.723  1.00 14.81 ? 41  GLN A O   1 
ATOM   326  C CB  . GLN A 1 42 ? -12.089 6.589   -7.708  1.00 12.98 ? 41  GLN A CB  1 
ATOM   327  C CG  . GLN A 1 42 ? -12.374 5.901   -9.020  1.00 12.57 ? 41  GLN A CG  1 
ATOM   328  C CD  . GLN A 1 42 ? -11.993 4.430   -9.002  1.00 12.73 ? 41  GLN A CD  1 
ATOM   329  O OE1 . GLN A 1 42 ? -12.094 3.761   -7.963  1.00 13.37 ? 41  GLN A OE1 1 
ATOM   330  N NE2 . GLN A 1 42 ? -11.556 3.909   -10.157 1.00 12.60 ? 41  GLN A NE2 1 
ATOM   331  N N   . ARG A 1 43 ? -13.037 9.089   -5.560  1.00 13.77 ? 42  ARG A N   1 
ATOM   332  C CA  . ARG A 1 43 ? -12.970 9.337   -4.119  1.00 14.75 ? 42  ARG A CA  1 
ATOM   333  C C   . ARG A 1 43 ? -13.810 8.229   -3.503  1.00 14.27 ? 42  ARG A C   1 
ATOM   334  O O   . ARG A 1 43 ? -15.040 8.254   -3.582  1.00 13.93 ? 42  ARG A O   1 
ATOM   335  C CB  . ARG A 1 43 ? -13.486 10.727  -3.746  1.00 16.54 ? 42  ARG A CB  1 
ATOM   336  C CG  . ARG A 1 43 ? -13.430 11.022  -2.255  1.00 18.76 ? 42  ARG A CG  1 
ATOM   337  C CD  . ARG A 1 43 ? -13.817 12.458  -1.947  1.00 21.99 ? 42  ARG A CD  1 
ATOM   338  N N   . LEU A 1 44 ? -13.141 7.238   -2.927  1.00 14.18 ? 43  LEU A N   1 
ATOM   339  C CA  . LEU A 1 44 ? -13.797 6.097   -2.378  1.00 15.75 ? 43  LEU A CA  1 
ATOM   340  C C   . LEU A 1 44 ? -13.853 6.266   -0.866  1.00 15.53 ? 43  LEU A C   1 
ATOM   341  O O   . LEU A 1 44 ? -12.833 6.606   -0.232  1.00 15.17 ? 43  LEU A O   1 
ATOM   342  C CB  . LEU A 1 44 ? -13.012 4.863   -2.816  1.00 16.83 ? 43  LEU A CB  1 
ATOM   343  C CG  . LEU A 1 44 ? -13.634 3.491   -2.847  1.00 18.28 ? 43  LEU A CG  1 
ATOM   344  C CD1 . LEU A 1 44 ? -14.939 3.467   -3.627  1.00 18.00 ? 43  LEU A CD1 1 
ATOM   345  C CD2 . LEU A 1 44 ? -12.597 2.548   -3.469  1.00 18.08 ? 43  LEU A CD2 1 
ATOM   346  N N   . ILE A 1 45 ? -15.040 6.070   -0.291  1.00 15.14 ? 44  ILE A N   1 
ATOM   347  C CA  . ILE A 1 45 ? -15.293 6.371   1.122   1.00 15.08 ? 44  ILE A CA  1 
ATOM   348  C C   . ILE A 1 45 ? -15.945 5.173   1.821   1.00 15.48 ? 44  ILE A C   1 
ATOM   349  O O   . ILE A 1 45 ? -16.859 4.553   1.283   1.00 16.63 ? 44  ILE A O   1 
ATOM   350  C CB  . ILE A 1 45 ? -16.207 7.607   1.295   1.00 15.72 ? 44  ILE A CB  1 
ATOM   351  C CG1 . ILE A 1 45 ? -15.625 8.832   0.572   1.00 15.86 ? 44  ILE A CG1 1 
ATOM   352  C CG2 . ILE A 1 45 ? -16.460 7.912   2.754   1.00 16.03 ? 44  ILE A CG2 1 
ATOM   353  C CD1 . ILE A 1 45 ? -16.611 9.943   0.298   1.00 16.27 ? 44  ILE A CD1 1 
ATOM   354  N N   . PHE A 1 46 ? -15.462 4.841   3.014   1.00 14.53 ? 45  PHE A N   1 
ATOM   355  C CA  . PHE A 1 46 ? -16.112 3.865   3.875   1.00 14.85 ? 45  PHE A CA  1 
ATOM   356  C C   . PHE A 1 46 ? -16.307 4.497   5.223   1.00 15.98 ? 45  PHE A C   1 
ATOM   357  O O   . PHE A 1 46 ? -15.330 4.827   5.899   1.00 14.96 ? 45  PHE A O   1 
ATOM   358  C CB  . PHE A 1 46 ? -15.273 2.612   4.007   1.00 14.34 ? 45  PHE A CB  1 
ATOM   359  C CG  . PHE A 1 46 ? -15.936 1.531   4.815   1.00 14.39 ? 45  PHE A CG  1 
ATOM   360  C CD1 . PHE A 1 46 ? -17.134 0.992   4.402   1.00 13.68 ? 45  PHE A CD1 1 
ATOM   361  C CD2 . PHE A 1 46 ? -15.324 1.010   5.959   1.00 13.84 ? 45  PHE A CD2 1 
ATOM   362  C CE1 . PHE A 1 46 ? -17.754 -0.013  5.130   1.00 14.01 ? 45  PHE A CE1 1 
ATOM   363  C CE2 . PHE A 1 46 ? -15.923 0.004   6.672   1.00 14.12 ? 45  PHE A CE2 1 
ATOM   364  C CZ  . PHE A 1 46 ? -17.148 -0.514  6.249   1.00 13.67 ? 45  PHE A CZ  1 
ATOM   365  N N   . THR A 1 47 ? -17.571 4.704   5.583   1.00 17.40 ? 46  THR A N   1 
ATOM   366  C CA  . THR A 1 47 ? -17.956 5.233   6.868   1.00 19.65 ? 46  THR A CA  1 
ATOM   367  C C   . THR A 1 47 ? -17.200 6.531   7.199   1.00 18.54 ? 46  THR A C   1 
ATOM   368  O O   . THR A 1 47 ? -16.587 6.674   8.265   1.00 22.26 ? 46  THR A O   1 
ATOM   369  C CB  . THR A 1 47 ? -17.810 4.180   7.977   1.00 21.52 ? 46  THR A CB  1 
ATOM   370  O OG1 . THR A 1 47 ? -18.157 2.883   7.470   1.00 24.28 ? 46  THR A OG1 1 
ATOM   371  C CG2 . THR A 1 47 ? -18.776 4.509   9.129   1.00 23.54 ? 46  THR A CG2 1 
ATOM   372  N N   . GLY A 1 48 ? -17.209 7.435   6.240   1.00 18.73 ? 47  GLY A N   1 
ATOM   373  C CA  . GLY A 1 48 ? -16.596 8.739   6.398   1.00 18.60 ? 47  GLY A CA  1 
ATOM   374  C C   . GLY A 1 48 ? -15.095 8.811   6.194   1.00 18.73 ? 47  GLY A C   1 
ATOM   375  O O   . GLY A 1 48 ? -14.553 9.916   6.185   1.00 20.73 ? 47  GLY A O   1 
ATOM   376  N N   . LYS A 1 49 ? -14.443 7.667   5.975   1.00 17.57 ? 48  LYS A N   1 
ATOM   377  C CA  . LYS A 1 49 ? -12.994 7.617   5.779   1.00 17.80 ? 48  LYS A CA  1 
ATOM   378  C C   . LYS A 1 49 ? -12.667 7.507   4.299   1.00 16.71 ? 48  LYS A C   1 
ATOM   379  O O   . LYS A 1 49 ? -13.132 6.572   3.617   1.00 15.06 ? 48  LYS A O   1 
ATOM   380  C CB  . LYS A 1 49 ? -12.401 6.386   6.470   1.00 19.59 ? 48  LYS A CB  1 
ATOM   381  C CG  . LYS A 1 49 ? -12.552 6.366   7.981   1.00 22.85 ? 48  LYS A CG  1 
ATOM   382  C CD  . LYS A 1 49 ? -12.085 5.045   8.572   1.00 26.42 ? 48  LYS A CD  1 
ATOM   383  C CE  . LYS A 1 49 ? -11.833 5.147   10.064  1.00 29.90 ? 48  LYS A CE  1 
ATOM   384  N NZ  . LYS A 1 49 ? -12.990 5.706   10.801  1.00 32.72 ? 48  LYS A NZ  1 
ATOM   385  N N   . LYS A 1 50 ? -11.845 8.429   3.805   1.00 16.36 ? 49  LYS A N   1 
ATOM   386  C CA  . LYS A 1 50 ? -11.310 8.363   2.450   1.00 17.82 ? 49  LYS A CA  1 
ATOM   387  C C   . LYS A 1 50 ? -10.313 7.211   2.349   1.00 16.26 ? 49  LYS A C   1 
ATOM   388  O O   . LYS A 1 50 ? -9.394  7.110   3.164   1.00 17.38 ? 49  LYS A O   1 
ATOM   389  C CB  . LYS A 1 50 ? -10.630 9.686   2.119   1.00 21.50 ? 49  LYS A CB  1 
ATOM   390  C CG  . LYS A 1 50 ? -10.203 9.833   0.679   1.00 26.19 ? 49  LYS A CG  1 
ATOM   391  C CD  . LYS A 1 50 ? -9.717  11.258  0.402   1.00 30.75 ? 49  LYS A CD  1 
ATOM   392  C CE  . LYS A 1 50 ? -8.357  11.534  1.023   1.00 33.25 ? 49  LYS A CE  1 
ATOM   393  N NZ  . LYS A 1 50 ? -7.321  10.591  0.517   1.00 34.75 ? 49  LYS A NZ  1 
ATOM   394  N N   . LEU A 1 51 ? -10.513 6.312   1.387   1.00 13.55 ? 50  LEU A N   1 
ATOM   395  C CA  . LEU A 1 51 ? -9.674  5.119   1.278   1.00 13.70 ? 50  LEU A CA  1 
ATOM   396  C C   . LEU A 1 51 ? -8.433  5.433   0.477   1.00 13.26 ? 50  LEU A C   1 
ATOM   397  O O   . LEU A 1 51 ? -8.520  5.956   -0.623  1.00 13.70 ? 50  LEU A O   1 
ATOM   398  C CB  . LEU A 1 51 ? -10.451 3.944   0.668   1.00 13.73 ? 50  LEU A CB  1 
ATOM   399  C CG  . LEU A 1 51 ? -11.805 3.638   1.351   1.00 14.04 ? 50  LEU A CG  1 
ATOM   400  C CD1 . LEU A 1 51 ? -12.421 2.353   0.795   1.00 14.65 ? 50  LEU A CD1 1 
ATOM   401  C CD2 . LEU A 1 51 ? -11.652 3.557   2.860   1.00 14.57 ? 50  LEU A CD2 1 
ATOM   402  N N   . GLU A 1 52 ? -7.272  5.116   1.036   1.00 13.50 ? 51  GLU A N   1 
ATOM   403  C CA  . GLU A 1 52 ? -5.996  5.520   0.460   1.00 14.36 ? 51  GLU A CA  1 
ATOM   404  C C   . GLU A 1 52 ? -5.254  4.358   -0.202  1.00 13.98 ? 51  GLU A C   1 
ATOM   405  O O   . GLU A 1 52 ? -5.286  3.209   0.263   1.00 13.68 ? 51  GLU A O   1 
ATOM   406  C CB  . GLU A 1 52 ? -5.101  6.093   1.555   1.00 15.24 ? 51  GLU A CB  1 
ATOM   407  C CG  . GLU A 1 52 ? -5.612  7.359   2.188   1.00 16.83 ? 51  GLU A CG  1 
ATOM   408  C CD  . GLU A 1 52 ? -4.588  7.949   3.132   1.00 19.87 ? 51  GLU A CD  1 
ATOM   409  O OE1 . GLU A 1 52 ? -4.407  7.409   4.234   1.00 22.28 ? 51  GLU A OE1 1 
ATOM   410  O OE2 . GLU A 1 52 ? -3.958  8.958   2.754   1.00 24.18 ? 51  GLU A OE2 1 
ATOM   411  N N   . ASP A 1 53 ? -4.554  4.671   -1.285  1.00 14.21 ? 52  ASP A N   1 
ATOM   412  C CA  . ASP A 1 53 ? -3.688  3.696   -1.929  1.00 14.76 ? 52  ASP A CA  1 
ATOM   413  C C   . ASP A 1 53 ? -2.656  3.184   -0.913  1.00 14.03 ? 52  ASP A C   1 
ATOM   414  O O   . ASP A 1 53 ? -2.132  3.945   -0.093  1.00 14.55 ? 52  ASP A O   1 
ATOM   415  C CB  . ASP A 1 53 ? -2.934  4.303   -3.118  1.00 16.37 ? 52  ASP A CB  1 
ATOM   416  C CG  . ASP A 1 53 ? -3.824  4.600   -4.295  1.00 19.28 ? 52  ASP A CG  1 
ATOM   417  O OD1 . ASP A 1 53 ? -4.991  4.191   -4.286  1.00 21.43 ? 52  ASP A OD1 1 
ATOM   418  O OD2 . ASP A 1 53 ? -3.334  5.247   -5.254  1.00 23.18 ? 52  ASP A OD2 1 
ATOM   419  N N   . GLY A 1 54 ? -2.406  1.894   -0.985  1.00 13.48 ? 53  GLY A N   1 
ATOM   420  C CA  . GLY A 1 54 ? -1.423  1.227   -0.146  1.00 13.80 ? 53  GLY A CA  1 
ATOM   421  C C   . GLY A 1 54 ? -2.010  0.702   1.157   1.00 14.28 ? 53  GLY A C   1 
ATOM   422  O O   . GLY A 1 54 ? -1.271  0.217   2.026   1.00 14.95 ? 53  GLY A O   1 
ATOM   423  N N   . ARG A 1 55 ? -3.333  0.786   1.306   1.00 14.17 ? 54  ARG A N   1 
ATOM   424  C CA  . ARG A 1 55 ? -4.033  0.207   2.451   1.00 14.37 ? 54  ARG A CA  1 
ATOM   425  C C   . ARG A 1 55 ? -4.880  -0.946  1.976   1.00 14.81 ? 54  ARG A C   1 
ATOM   426  O O   . ARG A 1 55 ? -5.247  -1.009  0.800   1.00 15.79 ? 54  ARG A O   1 
ATOM   427  C CB  . ARG A 1 55 ? -4.866  1.289   3.147   1.00 14.71 ? 54  ARG A CB  1 
ATOM   428  C CG  . ARG A 1 55 ? -4.062  2.510   3.624   1.00 14.52 ? 54  ARG A CG  1 
ATOM   429  C CD  . ARG A 1 55 ? -2.954  2.123   4.607   1.00 14.93 ? 54  ARG A CD  1 
ATOM   430  N NE  . ARG A 1 55 ? -3.490  1.640   5.893   1.00 16.08 ? 54  ARG A NE  1 
ATOM   431  C CZ  . ARG A 1 55 ? -3.884  2.439   6.888   1.00 17.37 ? 54  ARG A CZ  1 
ATOM   432  N NH1 . ARG A 1 55 ? -3.837  3.765   6.781   1.00 18.18 ? 54  ARG A NH1 1 
ATOM   433  N NH2 . ARG A 1 55 ? -4.367  1.904   8.001   1.00 18.81 ? 54  ARG A NH2 1 
ATOM   434  N N   . THR A 1 56 ? -5.149  -1.883  2.870   1.00 14.82 ? 55  THR A N   1 
ATOM   435  C CA  . THR A 1 56 ? -5.985  -3.024  2.532   1.00 15.01 ? 55  THR A CA  1 
ATOM   436  C C   . THR A 1 56 ? -7.411  -2.785  3.023   1.00 14.70 ? 55  THR A C   1 
ATOM   437  O O   . THR A 1 56 ? -7.680  -1.939  3.863   1.00 14.31 ? 55  THR A O   1 
ATOM   438  C CB  . THR A 1 56 ? -5.466  -4.320  3.154   1.00 15.43 ? 55  THR A CB  1 
ATOM   439  O OG1 . THR A 1 56 ? -5.421  -4.165  4.574   1.00 16.59 ? 55  THR A OG1 1 
ATOM   440  C CG2 . THR A 1 56 ? -4.080  -4.683  2.593   1.00 16.45 ? 55  THR A CG2 1 
ATOM   441  N N   . LEU A 1 57 ? -8.332  -3.567  2.477   1.00 14.54 ? 56  LEU A N   1 
ATOM   442  C CA  . LEU A 1 57 ? -9.719  -3.512  2.938   1.00 14.59 ? 56  LEU A CA  1 
ATOM   443  C C   . LEU A 1 57 ? -9.813  -3.793  4.442   1.00 15.19 ? 56  LEU A C   1 
ATOM   444  O O   . LEU A 1 57 ? -10.549 -3.111  5.155   1.00 15.36 ? 56  LEU A O   1 
ATOM   445  C CB  . LEU A 1 57 ? -10.588 -4.477  2.127   1.00 14.44 ? 56  LEU A CB  1 
ATOM   446  C CG  . LEU A 1 57 ? -10.701 -4.169  0.634   1.00 14.66 ? 56  LEU A CG  1 
ATOM   447  C CD1 . LEU A 1 57 ? -11.559 -5.200  -0.069  1.00 13.94 ? 56  LEU A CD1 1 
ATOM   448  C CD2 . LEU A 1 57 ? -11.272 -2.773  0.396   1.00 14.84 ? 56  LEU A CD2 1 
ATOM   449  N N   A SER A 1 58 ? -9.059  -4.794  4.901   0.50 16.16 ? 57  SER A N   1 
ATOM   450  N N   B SER A 1 58 ? -9.058  -4.777  4.928   0.50 15.41 ? 57  SER A N   1 
ATOM   451  C CA  A SER A 1 58 ? -8.949  -5.143  6.314   0.50 16.37 ? 57  SER A CA  1 
ATOM   452  C CA  B SER A 1 58 ? -9.057  -5.110  6.348   0.50 15.19 ? 57  SER A CA  1 
ATOM   453  C C   A SER A 1 58 ? -8.559  -3.966  7.196   0.50 15.72 ? 57  SER A C   1 
ATOM   454  C C   B SER A 1 58 ? -8.537  -3.974  7.233   0.50 15.10 ? 57  SER A C   1 
ATOM   455  O O   A SER A 1 58 ? -9.103  -3.788  8.282   0.50 15.56 ? 57  SER A O   1 
ATOM   456  O O   B SER A 1 58 ? -8.979  -3.829  8.368   0.50 15.01 ? 57  SER A O   1 
ATOM   457  C CB  A SER A 1 58 ? -7.923  -6.256  6.491   0.50 17.72 ? 57  SER A CB  1 
ATOM   458  C CB  B SER A 1 58 ? -8.271  -6.393  6.595   0.50 15.71 ? 57  SER A CB  1 
ATOM   459  O OG  A SER A 1 58 ? -7.808  -6.595  7.859   0.50 19.94 ? 57  SER A OG  1 
ATOM   460  O OG  B SER A 1 58 ? -6.896  -6.201  6.345   0.50 15.50 ? 57  SER A OG  1 
ATOM   461  N N   . ASP A 1 59 ? -7.638  -3.138  6.725   1.00 15.10 ? 58  ASP A N   1 
ATOM   462  C CA  . ASP A 1 59 ? -7.226  -1.927  7.475   1.00 15.33 ? 58  ASP A CA  1 
ATOM   463  C C   . ASP A 1 59 ? -8.381  -1.000  7.830   1.00 15.39 ? 58  ASP A C   1 
ATOM   464  O O   . ASP A 1 59 ? -8.308  -0.285  8.825   1.00 16.90 ? 58  ASP A O   1 
ATOM   465  C CB  . ASP A 1 59 ? -6.228  -1.077  6.672   1.00 15.10 ? 58  ASP A CB  1 
ATOM   466  C CG  . ASP A 1 59 ? -4.837  -1.703  6.560   1.00 16.25 ? 58  ASP A CG  1 
ATOM   467  O OD1 . ASP A 1 59 ? -4.457  -2.622  7.331   1.00 16.85 ? 58  ASP A OD1 1 
ATOM   468  O OD2 . ASP A 1 59 ? -4.080  -1.256  5.663   1.00 16.68 ? 58  ASP A OD2 1 
ATOM   469  N N   . TYR A 1 60 ? -9.414  -0.974  6.980   1.00 14.70 ? 59  TYR A N   1 
ATOM   470  C CA  . TYR A 1 60 ? -10.593 -0.152  7.204   1.00 15.21 ? 59  TYR A CA  1 
ATOM   471  C C   . TYR A 1 60 ? -11.789 -0.912  7.789   1.00 15.38 ? 59  TYR A C   1 
ATOM   472  O O   . TYR A 1 60 ? -12.888 -0.350  7.890   1.00 16.16 ? 59  TYR A O   1 
ATOM   473  C CB  . TYR A 1 60 ? -11.006 0.511   5.893   1.00 15.08 ? 59  TYR A CB  1 
ATOM   474  C CG  . TYR A 1 60 ? -9.972  1.451   5.344   1.00 14.39 ? 59  TYR A CG  1 
ATOM   475  C CD1 . TYR A 1 60 ? -9.791  2.715   5.899   1.00 14.37 ? 59  TYR A CD1 1 
ATOM   476  C CD2 . TYR A 1 60 ? -9.215  1.123   4.245   1.00 14.19 ? 59  TYR A CD2 1 
ATOM   477  C CE1 . TYR A 1 60 ? -8.844  3.597   5.403   1.00 14.61 ? 59  TYR A CE1 1 
ATOM   478  C CE2 . TYR A 1 60 ? -8.294  2.021   3.724   1.00 14.36 ? 59  TYR A CE2 1 
ATOM   479  C CZ  . TYR A 1 60 ? -8.103  3.249   4.319   1.00 13.97 ? 59  TYR A CZ  1 
ATOM   480  O OH  . TYR A 1 60 ? -7.190  4.151   3.812   1.00 15.09 ? 59  TYR A OH  1 
ATOM   481  N N   . ASN A 1 61 ? -11.577 -2.171  8.174   1.00 15.36 ? 60  ASN A N   1 
ATOM   482  C CA  . ASN A 1 61 ? -12.634 -3.037  8.712   1.00 17.34 ? 60  ASN A CA  1 
ATOM   483  C C   . ASN A 1 61 ? -13.781 -3.237  7.734   1.00 16.67 ? 60  ASN A C   1 
ATOM   484  O O   . ASN A 1 61 ? -14.937 -3.341  8.108   1.00 17.75 ? 60  ASN A O   1 
ATOM   485  C CB  . ASN A 1 61 ? -13.091 -2.533  10.087  1.00 19.27 ? 60  ASN A CB  1 
ATOM   486  C CG  . ASN A 1 61 ? -11.940 -2.516  11.080  1.00 23.18 ? 60  ASN A CG  1 
ATOM   487  O OD1 . ASN A 1 61 ? -11.204 -3.489  11.185  1.00 25.41 ? 60  ASN A OD1 1 
ATOM   488  N ND2 . ASN A 1 61 ? -11.756 -1.396  11.778  1.00 26.79 ? 60  ASN A ND2 1 
ATOM   489  N N   . ILE A 1 62 ? -13.425 -3.297  6.458   1.00 14.94 ? 61  ILE A N   1 
ATOM   490  C CA  . ILE A 1 62 ? -14.375 -3.597  5.394   1.00 15.05 ? 61  ILE A CA  1 
ATOM   491  C C   . ILE A 1 62 ? -14.560 -5.119  5.425   1.00 15.64 ? 61  ILE A C   1 
ATOM   492  O O   . ILE A 1 62 ? -13.590 -5.873  5.487   1.00 16.80 ? 61  ILE A O   1 
ATOM   493  C CB  . ILE A 1 62 ? -13.856 -3.053  4.045   1.00 14.04 ? 61  ILE A CB  1 
ATOM   494  C CG1 . ILE A 1 62 ? -13.963 -1.518  4.049   1.00 14.85 ? 61  ILE A CG1 1 
ATOM   495  C CG2 . ILE A 1 62 ? -14.616 -3.653  2.866   1.00 14.39 ? 61  ILE A CG2 1 
ATOM   496  C CD1 . ILE A 1 62 ? -13.091 -0.828  3.034   1.00 14.87 ? 61  ILE A CD1 1 
ATOM   497  N N   . LYS A 1 63 ? -15.815 -5.544  5.409   1.00 15.96 ? 62  LYS A N   1 
ATOM   498  C CA  . LYS A 1 63 ? -16.132 -6.934  5.681   1.00 16.48 ? 62  LYS A CA  1 
ATOM   499  C C   . LYS A 1 63 ? -17.254 -7.413  4.767   1.00 15.28 ? 62  LYS A C   1 
ATOM   500  O O   . LYS A 1 63 ? -17.610 -6.732  3.812   1.00 14.20 ? 62  LYS A O   1 
ATOM   501  C CB  . LYS A 1 63 ? -16.433 -7.108  7.172   1.00 19.22 ? 62  LYS A CB  1 
ATOM   502  C CG  . LYS A 1 63 ? -17.592 -6.300  7.712   1.00 21.34 ? 62  LYS A CG  1 
ATOM   503  C CD  . LYS A 1 63 ? -17.628 -6.408  9.233   1.00 24.12 ? 62  LYS A CD  1 
ATOM   504  C CE  . LYS A 1 63 ? -18.768 -5.637  9.875   1.00 26.42 ? 62  LYS A CE  1 
ATOM   505  N NZ  . LYS A 1 63 ? -20.108 -6.144  9.481   1.00 27.69 ? 62  LYS A NZ  1 
ATOM   506  N N   . PHE A 1 64 ? -17.750 -8.618  5.024   1.00 14.56 ? 63  PHE A N   1 
ATOM   507  C CA  . PHE A 1 64 ? -18.769 -9.214  4.181   1.00 13.54 ? 63  PHE A CA  1 
ATOM   508  C C   . PHE A 1 64 ? -19.963 -8.271  4.009   1.00 13.41 ? 63  PHE A C   1 
ATOM   509  O O   . PHE A 1 64 ? -20.546 -7.811  4.994   1.00 13.13 ? 63  PHE A O   1 
ATOM   510  C CB  . PHE A 1 64 ? -19.253 -10.541 4.801   1.00 14.03 ? 63  PHE A CB  1 
ATOM   511  C CG  . PHE A 1 64 ? -20.401 -11.178 4.069   1.00 13.66 ? 63  PHE A CG  1 
ATOM   512  C CD1 . PHE A 1 64 ? -21.729 -10.862 4.417   1.00 13.94 ? 63  PHE A CD1 1 
ATOM   513  C CD2 . PHE A 1 64 ? -20.184 -12.117 3.066   1.00 13.70 ? 63  PHE A CD2 1 
ATOM   514  C CE1 . PHE A 1 64 ? -22.804 -11.460 3.768   1.00 13.13 ? 63  PHE A CE1 1 
ATOM   515  C CE2 . PHE A 1 64 ? -21.262 -12.688 2.395   1.00 13.88 ? 63  PHE A CE2 1 
ATOM   516  C CZ  . PHE A 1 64 ? -22.562 -12.362 2.748   1.00 13.63 ? 63  PHE A CZ  1 
ATOM   517  N N   . ALA A 1 65 ? -20.301 -7.992  2.754   1.00 12.70 ? 64  ALA A N   1 
ATOM   518  C CA  . ALA A 1 65 ? -21.444 -7.169  2.384   1.00 12.84 ? 64  ALA A CA  1 
ATOM   519  C C   . ALA A 1 65 ? -21.327 -5.716  2.829   1.00 13.19 ? 64  ALA A C   1 
ATOM   520  O O   . ALA A 1 65 ? -22.332 -4.994  2.832   1.00 13.80 ? 64  ALA A O   1 
ATOM   521  C CB  . ALA A 1 65 ? -22.763 -7.804  2.856   1.00 13.61 ? 64  ALA A CB  1 
ATOM   522  N N   . SER A 1 66 ? -20.106 -5.251  3.117   1.00 13.12 ? 65  SER A N   1 
ATOM   523  C CA  . SER A 1 66 ? -19.890 -3.827  3.343   1.00 12.62 ? 65  SER A CA  1 
ATOM   524  C C   . SER A 1 66 ? -20.133 -3.022  2.082   1.00 12.40 ? 65  SER A C   1 
ATOM   525  O O   . SER A 1 66 ? -19.894 -3.488  0.963   1.00 12.81 ? 65  SER A O   1 
ATOM   526  C CB  . SER A 1 66 ? -18.457 -3.540  3.803   1.00 13.14 ? 65  SER A CB  1 
ATOM   527  O OG  . SER A 1 66 ? -18.242 -4.006  5.119   1.00 14.20 ? 65  SER A OG  1 
ATOM   528  N N   . THR A 1 67 ? -20.594 -1.786  2.276   1.00 12.83 ? 66  THR A N   1 
ATOM   529  C CA  . THR A 1 67 ? -20.870 -0.848  1.183   1.00 13.87 ? 66  THR A CA  1 
ATOM   530  C C   . THR A 1 67 ? -19.885 0.297   1.253   1.00 14.17 ? 66  THR A C   1 
ATOM   531  O O   . THR A 1 67 ? -19.788 0.957   2.293   1.00 15.21 ? 66  THR A O   1 
ATOM   532  C CB  . THR A 1 67 ? -22.289 -0.274  1.289   1.00 15.20 ? 66  THR A CB  1 
ATOM   533  O OG1 . THR A 1 67 ? -23.215 -1.348  1.121   1.00 16.25 ? 66  THR A OG1 1 
ATOM   534  C CG2 . THR A 1 67 ? -22.546 0.744   0.219   1.00 16.33 ? 66  THR A CG2 1 
ATOM   535  N N   . LEU A 1 68 ? -19.154 0.489   0.153   1.00 14.33 ? 67  LEU A N   1 
ATOM   536  C CA  . LEU A 1 68 ? -18.306 1.642   -0.051  1.00 14.46 ? 67  LEU A CA  1 
ATOM   537  C C   . LEU A 1 68 ? -19.058 2.651   -0.901  1.00 14.01 ? 67  LEU A C   1 
ATOM   538  O O   . LEU A 1 68 ? -19.960 2.272   -1.657  1.00 15.63 ? 67  LEU A O   1 
ATOM   539  C CB  . LEU A 1 68 ? -17.042 1.246   -0.799  1.00 15.10 ? 67  LEU A CB  1 
ATOM   540  C CG  . LEU A 1 68 ? -15.991 0.435   -0.027  1.00 16.31 ? 67  LEU A CG  1 
ATOM   541  C CD1 . LEU A 1 68 ? -16.520 -0.716  0.795   1.00 17.98 ? 67  LEU A CD1 1 
ATOM   542  C CD2 . LEU A 1 68 ? -14.867 0.015   -0.958  1.00 16.35 ? 67  LEU A CD2 1 
ATOM   543  N N   . HIS A 1 69 ? -18.706 3.930   -0.767  1.00 12.76 ? 68  HIS A N   1 
ATOM   544  C CA  . HIS A 1 69 ? -19.368 4.984   -1.518  1.00 13.17 ? 68  HIS A CA  1 
ATOM   545  C C   . HIS A 1 69 ? -18.360 5.632   -2.449  1.00 12.59 ? 68  HIS A C   1 
ATOM   546  O O   . HIS A 1 69 ? -17.255 6.018   -2.015  1.00 14.18 ? 68  HIS A O   1 
ATOM   547  C CB  . HIS A 1 69 ? -19.969 5.986   -0.553  1.00 13.25 ? 68  HIS A CB  1 
ATOM   548  C CG  . HIS A 1 69 ? -21.042 5.390   0.281   1.00 14.02 ? 68  HIS A CG  1 
ATOM   549  N ND1 . HIS A 1 69 ? -20.776 4.748   1.472   1.00 16.14 ? 68  HIS A ND1 1 
ATOM   550  C CD2 . HIS A 1 69 ? -22.366 5.244   0.051   1.00 15.34 ? 68  HIS A CD2 1 
ATOM   551  C CE1 . HIS A 1 69 ? -21.912 4.279   1.964   1.00 15.76 ? 68  HIS A CE1 1 
ATOM   552  N NE2 . HIS A 1 69 ? -22.888 4.555   1.119   1.00 16.12 ? 68  HIS A NE2 1 
ATOM   553  N N   . LEU A 1 70 ? -18.737 5.750   -3.711  1.00 11.89 ? 69  LEU A N   1 
ATOM   554  C CA  . LEU A 1 70 ? -17.876 6.330   -4.733  1.00 11.91 ? 69  LEU A CA  1 
ATOM   555  C C   . LEU A 1 70 ? -18.399 7.682   -5.125  1.00 12.39 ? 69  LEU A C   1 
ATOM   556  O O   . LEU A 1 70 ? -19.549 7.812   -5.554  1.00 12.72 ? 69  LEU A O   1 
ATOM   557  C CB  . LEU A 1 70 ? -17.828 5.429   -5.946  1.00 12.67 ? 69  LEU A CB  1 
ATOM   558  C CG  . LEU A 1 70 ? -17.129 5.969   -7.183  1.00 12.88 ? 69  LEU A CG  1 
ATOM   559  C CD1 . LEU A 1 70 ? -15.669 6.264   -6.913  1.00 13.37 ? 69  LEU A CD1 1 
ATOM   560  C CD2 . LEU A 1 70 ? -17.279 4.963   -8.308  1.00 13.88 ? 69  LEU A CD2 1 
ATOM   561  N N   . VAL A 1 71 ? -17.536 8.686   -4.987  1.00 12.89 ? 70  VAL A N   1 
ATOM   562  C CA  . VAL A 1 71 ? -17.792 10.032  -5.455  1.00 13.81 ? 70  VAL A CA  1 
ATOM   563  C C   . VAL A 1 71 ? -16.757 10.258  -6.563  1.00 13.31 ? 70  VAL A C   1 
ATOM   564  O O   . VAL A 1 71 ? -15.599 9.929   -6.404  1.00 13.20 ? 70  VAL A O   1 
ATOM   565  C CB  . VAL A 1 71 ? -17.594 11.041  -4.291  1.00 15.49 ? 70  VAL A CB  1 
ATOM   566  C CG1 . VAL A 1 71 ? -17.533 12.467  -4.806  1.00 17.48 ? 70  VAL A CG1 1 
ATOM   567  C CG2 . VAL A 1 71 ? -18.731 10.903  -3.266  1.00 17.24 ? 70  VAL A CG2 1 
ATOM   568  N N   . ILE A 1 72 ? -17.170 10.814  -7.693  1.00 13.24 ? 71  ILE A N   1 
ATOM   569  C CA  . ILE A 1 72 ? -16.218 11.168  -8.759  1.00 14.00 ? 71  ILE A CA  1 
ATOM   570  C C   . ILE A 1 72 ? -15.717 12.583  -8.496  1.00 14.41 ? 71  ILE A C   1 
ATOM   571  O O   . ILE A 1 72 ? -16.520 13.469  -8.231  1.00 14.03 ? 71  ILE A O   1 
ATOM   572  C CB  . ILE A 1 72 ? -16.887 11.122  -10.138 1.00 14.69 ? 71  ILE A CB  1 
ATOM   573  C CG1 . ILE A 1 72 ? -17.476 9.720   -10.383 1.00 15.27 ? 71  ILE A CG1 1 
ATOM   574  C CG2 . ILE A 1 72 ? -15.894 11.576  -11.214 1.00 15.21 ? 71  ILE A CG2 1 
ATOM   575  C CD1 . ILE A 1 72 ? -18.326 9.585   -11.642 1.00 16.00 ? 71  ILE A CD1 1 
ATOM   576  N N   A ARG A 1 73 ? -14.403 12.788  -8.569  0.50 15.54 ? 72  ARG A N   1 
ATOM   577  N N   B ARG A 1 73 ? -14.404 12.781  -8.590  0.50 14.44 ? 72  ARG A N   1 
ATOM   578  C CA  A ARG A 1 73 ? -13.819 14.135  -8.526  0.50 17.01 ? 72  ARG A CA  1 
ATOM   579  C CA  B ARG A 1 73 ? -13.806 14.116  -8.523  0.50 15.13 ? 72  ARG A CA  1 
ATOM   580  C C   A ARG A 1 73 ? -12.820 14.244  -9.663  0.50 16.87 ? 72  ARG A C   1 
ATOM   581  C C   B ARG A 1 73 ? -12.816 14.236  -9.669  0.50 15.76 ? 72  ARG A C   1 
ATOM   582  O O   A ARG A 1 73 ? -11.744 13.664  -9.607  0.50 16.81 ? 72  ARG A O   1 
ATOM   583  O O   B ARG A 1 73 ? -11.742 13.653  -9.626  0.50 15.76 ? 72  ARG A O   1 
ATOM   584  C CB  A ARG A 1 73 ? -13.151 14.422  -7.182  0.50 19.10 ? 72  ARG A CB  1 
ATOM   585  C CB  B ARG A 1 73 ? -13.112 14.344  -7.185  0.50 15.56 ? 72  ARG A CB  1 
ATOM   586  C CG  A ARG A 1 73 ? -14.080 14.231  -5.994  0.50 21.13 ? 72  ARG A CG  1 
ATOM   587  C CG  B ARG A 1 73 ? -12.546 15.742  -7.021  0.50 15.97 ? 72  ARG A CG  1 
ATOM   588  C CD  A ARG A 1 73 ? -13.468 14.728  -4.699  0.50 23.08 ? 72  ARG A CD  1 
ATOM   589  N NE  A ARG A 1 73 ? -14.173 15.898  -4.199  0.50 25.88 ? 72  ARG A NE  1 
ATOM   590  C CZ  A ARG A 1 73 ? -13.855 16.530  -3.078  0.50 26.51 ? 72  ARG A CZ  1 
ATOM   591  N NH1 A ARG A 1 73 ? -12.852 16.089  -2.337  0.50 27.78 ? 72  ARG A NH1 1 
ATOM   592  N NH2 A ARG A 1 73 ? -14.542 17.593  -2.697  0.50 28.15 ? 72  ARG A NH2 1 
ATOM   593  N N   . LEU A 1 74 ? -13.209 14.952  -10.720 1.00 16.12 ? 73  LEU A N   1 
ATOM   594  C CA  . LEU A 1 74 ? -12.352 15.136  -11.880 1.00 17.11 ? 73  LEU A CA  1 
ATOM   595  C C   . LEU A 1 74 ? -11.198 16.068  -11.552 1.00 18.51 ? 73  LEU A C   1 
ATOM   596  O O   . LEU A 1 74 ? -11.368 17.089  -10.905 1.00 17.41 ? 73  LEU A O   1 
ATOM   597  C CB  . LEU A 1 74 ? -13.142 15.688  -13.060 1.00 17.42 ? 73  LEU A CB  1 
ATOM   598  C CG  . LEU A 1 74 ? -14.345 14.862  -13.530 1.00 17.37 ? 73  LEU A CG  1 
ATOM   599  C CD1 . LEU A 1 74 ? -15.032 15.554  -14.694 1.00 17.58 ? 73  LEU A CD1 1 
ATOM   600  C CD2 . LEU A 1 74 ? -13.966 13.441  -13.904 1.00 18.28 ? 73  LEU A CD2 1 
ATOM   601  N N   . ARG A 1 75 ? -10.025 15.665  -12.042 1.00 20.42 ? 74  ARG A N   1 
ATOM   602  C CA  . ARG A 1 75 ? -8.815  16.462  -12.030 1.00 23.50 ? 74  ARG A CA  1 
ATOM   603  C C   . ARG A 1 75 ? -7.915  15.767  -13.035 1.00 23.28 ? 74  ARG A C   1 
ATOM   604  O O   . ARG A 1 75 ? -8.034  14.545  -13.262 1.00 23.16 ? 74  ARG A O   1 
ATOM   605  C CB  . ARG A 1 75 ? -8.165  16.492  -10.645 1.00 27.76 ? 74  ARG A CB  1 
ATOM   606  C CG  . ARG A 1 75 ? -7.797  15.117  -10.132 1.00 31.23 ? 74  ARG A CG  1 
ATOM   607  C CD  . ARG A 1 75 ? -7.067  15.162  -8.806  1.00 35.80 ? 74  ARG A CD  1 
ATOM   608  N NE  . ARG A 1 75 ? -6.835  13.796  -8.323  1.00 39.83 ? 74  ARG A NE  1 
ATOM   609  C CZ  . ARG A 1 75 ? -6.367  13.466  -7.118  1.00 43.00 ? 74  ARG A CZ  1 
ATOM   610  N NH1 . ARG A 1 75 ? -6.049  14.401  -6.222  1.00 45.67 ? 74  ARG A NH1 1 
ATOM   611  N NH2 . ARG A 1 75 ? -6.214  12.180  -6.803  1.00 44.28 ? 74  ARG A NH2 1 
ATOM   612  N N   . GLY A 1 76 ? -7.027  16.537  -13.642 1.00 22.52 ? 75  GLY A N   1 
ATOM   613  C CA  . GLY A 1 76 ? -6.226  16.033  -14.729 1.00 23.27 ? 75  GLY A CA  1 
ATOM   614  C C   . GLY A 1 76 ? -7.122  15.735  -15.916 1.00 22.94 ? 75  GLY A C   1 
ATOM   615  O O   . GLY A 1 76 ? -8.276  16.198  -15.963 1.00 23.57 ? 75  GLY A O   1 
ATOM   616  N N   . ALA A 1 77 ? -6.622  14.914  -16.826 1.00 23.63 ? 76  ALA A N   1 
ATOM   617  C CA  . ALA A 1 77 ? -7.334  14.613  -18.066 1.00 24.19 ? 76  ALA A CA  1 
ATOM   618  C C   . ALA A 1 77 ? -8.511  13.666  -17.858 1.00 24.41 ? 76  ALA A C   1 
ATOM   619  O O   . ALA A 1 77 ? -8.504  12.822  -16.957 1.00 24.29 ? 76  ALA A O   1 
ATOM   620  C CB  . ALA A 1 77 ? -6.374  14.027  -19.087 1.00 24.93 ? 76  ALA A CB  1 
ATOM   621  N N   . ARG A 1 78 ? -9.522  13.815  -18.701 1.00 24.48 ? 77  ARG A N   1 
ATOM   622  C CA  . ARG A 1 78 ? -10.618 12.857  -18.786 1.00 27.27 ? 77  ARG A CA  1 
ATOM   623  C C   . ARG A 1 78 ? -10.296 11.914  -19.932 1.00 29.42 ? 77  ARG A C   1 
ATOM   624  O O   . ARG A 1 78 ? -9.790  12.378  -20.961 1.00 33.17 ? 77  ARG A O   1 
ATOM   625  C CB  . ARG A 1 78 ? -11.936 13.576  -19.092 1.00 28.65 ? 77  ARG A CB  1 
ATOM   626  C CG  . ARG A 1 78 ? -12.392 14.516  -18.002 1.00 29.61 ? 77  ARG A CG  1 
ATOM   627  C CD  . ARG A 1 78 ? -13.656 15.270  -18.406 1.00 30.24 ? 77  ARG A CD  1 
ATOM   628  N NE  . ARG A 1 78 ? -14.796 14.371  -18.578 1.00 29.03 ? 77  ARG A NE  1 
ATOM   629  C CZ  . ARG A 1 78 ? -15.643 14.341  -19.618 1.00 29.74 ? 77  ARG A CZ  1 
ATOM   630  N NH1 . ARG A 1 78 ? -15.547 15.185  -20.647 1.00 29.28 ? 77  ARG A NH1 1 
ATOM   631  N NH2 . ARG A 1 78 ? -16.627 13.449  -19.619 1.00 28.87 ? 77  ARG A NH2 1 
ATOM   632  N N   . PRO A 1 79 ? -10.568 10.605  -19.783 1.00 29.54 ? 78  PRO A N   1 
ATOM   633  C CA  . PRO A 1 79 ? -10.461 9.685   -20.926 1.00 32.47 ? 78  PRO A CA  1 
ATOM   634  C C   . PRO A 1 79 ? -11.489 9.937   -22.025 1.00 34.63 ? 78  PRO A C   1 
ATOM   635  O O   . PRO A 1 79 ? -11.179 9.840   -23.210 1.00 38.36 ? 78  PRO A O   1 
ATOM   636  C CB  . PRO A 1 79 ? -10.744 8.310   -20.309 1.00 31.24 ? 78  PRO A CB  1 
ATOM   637  C CG  . PRO A 1 79 ? -10.451 8.459   -18.877 1.00 31.32 ? 78  PRO A CG  1 
ATOM   638  C CD  . PRO A 1 79 ? -10.788 9.873   -18.524 1.00 31.06 ? 78  PRO A CD  1 
ATOM   639  O OXT . PRO A 1 79 ? -12.654 10.204  -21.729 1.00 40.21 ? 78  PRO A OXT 1 
ATOM   640  N N   . GLY B 1 1  ? -2.167  -8.107  1.329   1.00 21.90 ? 0   GLY B N   1 
ATOM   641  C CA  . GLY B 1 1  ? -0.930  -7.284  1.291   1.00 21.89 ? 0   GLY B CA  1 
ATOM   642  C C   . GLY B 1 1  ? -0.540  -6.860  -0.103  1.00 20.38 ? 0   GLY B C   1 
ATOM   643  O O   . GLY B 1 1  ? -1.376  -6.832  -1.025  1.00 20.69 ? 0   GLY B O   1 
ATOM   644  N N   . MET B 1 2  ? 0.744   -6.542  -0.269  1.00 18.33 ? 1   MET B N   1 
ATOM   645  C CA  . MET B 1 2  ? 1.221   -6.017  -1.531  1.00 17.55 ? 1   MET B CA  1 
ATOM   646  C C   . MET B 1 2  ? 2.715   -6.229  -1.725  1.00 15.73 ? 1   MET B C   1 
ATOM   647  O O   . MET B 1 2  ? 3.449   -6.403  -0.770  1.00 15.92 ? 1   MET B O   1 
ATOM   648  C CB  . MET B 1 2  ? 0.898   -4.527  -1.610  1.00 17.17 ? 1   MET B CB  1 
ATOM   649  C CG  . MET B 1 2  ? 1.663   -3.698  -0.605  1.00 17.56 ? 1   MET B CG  1 
ATOM   650  S SD  . MET B 1 2  ? 0.788   -2.225  -0.120  1.00 17.55 ? 1   MET B SD  1 
ATOM   651  C CE  . MET B 1 2  ? 2.004   -1.560  1.012   1.00 18.77 ? 1   MET B CE  1 
ATOM   652  N N   . PRO B 1 3  ? 3.180   -6.184  -2.977  1.00 15.41 ? 2   PRO B N   1 
ATOM   653  C CA  . PRO B 1 3  ? 4.611   -6.257  -3.218  1.00 15.46 ? 2   PRO B CA  1 
ATOM   654  C C   . PRO B 1 3  ? 5.262   -4.898  -3.035  1.00 14.14 ? 2   PRO B C   1 
ATOM   655  O O   . PRO B 1 3  ? 4.673   -3.871  -3.408  1.00 13.88 ? 2   PRO B O   1 
ATOM   656  C CB  . PRO B 1 3  ? 4.686   -6.679  -4.687  1.00 16.26 ? 2   PRO B CB  1 
ATOM   657  C CG  . PRO B 1 3  ? 3.489   -6.081  -5.275  1.00 16.23 ? 2   PRO B CG  1 
ATOM   658  C CD  . PRO B 1 3  ? 2.411   -6.166  -4.234  1.00 16.12 ? 2   PRO B CD  1 
ATOM   659  N N   . ILE B 1 4  ? 6.449   -4.889  -2.434  1.00 12.69 ? 3   ILE B N   1 
ATOM   660  C CA  . ILE B 1 4  ? 7.331   -3.719  -2.507  1.00 12.55 ? 3   ILE B CA  1 
ATOM   661  C C   . ILE B 1 4  ? 8.699   -4.185  -2.955  1.00 12.03 ? 3   ILE B C   1 
ATOM   662  O O   . ILE B 1 4  ? 9.053   -5.357  -2.817  1.00 12.03 ? 3   ILE B O   1 
ATOM   663  C CB  . ILE B 1 4  ? 7.397   -2.911  -1.178  1.00 12.68 ? 3   ILE B CB  1 
ATOM   664  C CG1 . ILE B 1 4  ? 8.021   -3.726  -0.026  1.00 13.24 ? 3   ILE B CG1 1 
ATOM   665  C CG2 . ILE B 1 4  ? 6.002   -2.407  -0.806  1.00 13.01 ? 3   ILE B CG2 1 
ATOM   666  C CD1 . ILE B 1 4  ? 8.281   -2.887  1.217   1.00 13.68 ? 3   ILE B CD1 1 
ATOM   667  N N   . PHE B 1 5  ? 9.479   -3.250  -3.475  1.00 12.06 ? 4   PHE B N   1 
ATOM   668  C CA  . PHE B 1 5  ? 10.777  -3.547  -4.068  1.00 12.69 ? 4   PHE B CA  1 
ATOM   669  C C   . PHE B 1 5  ? 11.833  -2.685  -3.436  1.00 13.27 ? 4   PHE B C   1 
ATOM   670  O O   . PHE B 1 5  ? 11.812  -1.455  -3.570  1.00 14.28 ? 4   PHE B O   1 
ATOM   671  C CB  . PHE B 1 5  ? 10.681  -3.383  -5.591  1.00 12.94 ? 4   PHE B CB  1 
ATOM   672  C CG  . PHE B 1 5  ? 9.595   -4.222  -6.186  1.00 12.57 ? 4   PHE B CG  1 
ATOM   673  C CD1 . PHE B 1 5  ? 9.786   -5.587  -6.310  1.00 13.32 ? 4   PHE B CD1 1 
ATOM   674  C CD2 . PHE B 1 5  ? 8.362   -3.680  -6.512  1.00 12.92 ? 4   PHE B CD2 1 
ATOM   675  C CE1 . PHE B 1 5  ? 8.784   -6.401  -6.827  1.00 13.41 ? 4   PHE B CE1 1 
ATOM   676  C CE2 . PHE B 1 5  ? 7.355   -4.490  -7.033  1.00 13.78 ? 4   PHE B CE2 1 
ATOM   677  C CZ  . PHE B 1 5  ? 7.570   -5.850  -7.181  1.00 13.54 ? 4   PHE B CZ  1 
ATOM   678  N N   . VAL B 1 6  ? 12.747  -3.341  -2.736  1.00 13.02 ? 5   VAL B N   1 
ATOM   679  C CA  . VAL B 1 6  ? 13.821  -2.667  -2.027  1.00 13.34 ? 5   VAL B CA  1 
ATOM   680  C C   . VAL B 1 6  ? 15.055  -2.728  -2.901  1.00 14.06 ? 5   VAL B C   1 
ATOM   681  O O   . VAL B 1 6  ? 15.491  -3.797  -3.284  1.00 15.43 ? 5   VAL B O   1 
ATOM   682  C CB  . VAL B 1 6  ? 14.069  -3.331  -0.671  1.00 14.02 ? 5   VAL B CB  1 
ATOM   683  C CG1 . VAL B 1 6  ? 15.234  -2.660  0.061   1.00 14.53 ? 5   VAL B CG1 1 
ATOM   684  C CG2 . VAL B 1 6  ? 12.819  -3.255  0.183   1.00 13.89 ? 5   VAL B CG2 1 
ATOM   685  N N   . LYS B 1 7  ? 15.631  -1.574  -3.185  1.00 13.39 ? 6   LYS B N   1 
ATOM   686  C CA  . LYS B 1 7  ? 16.728  -1.483  -4.130  1.00 13.90 ? 6   LYS B CA  1 
ATOM   687  C C   . LYS B 1 7  ? 17.953  -0.928  -3.422  1.00 13.80 ? 6   LYS B C   1 
ATOM   688  O O   . LYS B 1 7  ? 17.888  0.098   -2.776  1.00 13.76 ? 6   LYS B O   1 
ATOM   689  C CB  . LYS B 1 7  ? 16.283  -0.629  -5.304  1.00 15.11 ? 6   LYS B CB  1 
ATOM   690  C CG  . LYS B 1 7  ? 15.180  -1.374  -6.070  1.00 17.29 ? 6   LYS B CG  1 
ATOM   691  C CD  . LYS B 1 7  ? 14.709  -0.667  -7.283  1.00 18.66 ? 6   LYS B CD  1 
ATOM   692  C CE  . LYS B 1 7  ? 13.455  -1.322  -7.838  1.00 17.90 ? 6   LYS B CE  1 
ATOM   693  N NZ  . LYS B 1 7  ? 13.615  -2.721  -8.339  1.00 17.33 ? 6   LYS B NZ  1 
ATOM   694  N N   . THR B 1 8  ? 19.068  -1.638  -3.519  1.00 14.27 ? 7   THR B N   1 
ATOM   695  C CA  . THR B 1 8  ? 20.312  -1.120  -2.972  1.00 15.50 ? 7   THR B CA  1 
ATOM   696  C C   . THR B 1 8  ? 20.894  -0.084  -3.917  1.00 17.12 ? 7   THR B C   1 
ATOM   697  O O   . THR B 1 8  ? 20.493  0.016   -5.084  1.00 16.83 ? 7   THR B O   1 
ATOM   698  C CB  . THR B 1 8  ? 21.348  -2.222  -2.751  1.00 15.69 ? 7   THR B CB  1 
ATOM   699  O OG1 . THR B 1 8  ? 21.769  -2.747  -4.016  1.00 15.28 ? 7   THR B OG1 1 
ATOM   700  C CG2 . THR B 1 8  ? 20.807  -3.347  -1.879  1.00 16.06 ? 7   THR B CG2 1 
ATOM   701  N N   A LEU B 1 9  ? 21.864  0.678   -3.419  0.50 18.28 ? 8   LEU B N   1 
ATOM   702  N N   B LEU B 1 9  ? 21.860  0.676   -3.406  0.50 17.98 ? 8   LEU B N   1 
ATOM   703  C CA  A LEU B 1 9  ? 22.637  1.587   -4.263  0.50 20.09 ? 8   LEU B CA  1 
ATOM   704  C CA  B LEU B 1 9  ? 22.644  1.590   -4.228  0.50 19.59 ? 8   LEU B CA  1 
ATOM   705  C C   A LEU B 1 9  ? 23.614  0.851   -5.183  0.50 21.82 ? 8   LEU B C   1 
ATOM   706  C C   B LEU B 1 9  ? 23.572  0.845   -5.196  0.50 21.53 ? 8   LEU B C   1 
ATOM   707  O O   A LEU B 1 9  ? 24.167  1.449   -6.110  0.50 23.63 ? 8   LEU B O   1 
ATOM   708  O O   B LEU B 1 9  ? 24.035  1.430   -6.177  0.50 23.83 ? 8   LEU B O   1 
ATOM   709  C CB  A LEU B 1 9  ? 23.390  2.591   -3.389  0.50 20.49 ? 8   LEU B CB  1 
ATOM   710  C CB  B LEU B 1 9  ? 23.473  2.516   -3.332  0.50 19.50 ? 8   LEU B CB  1 
ATOM   711  C CG  A LEU B 1 9  ? 22.565  3.823   -3.034  0.50 20.86 ? 8   LEU B CG  1 
ATOM   712  C CG  B LEU B 1 9  ? 22.737  3.408   -2.334  0.50 19.19 ? 8   LEU B CG  1 
ATOM   713  C CD1 A LEU B 1 9  ? 21.184  3.416   -2.527  0.50 21.00 ? 8   LEU B CD1 1 
ATOM   714  C CD1 B LEU B 1 9  ? 23.754  4.228   -1.554  0.50 19.28 ? 8   LEU B CD1 1 
ATOM   715  C CD2 A LEU B 1 9  ? 23.296  4.686   -2.021  0.50 20.85 ? 8   LEU B CD2 1 
ATOM   716  C CD2 B LEU B 1 9  ? 21.720  4.316   -3.012  0.50 19.79 ? 8   LEU B CD2 1 
ATOM   717  N N   . THR B 1 10 ? 23.851  -0.431  -4.909  1.00 22.04 ? 9   THR B N   1 
ATOM   718  C CA  . THR B 1 10 ? 24.674  -1.303  -5.772  1.00 24.50 ? 9   THR B CA  1 
ATOM   719  C C   . THR B 1 10 ? 23.860  -1.901  -6.927  1.00 27.92 ? 9   THR B C   1 
ATOM   720  O O   . THR B 1 10 ? 24.424  -2.627  -7.758  1.00 30.66 ? 9   THR B O   1 
ATOM   721  C CB  . THR B 1 10 ? 25.342  -2.434  -4.956  1.00 23.87 ? 9   THR B CB  1 
ATOM   722  O OG1 . THR B 1 10 ? 24.351  -3.293  -4.366  1.00 24.12 ? 9   THR B OG1 1 
ATOM   723  C CG2 . THR B 1 10 ? 26.216  -1.868  -3.830  1.00 23.05 ? 9   THR B CG2 1 
ATOM   724  N N   . GLY B 1 11 ? 22.550  -1.620  -6.967  1.00 27.58 ? 10  GLY B N   1 
ATOM   725  C CA  . GLY B 1 11 ? 21.688  -1.978  -8.084  1.00 29.45 ? 10  GLY B CA  1 
ATOM   726  C C   . GLY B 1 11 ? 20.904  -3.259  -7.865  1.00 28.07 ? 10  GLY B C   1 
ATOM   727  O O   . GLY B 1 11 ? 20.184  -3.704  -8.772  1.00 31.43 ? 10  GLY B O   1 
ATOM   728  N N   . LYS B 1 12 ? 21.010  -3.845  -6.675  1.00 22.47 ? 11  LYS B N   1 
ATOM   729  C CA  . LYS B 1 12 ? 20.361  -5.107  -6.398  1.00 21.18 ? 11  LYS B CA  1 
ATOM   730  C C   . LYS B 1 12 ? 18.902  -4.860  -5.999  1.00 18.56 ? 11  LYS B C   1 
ATOM   731  O O   . LYS B 1 12 ? 18.594  -3.896  -5.314  1.00 17.66 ? 11  LYS B O   1 
ATOM   732  C CB  . LYS B 1 12 ? 21.080  -5.867  -5.302  1.00 23.48 ? 11  LYS B CB  1 
ATOM   733  C CG  . LYS B 1 12 ? 20.559  -7.276  -5.165  1.00 27.11 ? 11  LYS B CG  1 
ATOM   734  C CD  . LYS B 1 12 ? 21.416  -8.141  -4.268  1.00 29.63 ? 11  LYS B CD  1 
ATOM   735  C CE  . LYS B 1 12 ? 20.914  -9.573  -4.368  1.00 31.04 ? 11  LYS B CE  1 
ATOM   736  N NZ  . LYS B 1 12 ? 21.679  -10.475 -3.476  1.00 33.07 ? 11  LYS B NZ  1 
ATOM   737  N N   . ASN B 1 13 ? 18.013  -5.740  -6.461  1.00 16.30 ? 12  ASN B N   1 
ATOM   738  C CA  . ASN B 1 13 ? 16.615  -5.691  -6.092  1.00 15.50 ? 12  ASN B CA  1 
ATOM   739  C C   . ASN B 1 13 ? 16.304  -6.747  -5.041  1.00 14.96 ? 12  ASN B C   1 
ATOM   740  O O   . ASN B 1 13 ? 16.772  -7.898  -5.138  1.00 15.72 ? 12  ASN B O   1 
ATOM   741  C CB  . ASN B 1 13 ? 15.726  -5.941  -7.321  1.00 14.95 ? 12  ASN B CB  1 
ATOM   742  C CG  . ASN B 1 13 ? 14.259  -6.033  -6.954  1.00 14.36 ? 12  ASN B CG  1 
ATOM   743  O OD1 . ASN B 1 13 ? 13.612  -5.021  -6.718  1.00 14.52 ? 12  ASN B OD1 1 
ATOM   744  N ND2 . ASN B 1 13 ? 13.734  -7.261  -6.861  1.00 14.98 ? 12  ASN B ND2 1 
ATOM   745  N N   . ILE B 1 14 ? 15.481  -6.376  -4.067  1.00 14.56 ? 13  ILE B N   1 
ATOM   746  C CA  . ILE B 1 14 ? 14.968  -7.296  -3.068  1.00 14.97 ? 13  ILE B CA  1 
ATOM   747  C C   . ILE B 1 14 ? 13.443  -7.196  -3.063  1.00 14.76 ? 13  ILE B C   1 
ATOM   748  O O   . ILE B 1 14 ? 12.870  -6.180  -2.669  1.00 14.61 ? 13  ILE B O   1 
ATOM   749  C CB  . ILE B 1 14 ? 15.534  -7.008  -1.651  1.00 16.23 ? 13  ILE B CB  1 
ATOM   750  C CG1 . ILE B 1 14 ? 17.066  -6.964  -1.651  1.00 17.64 ? 13  ILE B CG1 1 
ATOM   751  C CG2 . ILE B 1 14 ? 14.975  -8.010  -0.642  1.00 16.82 ? 13  ILE B CG2 1 
ATOM   752  C CD1 . ILE B 1 14 ? 17.622  -6.108  -0.524  1.00 19.26 ? 13  ILE B CD1 1 
ATOM   753  N N   . THR B 1 15 ? 12.776  -8.256  -3.499  1.00 14.63 ? 14  THR B N   1 
ATOM   754  C CA  . THR B 1 15 ? 11.317  -8.270  -3.576  1.00 14.98 ? 14  THR B CA  1 
ATOM   755  C C   . THR B 1 15 ? 10.705  -8.792  -2.294  1.00 14.45 ? 14  THR B C   1 
ATOM   756  O O   . THR B 1 15 ? 11.083  -9.867  -1.806  1.00 15.59 ? 14  THR B O   1 
ATOM   757  C CB  . THR B 1 15 ? 10.845  -9.160  -4.752  1.00 15.75 ? 14  THR B CB  1 
ATOM   758  O OG1 . THR B 1 15 ? 11.283  -8.578  -5.988  1.00 15.97 ? 14  THR B OG1 1 
ATOM   759  C CG2 . THR B 1 15 ? 9.346   -9.309  -4.772  1.00 16.53 ? 14  THR B CG2 1 
ATOM   760  N N   . LEU B 1 16 ? 9.781   -8.024  -1.736  1.00 14.61 ? 15  LEU B N   1 
ATOM   761  C CA  . LEU B 1 16 ? 9.090   -8.404  -0.493  1.00 15.37 ? 15  LEU B CA  1 
ATOM   762  C C   . LEU B 1 16 ? 7.580   -8.381  -0.691  1.00 16.29 ? 15  LEU B C   1 
ATOM   763  O O   . LEU B 1 16 ? 7.069   -7.639  -1.525  1.00 17.49 ? 15  LEU B O   1 
ATOM   764  C CB  . LEU B 1 16 ? 9.466   -7.454  0.632   1.00 15.91 ? 15  LEU B CB  1 
ATOM   765  C CG  . LEU B 1 16 ? 10.944  -7.329  0.980   1.00 16.20 ? 15  LEU B CG  1 
ATOM   766  C CD1 . LEU B 1 16 ? 11.124  -6.243  2.038   1.00 16.76 ? 15  LEU B CD1 1 
ATOM   767  C CD2 . LEU B 1 16 ? 11.478  -8.658  1.458   1.00 16.50 ? 15  LEU B CD2 1 
ATOM   768  N N   A GLU B 1 17 ? 6.863   -9.234  0.036   0.50 16.71 ? 16  GLU B N   1 
ATOM   769  N N   B GLU B 1 17 ? 6.901   -9.208  0.100   0.50 16.73 ? 16  GLU B N   1 
ATOM   770  C CA  A GLU B 1 17 ? 5.402   -9.143  0.120   0.50 17.53 ? 16  GLU B CA  1 
ATOM   771  C CA  B GLU B 1 17 ? 5.451   -9.231  0.209   0.50 17.65 ? 16  GLU B CA  1 
ATOM   772  C C   A GLU B 1 17 ? 5.112   -8.745  1.559   0.50 16.98 ? 16  GLU B C   1 
ATOM   773  C C   B GLU B 1 17 ? 5.153   -8.729  1.607   0.50 17.03 ? 16  GLU B C   1 
ATOM   774  O O   A GLU B 1 17 ? 5.538   -9.416  2.500   0.50 17.71 ? 16  GLU B O   1 
ATOM   775  O O   B GLU B 1 17 ? 5.622   -9.318  2.585   0.50 17.65 ? 16  GLU B O   1 
ATOM   776  C CB  A GLU B 1 17 ? 4.694   -10.455 -0.253  0.50 19.01 ? 16  GLU B CB  1 
ATOM   777  C CB  B GLU B 1 17 ? 4.935   -10.659 0.045   0.50 19.12 ? 16  GLU B CB  1 
ATOM   778  C CG  A GLU B 1 17 ? 3.172   -10.316 -0.338  0.50 20.64 ? 16  GLU B CG  1 
ATOM   779  C CG  B GLU B 1 17 ? 4.863   -11.097 -1.395  0.50 20.73 ? 16  GLU B CG  1 
ATOM   780  C CD  A GLU B 1 17 ? 2.702   -9.593  -1.603  0.50 22.20 ? 16  GLU B CD  1 
ATOM   781  C CD  B GLU B 1 17 ? 3.675   -10.497 -2.115  0.50 21.87 ? 16  GLU B CD  1 
ATOM   782  O OE1 A GLU B 1 17 ? 3.544   -9.329  -2.493  0.50 24.48 ? 16  GLU B OE1 1 
ATOM   783  O OE1 B GLU B 1 17 ? 2.700   -10.115 -1.427  0.50 24.32 ? 16  GLU B OE1 1 
ATOM   784  O OE2 A GLU B 1 17 ? 1.486   -9.295  -1.732  0.50 24.15 ? 16  GLU B OE2 1 
ATOM   785  O OE2 B GLU B 1 17 ? 3.714   -10.406 -3.365  0.50 24.50 ? 16  GLU B OE2 1 
ATOM   786  N N   . VAL B 1 18 ? 4.414   -7.633  1.710   1.00 15.87 ? 17  VAL B N   1 
ATOM   787  C CA  . VAL B 1 18 ? 4.212   -6.971  2.995   1.00 16.18 ? 17  VAL B CA  1 
ATOM   788  C C   . VAL B 1 18 ? 2.748   -6.595  3.225   1.00 16.93 ? 17  VAL B C   1 
ATOM   789  O O   . VAL B 1 18 ? 1.953   -6.544  2.291   1.00 17.92 ? 17  VAL B O   1 
ATOM   790  C CB  . VAL B 1 18 ? 5.087   -5.690  3.106   1.00 15.34 ? 17  VAL B CB  1 
ATOM   791  C CG1 . VAL B 1 18 ? 6.564   -6.021  2.976   1.00 15.68 ? 17  VAL B CG1 1 
ATOM   792  C CG2 . VAL B 1 18 ? 4.692   -4.617  2.072   1.00 15.83 ? 17  VAL B CG2 1 
ATOM   793  N N   . GLU B 1 19 ? 2.414   -6.297  4.477   1.00 17.70 ? 18  GLU B N   1 
ATOM   794  C CA  . GLU B 1 19 ? 1.128   -5.746  4.837   1.00 17.97 ? 18  GLU B CA  1 
ATOM   795  C C   . GLU B 1 19 ? 1.335   -4.298  5.259   1.00 16.72 ? 18  GLU B C   1 
ATOM   796  O O   . GLU B 1 19 ? 2.365   -3.976  5.850   1.00 15.87 ? 18  GLU B O   1 
ATOM   797  C CB  . GLU B 1 19 ? 0.474   -6.552  5.963   1.00 20.81 ? 18  GLU B CB  1 
ATOM   798  C CG  . GLU B 1 19 ? 0.072   -7.970  5.564   1.00 23.59 ? 18  GLU B CG  1 
ATOM   799  C CD  . GLU B 1 19 ? -1.095  -8.044  4.580   1.00 29.80 ? 18  GLU B CD  1 
ATOM   800  O OE1 . GLU B 1 19 ? -1.802  -7.027  4.363   1.00 35.43 ? 18  GLU B OE1 1 
ATOM   801  O OE2 . GLU B 1 19 ? -1.310  -9.136  3.999   1.00 33.68 ? 18  GLU B OE2 1 
ATOM   802  N N   . PRO B 1 20 ? 0.369   -3.406  4.955   1.00 15.75 ? 19  PRO B N   1 
ATOM   803  C CA  . PRO B 1 20 ? 0.556   -1.998  5.321   1.00 15.28 ? 19  PRO B CA  1 
ATOM   804  C C   . PRO B 1 20 ? 0.788   -1.734  6.798   1.00 15.80 ? 19  PRO B C   1 
ATOM   805  O O   . PRO B 1 20 ? 1.462   -0.763  7.133   1.00 14.08 ? 19  PRO B O   1 
ATOM   806  C CB  . PRO B 1 20 ? -0.731  -1.324  4.857   1.00 16.31 ? 19  PRO B CB  1 
ATOM   807  C CG  . PRO B 1 20 ? -1.291  -2.220  3.837   1.00 16.47 ? 19  PRO B CG  1 
ATOM   808  C CD  . PRO B 1 20 ? -0.824  -3.604  4.110   1.00 16.11 ? 19  PRO B CD  1 
ATOM   809  N N   . SER B 1 21 ? 0.234   -2.579  7.665   1.00 14.81 ? 20  SER B N   1 
ATOM   810  C CA  . SER B 1 21 ? 0.429   -2.477  9.092   1.00 15.17 ? 20  SER B CA  1 
ATOM   811  C C   . SER B 1 21 ? 1.737   -3.079  9.592   1.00 15.83 ? 20  SER B C   1 
ATOM   812  O O   . SER B 1 21 ? 2.011   -3.038  10.788  1.00 15.87 ? 20  SER B O   1 
ATOM   813  C CB  . SER B 1 21 ? -0.780  -3.074  9.851   1.00 16.34 ? 20  SER B CB  1 
ATOM   814  O OG  . SER B 1 21 ? -0.958  -4.436  9.518   1.00 17.28 ? 20  SER B OG  1 
ATOM   815  N N   . ASP B 1 22 ? 2.546   -3.658  8.712   1.00 15.27 ? 21  ASP B N   1 
ATOM   816  C CA  . ASP B 1 22 ? 3.871   -4.154  9.143   1.00 15.61 ? 21  ASP B CA  1 
ATOM   817  C C   . ASP B 1 22 ? 4.749   -2.968  9.548   1.00 15.91 ? 21  ASP B C   1 
ATOM   818  O O   . ASP B 1 22 ? 4.708   -1.925  8.911   1.00 15.53 ? 21  ASP B O   1 
ATOM   819  C CB  . ASP B 1 22 ? 4.596   -4.897  8.027   1.00 16.45 ? 21  ASP B CB  1 
ATOM   820  C CG  . ASP B 1 22 ? 3.960   -6.230  7.668   1.00 17.55 ? 21  ASP B CG  1 
ATOM   821  O OD1 . ASP B 1 22 ? 3.109   -6.750  8.436   1.00 20.13 ? 21  ASP B OD1 1 
ATOM   822  O OD2 . ASP B 1 22 ? 4.314   -6.781  6.606   1.00 17.88 ? 21  ASP B OD2 1 
ATOM   823  N N   . THR B 1 23 ? 5.540   -3.141  10.603  1.00 15.65 ? 22  THR B N   1 
ATOM   824  C CA  . THR B 1 23 ? 6.472   -2.111  11.017  1.00 16.15 ? 22  THR B CA  1 
ATOM   825  C C   . THR B 1 23 ? 7.710   -2.138  10.123  1.00 15.39 ? 22  THR B C   1 
ATOM   826  O O   . THR B 1 23 ? 8.029   -3.124  9.478   1.00 15.66 ? 22  THR B O   1 
ATOM   827  C CB  . THR B 1 23 ? 6.955   -2.295  12.462  1.00 17.75 ? 22  THR B CB  1 
ATOM   828  O OG1 . THR B 1 23 ? 7.593   -3.577  12.582  1.00 18.41 ? 22  THR B OG1 1 
ATOM   829  C CG2 . THR B 1 23 ? 5.776   -2.176  13.438  1.00 18.98 ? 22  THR B CG2 1 
ATOM   830  N N   . ILE B 1 24 ? 8.415   -1.029  10.138  1.00 15.11 ? 23  ILE B N   1 
ATOM   831  C CA  . ILE B 1 24 ? 9.646   -0.896  9.387   1.00 15.25 ? 23  ILE B CA  1 
ATOM   832  C C   . ILE B 1 24 ? 10.621  -1.951  9.909   1.00 15.79 ? 23  ILE B C   1 
ATOM   833  O O   . ILE B 1 24 ? 11.303  -2.596  9.132   1.00 14.68 ? 23  ILE B O   1 
ATOM   834  C CB  . ILE B 1 24 ? 10.207  0.537   9.504   1.00 15.93 ? 23  ILE B CB  1 
ATOM   835  C CG1 . ILE B 1 24 ? 9.226   1.580   8.901   1.00 16.77 ? 23  ILE B CG1 1 
ATOM   836  C CG2 . ILE B 1 24 ? 11.589  0.660   8.871   1.00 16.15 ? 23  ILE B CG2 1 
ATOM   837  C CD1 . ILE B 1 24 ? 8.653   1.272   7.541   1.00 17.72 ? 23  ILE B CD1 1 
ATOM   838  N N   . GLU B 1 25 ? 10.657  -2.127  11.226  1.00 16.32 ? 24  GLU B N   1 
ATOM   839  C CA  . GLU B 1 25 ? 11.517  -3.141  11.846  1.00 17.51 ? 24  GLU B CA  1 
ATOM   840  C C   . GLU B 1 25 ? 11.212  -4.550  11.307  1.00 17.57 ? 24  GLU B C   1 
ATOM   841  O O   . GLU B 1 25 ? 12.133  -5.316  11.037  1.00 17.00 ? 24  GLU B O   1 
ATOM   842  C CB  . GLU B 1 25 ? 11.362  -3.086  13.378  1.00 20.12 ? 24  GLU B CB  1 
ATOM   843  C CG  . GLU B 1 25 ? 12.422  -3.855  14.160  1.00 23.55 ? 24  GLU B CG  1 
ATOM   844  N N   . ASN B 1 26 ? 9.928   -4.875  11.126  1.00 16.91 ? 25  ASN B N   1 
ATOM   845  C CA  . ASN B 1 26 ? 9.498   -6.133  10.506  1.00 18.59 ? 25  ASN B CA  1 
ATOM   846  C C   . ASN B 1 26 ? 10.046  -6.289  9.085   1.00 16.71 ? 25  ASN B C   1 
ATOM   847  O O   . ASN B 1 26 ? 10.555  -7.334  8.696   1.00 16.18 ? 25  ASN B O   1 
ATOM   848  C CB  . ASN B 1 26 ? 7.975   -6.221  10.474  1.00 21.42 ? 25  ASN B CB  1 
ATOM   849  C CG  . ASN B 1 26 ? 7.477   -7.594  10.082  1.00 24.97 ? 25  ASN B CG  1 
ATOM   850  O OD1 . ASN B 1 26 ? 7.336   -7.924  8.897   1.00 27.98 ? 25  ASN B OD1 1 
ATOM   851  N ND2 . ASN B 1 26 ? 7.190   -8.411  11.090  1.00 29.48 ? 25  ASN B ND2 1 
ATOM   852  N N   . VAL B 1 27 ? 9.909   -5.242  8.293   1.00 15.82 ? 26  VAL B N   1 
ATOM   853  C CA  . VAL B 1 27 ? 10.467  -5.237  6.933   1.00 14.98 ? 26  VAL B CA  1 
ATOM   854  C C   . VAL B 1 27 ? 11.994  -5.484  6.937   1.00 14.57 ? 26  VAL B C   1 
ATOM   855  O O   . VAL B 1 27 ? 12.502  -6.305  6.171   1.00 14.23 ? 26  VAL B O   1 
ATOM   856  C CB  . VAL B 1 27 ? 10.114  -3.906  6.209   1.00 15.31 ? 26  VAL B CB  1 
ATOM   857  C CG1 . VAL B 1 27 ? 10.821  -3.780  4.861   1.00 15.60 ? 26  VAL B CG1 1 
ATOM   858  C CG2 . VAL B 1 27 ? 8.593   -3.772  6.075   1.00 16.56 ? 26  VAL B CG2 1 
ATOM   859  N N   . LYS B 1 28 ? 12.710  -4.795  7.822   1.00 13.38 ? 27  LYS B N   1 
ATOM   860  C CA  . LYS B 1 28 ? 14.153  -4.981  7.961   1.00 13.23 ? 27  LYS B CA  1 
ATOM   861  C C   . LYS B 1 28 ? 14.507  -6.416  8.356   1.00 13.11 ? 27  LYS B C   1 
ATOM   862  O O   . LYS B 1 28 ? 15.501  -6.945  7.893   1.00 12.85 ? 27  LYS B O   1 
ATOM   863  C CB  . LYS B 1 28 ? 14.732  -3.949  8.946   1.00 13.08 ? 27  LYS B CB  1 
ATOM   864  C CG  . LYS B 1 28 ? 14.668  -2.531  8.430   1.00 13.74 ? 27  LYS B CG  1 
ATOM   865  C CD  . LYS B 1 28 ? 15.319  -1.569  9.387   1.00 13.81 ? 27  LYS B CD  1 
ATOM   866  C CE  . LYS B 1 28 ? 15.452  -0.204  8.752   1.00 14.90 ? 27  LYS B CE  1 
ATOM   867  N NZ  . LYS B 1 28 ? 15.993  0.820   9.679   1.00 15.91 ? 27  LYS B NZ  1 
ATOM   868  N N   . ALA B 1 29 ? 13.672  -7.066  9.170   1.00 13.39 ? 28  ALA B N   1 
ATOM   869  C CA  . ALA B 1 29 ? 13.911  -8.480  9.494   1.00 14.03 ? 28  ALA B CA  1 
ATOM   870  C C   . ALA B 1 29 ? 13.835  -9.380  8.270   1.00 14.16 ? 28  ALA B C   1 
ATOM   871  O O   . ALA B 1 29 ? 14.689  -10.259 8.090   1.00 14.46 ? 28  ALA B O   1 
ATOM   872  C CB  . ALA B 1 29 ? 12.966  -8.950  10.593  1.00 13.80 ? 28  ALA B CB  1 
ATOM   873  N N   . LYS B 1 30 ? 12.877  -9.106  7.383   1.00 15.06 ? 29  LYS B N   1 
ATOM   874  C CA  . LYS B 1 30 ? 12.814  -9.839  6.114   1.00 15.85 ? 29  LYS B CA  1 
ATOM   875  C C   . LYS B 1 30 ? 14.052  -9.607  5.260   1.00 15.24 ? 29  LYS B C   1 
ATOM   876  O O   . LYS B 1 30 ? 14.553  -10.522 4.619   1.00 16.10 ? 29  LYS B O   1 
ATOM   877  C CB  . LYS B 1 30 ? 11.561  -9.474  5.330   1.00 18.03 ? 29  LYS B CB  1 
ATOM   878  C CG  . LYS B 1 30 ? 10.308  -9.971  5.989   1.00 19.86 ? 29  LYS B CG  1 
ATOM   879  C CD  . LYS B 1 30 ? 9.097   -9.565  5.191   1.00 22.44 ? 29  LYS B CD  1 
ATOM   880  C CE  . LYS B 1 30 ? 7.870   -10.259 5.756   1.00 24.92 ? 29  LYS B CE  1 
ATOM   881  N NZ  . LYS B 1 30 ? 6.661   -9.735  5.096   1.00 26.41 ? 29  LYS B NZ  1 
ATOM   882  N N   . ILE B 1 31 ? 14.587  -8.385  5.291   1.00 14.50 ? 30  ILE B N   1 
ATOM   883  C CA  . ILE B 1 31 ? 15.810  -8.080  4.574   1.00 14.29 ? 30  ILE B CA  1 
ATOM   884  C C   . ILE B 1 31 ? 17.024  -8.827  5.153   1.00 14.44 ? 30  ILE B C   1 
ATOM   885  O O   . ILE B 1 31 ? 17.897  -9.260  4.411   1.00 14.20 ? 30  ILE B O   1 
ATOM   886  C CB  . ILE B 1 31 ? 16.038  -6.549  4.493   1.00 14.38 ? 30  ILE B CB  1 
ATOM   887  C CG1 . ILE B 1 31 ? 14.949  -5.953  3.598   1.00 15.04 ? 30  ILE B CG1 1 
ATOM   888  C CG2 . ILE B 1 31 ? 17.430  -6.234  3.948   1.00 14.61 ? 30  ILE B CG2 1 
ATOM   889  C CD1 . ILE B 1 31 ? 14.810  -4.464  3.661   1.00 15.62 ? 30  ILE B CD1 1 
ATOM   890  N N   . GLN B 1 32 ? 17.073  -8.994  6.469   1.00 13.56 ? 31  GLN B N   1 
ATOM   891  C CA  . GLN B 1 32 ? 18.134  -9.822  7.049   1.00 14.58 ? 31  GLN B CA  1 
ATOM   892  C C   . GLN B 1 32 ? 18.102  -11.243 6.470   1.00 15.17 ? 31  GLN B C   1 
ATOM   893  O O   . GLN B 1 32 ? 19.152  -11.781 6.110   1.00 15.24 ? 31  GLN B O   1 
ATOM   894  C CB  . GLN B 1 32 ? 18.074  -9.877  8.584   1.00 13.67 ? 31  GLN B CB  1 
ATOM   895  C CG  . GLN B 1 32 ? 19.165  -10.820 9.101   1.00 13.81 ? 31  GLN B CG  1 
ATOM   896  C CD  . GLN B 1 32 ? 19.385  -10.808 10.589  1.00 13.75 ? 31  GLN B CD  1 
ATOM   897  O OE1 . GLN B 1 32 ? 19.565  -9.768  11.194  1.00 14.06 ? 31  GLN B OE1 1 
ATOM   898  N NE2 . GLN B 1 32 ? 19.383  -12.006 11.197  1.00 13.32 ? 31  GLN B NE2 1 
ATOM   899  N N   A ASP B 1 33 ? 16.925  -11.853 6.389   0.50 16.22 ? 32  ASP B N   1 
ATOM   900  N N   B ASP B 1 33 ? 16.905  -11.817 6.382   0.50 16.56 ? 32  ASP B N   1 
ATOM   901  C CA  A ASP B 1 33 ? 16.846  -13.214 5.845   0.50 17.72 ? 32  ASP B CA  1 
ATOM   902  C CA  B ASP B 1 33 ? 16.726  -13.178 5.873   0.50 18.33 ? 32  ASP B CA  1 
ATOM   903  C C   A ASP B 1 33 ? 17.288  -13.282 4.397   0.50 18.38 ? 32  ASP B C   1 
ATOM   904  C C   B ASP B 1 33 ? 17.125  -13.341 4.405   0.50 19.02 ? 32  ASP B C   1 
ATOM   905  O O   A ASP B 1 33 ? 18.039  -14.181 4.021   0.50 18.49 ? 32  ASP B O   1 
ATOM   906  O O   B ASP B 1 33 ? 17.644  -14.385 4.022   0.50 19.33 ? 32  ASP B O   1 
ATOM   907  C CB  A ASP B 1 33 ? 15.453  -13.771 5.949   0.50 18.64 ? 32  ASP B CB  1 
ATOM   908  C CB  B ASP B 1 33 ? 15.284  -13.609 6.053   0.50 19.97 ? 32  ASP B CB  1 
ATOM   909  C CG  A ASP B 1 33 ? 15.217  -14.500 7.246   0.50 19.43 ? 32  ASP B CG  1 
ATOM   910  C CG  B ASP B 1 33 ? 15.049  -15.045 5.640   0.50 20.52 ? 32  ASP B CG  1 
ATOM   911  O OD1 A ASP B 1 33 ? 16.191  -14.999 7.873   0.50 20.72 ? 32  ASP B OD1 1 
ATOM   912  O OD1 B ASP B 1 33 ? 15.846  -15.913 6.031   0.50 23.16 ? 32  ASP B OD1 1 
ATOM   913  O OD2 A ASP B 1 33 ? 14.044  -14.558 7.637   0.50 19.96 ? 32  ASP B OD2 1 
ATOM   914  O OD2 B ASP B 1 33 ? 14.058  -15.287 4.934   0.50 23.52 ? 32  ASP B OD2 1 
ATOM   915  N N   . LYS B 1 34 ? 16.837  -12.332 3.587   1.00 18.95 ? 33  LYS B N   1 
ATOM   916  C CA  . LYS B 1 34 ? 17.186  -12.358 2.160   1.00 20.74 ? 33  LYS B CA  1 
ATOM   917  C C   . LYS B 1 34 ? 18.631  -11.987 1.866   1.00 21.05 ? 33  LYS B C   1 
ATOM   918  O O   . LYS B 1 34 ? 19.234  -12.579 0.963   1.00 22.77 ? 33  LYS B O   1 
ATOM   919  C CB  . LYS B 1 34 ? 16.228  -11.487 1.361   1.00 22.96 ? 33  LYS B CB  1 
ATOM   920  C CG  . LYS B 1 34 ? 14.815  -12.000 1.454   1.00 26.43 ? 33  LYS B CG  1 
ATOM   921  C CD  . LYS B 1 34 ? 13.901  -11.399 0.412   1.00 30.32 ? 33  LYS B CD  1 
ATOM   922  C CE  . LYS B 1 34 ? 12.535  -12.071 0.453   1.00 31.71 ? 33  LYS B CE  1 
ATOM   923  N NZ  . LYS B 1 34 ? 12.543  -13.462 -0.084  1.00 33.75 ? 33  LYS B NZ  1 
ATOM   924  N N   . GLU B 1 35 ? 19.199  -11.040 2.614   1.00 19.83 ? 34  GLU B N   1 
ATOM   925  C CA  . GLU B 1 35 ? 20.474  -10.425 2.267   1.00 21.09 ? 34  GLU B CA  1 
ATOM   926  C C   . GLU B 1 35 ? 21.576  -10.425 3.317   1.00 19.26 ? 34  GLU B C   1 
ATOM   927  O O   . GLU B 1 35 ? 22.705  -10.027 3.025   1.00 19.29 ? 34  GLU B O   1 
ATOM   928  C CB  . GLU B 1 35 ? 20.221  -8.988  1.830   1.00 23.41 ? 34  GLU B CB  1 
ATOM   929  C CG  . GLU B 1 35 ? 19.295  -8.863  0.629   1.00 26.30 ? 34  GLU B CG  1 
ATOM   930  C CD  . GLU B 1 35 ? 19.772  -9.565  -0.642  1.00 29.08 ? 34  GLU B CD  1 
ATOM   931  O OE1 . GLU B 1 35 ? 20.968  -9.455  -0.939  1.00 30.28 ? 34  GLU B OE1 1 
ATOM   932  O OE2 . GLU B 1 35 ? 18.945  -10.205 -1.352  1.00 33.12 ? 34  GLU B OE2 1 
ATOM   933  N N   . GLY B 1 36 ? 21.276  -10.849 4.536   1.00 17.50 ? 35  GLY B N   1 
ATOM   934  C CA  . GLY B 1 36 ? 22.305  -10.981 5.564   1.00 16.65 ? 35  GLY B CA  1 
ATOM   935  C C   . GLY B 1 36 ? 22.761  -9.680  6.188   1.00 16.15 ? 35  GLY B C   1 
ATOM   936  O O   . GLY B 1 36 ? 23.888  -9.567  6.638   1.00 17.01 ? 35  GLY B O   1 
ATOM   937  N N   . ILE B 1 37 ? 21.884  -8.680  6.171   1.00 14.79 ? 36  ILE B N   1 
ATOM   938  C CA  . ILE B 1 37 ? 22.155  -7.377  6.741   1.00 14.63 ? 36  ILE B CA  1 
ATOM   939  C C   . ILE B 1 37 ? 21.227  -7.226  7.959   1.00 13.89 ? 36  ILE B C   1 
ATOM   940  O O   . ILE B 1 37 ? 20.007  -7.366  7.800   1.00 14.14 ? 36  ILE B O   1 
ATOM   941  C CB  . ILE B 1 37 ? 21.854  -6.234  5.728   1.00 14.85 ? 36  ILE B CB  1 
ATOM   942  C CG1 . ILE B 1 37 ? 22.528  -6.465  4.360   1.00 16.17 ? 36  ILE B CG1 1 
ATOM   943  C CG2 . ILE B 1 37 ? 22.262  -4.901  6.345   1.00 14.98 ? 36  ILE B CG2 1 
ATOM   944  C CD1 . ILE B 1 37 ? 21.898  -5.659  3.237   1.00 17.36 ? 36  ILE B CD1 1 
ATOM   945  N N   . PRO B 1 38 ? 21.783  -6.951  9.171   1.00 13.30 ? 37  PRO B N   1 
ATOM   946  C CA  . PRO B 1 38 ? 20.884  -6.833  10.325  1.00 12.78 ? 37  PRO B CA  1 
ATOM   947  C C   . PRO B 1 38 ? 20.108  -5.521  10.271  1.00 13.36 ? 37  PRO B C   1 
ATOM   948  O O   . PRO B 1 38 ? 20.581  -4.560  9.666   1.00 13.02 ? 37  PRO B O   1 
ATOM   949  C CB  . PRO B 1 38 ? 21.841  -6.788  11.517  1.00 13.11 ? 37  PRO B CB  1 
ATOM   950  C CG  . PRO B 1 38 ? 23.083  -6.195  10.948  1.00 13.10 ? 37  PRO B CG  1 
ATOM   951  C CD  . PRO B 1 38 ? 23.182  -6.672  9.546   1.00 13.14 ? 37  PRO B CD  1 
ATOM   952  N N   . PRO B 1 39 ? 18.939  -5.465  10.921  1.00 13.13 ? 38  PRO B N   1 
ATOM   953  C CA  . PRO B 1 39 ? 18.142  -4.251  10.863  1.00 13.21 ? 38  PRO B CA  1 
ATOM   954  C C   . PRO B 1 39 ? 18.876  -2.997  11.320  1.00 13.19 ? 38  PRO B C   1 
ATOM   955  O O   . PRO B 1 39 ? 18.700  -1.926  10.722  1.00 13.31 ? 38  PRO B O   1 
ATOM   956  C CB  . PRO B 1 39 ? 16.954  -4.579  11.784  1.00 13.62 ? 38  PRO B CB  1 
ATOM   957  C CG  . PRO B 1 39 ? 16.776  -6.039  11.613  1.00 14.06 ? 38  PRO B CG  1 
ATOM   958  C CD  . PRO B 1 39 ? 18.178  -6.576  11.516  1.00 14.10 ? 38  PRO B CD  1 
ATOM   959  N N   . ASP B 1 40 ? 19.717  -3.110  12.346  1.00 14.00 ? 39  ASP B N   1 
ATOM   960  C CA  . ASP B 1 40 ? 20.426  -1.924  12.850  1.00 14.76 ? 39  ASP B CA  1 
ATOM   961  C C   . ASP B 1 40 ? 21.492  -1.377  11.904  1.00 15.07 ? 39  ASP B C   1 
ATOM   962  O O   . ASP B 1 40 ? 21.976  -0.265  12.119  1.00 16.91 ? 39  ASP B O   1 
ATOM   963  C CB  . ASP B 1 40 ? 20.985  -2.067  14.281  1.00 16.40 ? 39  ASP B CB  1 
ATOM   964  C CG  . ASP B 1 40 ? 21.872  -3.243  14.479  1.00 17.56 ? 39  ASP B CG  1 
ATOM   965  O OD1 . ASP B 1 40 ? 22.310  -3.927  13.521  1.00 18.78 ? 39  ASP B OD1 1 
ATOM   966  O OD2 . ASP B 1 40 ? 22.153  -3.497  15.679  1.00 20.64 ? 39  ASP B OD2 1 
ATOM   967  N N   . GLN B 1 41 ? 21.827  -2.107  10.849  1.00 13.53 ? 40  GLN B N   1 
ATOM   968  C CA  . GLN B 1 41 ? 22.717  -1.602  9.805   1.00 13.35 ? 40  GLN B CA  1 
ATOM   969  C C   . GLN B 1 41 ? 22.009  -1.344  8.472   1.00 12.72 ? 40  GLN B C   1 
ATOM   970  O O   . GLN B 1 41 ? 22.675  -1.147  7.447   1.00 13.62 ? 40  GLN B O   1 
ATOM   971  C CB  . GLN B 1 41 ? 23.912  -2.552  9.613   1.00 13.81 ? 40  GLN B CB  1 
ATOM   972  C CG  . GLN B 1 41 ? 24.755  -2.673  10.867  1.00 14.53 ? 40  GLN B CG  1 
ATOM   973  C CD  . GLN B 1 41 ? 25.940  -3.608  10.699  1.00 15.45 ? 40  GLN B CD  1 
ATOM   974  O OE1 . GLN B 1 41 ? 25.766  -4.798  10.437  1.00 16.99 ? 40  GLN B OE1 1 
ATOM   975  N NE2 . GLN B 1 41 ? 27.147  -3.087  10.877  1.00 15.77 ? 40  GLN B NE2 1 
ATOM   976  N N   . GLN B 1 42 ? 20.688  -1.279  8.501   1.00 12.51 ? 41  GLN B N   1 
ATOM   977  C CA  . GLN B 1 42 ? 19.883  -0.916  7.340   1.00 12.51 ? 41  GLN B CA  1 
ATOM   978  C C   . GLN B 1 42 ? 19.296  0.463   7.515   1.00 12.91 ? 41  GLN B C   1 
ATOM   979  O O   . GLN B 1 42 ? 18.687  0.760   8.544   1.00 13.44 ? 41  GLN B O   1 
ATOM   980  C CB  . GLN B 1 42 ? 18.721  -1.878  7.162   1.00 12.47 ? 41  GLN B CB  1 
ATOM   981  C CG  . GLN B 1 42 ? 19.076  -3.323  6.875   1.00 12.72 ? 41  GLN B CG  1 
ATOM   982  C CD  . GLN B 1 42 ? 17.842  -4.190  6.819   1.00 12.99 ? 41  GLN B CD  1 
ATOM   983  O OE1 . GLN B 1 42 ? 16.803  -3.756  6.315   1.00 13.31 ? 41  GLN B OE1 1 
ATOM   984  N NE2 . GLN B 1 42 ? 17.941  -5.427  7.324   1.00 12.85 ? 41  GLN B NE2 1 
ATOM   985  N N   . ARG B 1 43 ? 19.481  1.301   6.508   1.00 12.73 ? 42  ARG B N   1 
ATOM   986  C CA  . ARG B 1 43 ? 18.733  2.537   6.350   1.00 14.02 ? 42  ARG B CA  1 
ATOM   987  C C   . ARG B 1 43 ? 17.807  2.346   5.169   1.00 13.08 ? 42  ARG B C   1 
ATOM   988  O O   . ARG B 1 43 ? 18.286  2.202   4.054   1.00 13.52 ? 42  ARG B O   1 
ATOM   989  C CB  . ARG B 1 43 ? 19.656  3.725   6.106   1.00 15.93 ? 42  ARG B CB  1 
ATOM   990  C CG  . ARG B 1 43 ? 18.926  5.004   5.725   1.00 19.05 ? 42  ARG B CG  1 
ATOM   991  C CD  . ARG B 1 43 ? 19.899  6.144   5.461   1.00 22.60 ? 42  ARG B CD  1 
ATOM   992  N NE  . ARG B 1 43 ? 20.438  6.687   6.700   1.00 27.39 ? 42  ARG B NE  1 
ATOM   993  C CZ  . ARG B 1 43 ? 21.389  7.629   6.772   1.00 32.24 ? 42  ARG B CZ  1 
ATOM   994  N NH1 . ARG B 1 43 ? 21.950  8.126   5.667   1.00 35.20 ? 42  ARG B NH1 1 
ATOM   995  N NH2 . ARG B 1 43 ? 21.803  8.066   7.966   1.00 34.32 ? 42  ARG B NH2 1 
ATOM   996  N N   . LEU B 1 44 ? 16.499  2.407   5.417   1.00 12.78 ? 43  LEU B N   1 
ATOM   997  C CA  . LEU B 1 44 ? 15.495  2.359   4.355   1.00 12.63 ? 43  LEU B CA  1 
ATOM   998  C C   . LEU B 1 44 ? 14.980  3.766   4.108   1.00 12.94 ? 43  LEU B C   1 
ATOM   999  O O   . LEU B 1 44 ? 14.802  4.545   5.037   1.00 13.53 ? 43  LEU B O   1 
ATOM   1000 C CB  . LEU B 1 44 ? 14.349  1.435   4.743   1.00 13.00 ? 43  LEU B CB  1 
ATOM   1001 C CG  . LEU B 1 44 ? 14.653  -0.059  4.689   1.00 13.13 ? 43  LEU B CG  1 
ATOM   1002 C CD1 . LEU B 1 44 ? 13.459  -0.832  5.226   1.00 13.38 ? 43  LEU B CD1 1 
ATOM   1003 C CD2 . LEU B 1 44 ? 15.009  -0.498  3.292   1.00 13.85 ? 43  LEU B CD2 1 
ATOM   1004 N N   . ILE B 1 45 ? 14.741  4.065   2.828   1.00 13.27 ? 44  ILE B N   1 
ATOM   1005 C CA  . ILE B 1 45 ? 14.357  5.395   2.363   1.00 13.55 ? 44  ILE B CA  1 
ATOM   1006 C C   . ILE B 1 45 ? 13.168  5.243   1.402   1.00 13.90 ? 44  ILE B C   1 
ATOM   1007 O O   . ILE B 1 45 ? 13.223  4.409   0.496   1.00 14.24 ? 44  ILE B O   1 
ATOM   1008 C CB  . ILE B 1 45 ? 15.535  6.081   1.654   1.00 15.25 ? 44  ILE B CB  1 
ATOM   1009 C CG1 . ILE B 1 45 ? 16.822  6.026   2.513   1.00 16.58 ? 44  ILE B CG1 1 
ATOM   1010 C CG2 . ILE B 1 45 ? 15.187  7.515   1.316   1.00 15.84 ? 44  ILE B CG2 1 
ATOM   1011 C CD1 . ILE B 1 45 ? 18.087  6.462   1.817   1.00 17.59 ? 44  ILE B CD1 1 
ATOM   1012 N N   . PHE B 1 46 ? 12.112  6.026   1.625   1.00 12.85 ? 45  PHE B N   1 
ATOM   1013 C CA  . PHE B 1 46 ? 10.954  6.072   0.719   1.00 12.71 ? 45  PHE B CA  1 
ATOM   1014 C C   . PHE B 1 46 ? 10.763  7.499   0.267   1.00 12.56 ? 45  PHE B C   1 
ATOM   1015 O O   . PHE B 1 46 ? 10.567  8.391   1.083   1.00 12.50 ? 45  PHE B O   1 
ATOM   1016 C CB  . PHE B 1 46 ? 9.670   5.584   1.377   1.00 12.82 ? 45  PHE B CB  1 
ATOM   1017 C CG  . PHE B 1 46 ? 8.475   5.632   0.463   1.00 12.63 ? 45  PHE B CG  1 
ATOM   1018 C CD1 . PHE B 1 46 ? 8.489   4.935   -0.728  1.00 13.46 ? 45  PHE B CD1 1 
ATOM   1019 C CD2 . PHE B 1 46 ? 7.347   6.385   0.781   1.00 13.05 ? 45  PHE B CD2 1 
ATOM   1020 C CE1 . PHE B 1 46 ? 7.405   4.969   -1.580  1.00 13.39 ? 45  PHE B CE1 1 
ATOM   1021 C CE2 . PHE B 1 46 ? 6.260   6.417   -0.065  1.00 13.17 ? 45  PHE B CE2 1 
ATOM   1022 C CZ  . PHE B 1 46 ? 6.291   5.702   -1.250  1.00 13.33 ? 45  PHE B CZ  1 
ATOM   1023 N N   . THR B 1 47 ? 10.867  7.719   -1.029  1.00 12.37 ? 46  THR B N   1 
ATOM   1024 C CA  . THR B 1 47 ? 10.780  9.071   -1.615  1.00 12.72 ? 46  THR B CA  1 
ATOM   1025 C C   . THR B 1 47 ? 11.672  10.059  -0.860  1.00 13.22 ? 46  THR B C   1 
ATOM   1026 O O   . THR B 1 47 ? 11.299  11.193  -0.586  1.00 13.81 ? 46  THR B O   1 
ATOM   1027 C CB  . THR B 1 47 ? 9.329   9.581   -1.787  1.00 13.37 ? 46  THR B CB  1 
ATOM   1028 O OG1 . THR B 1 47 ? 8.698   9.797   -0.520  1.00 13.47 ? 46  THR B OG1 1 
ATOM   1029 C CG2 . THR B 1 47 ? 8.492   8.597   -2.610  1.00 13.55 ? 46  THR B CG2 1 
ATOM   1030 N N   . GLY B 1 48 ? 12.880  9.600   -0.554  1.00 13.72 ? 47  GLY B N   1 
ATOM   1031 C CA  . GLY B 1 48 ? 13.891  10.434  0.093   1.00 14.24 ? 47  GLY B CA  1 
ATOM   1032 C C   . GLY B 1 48 ? 13.831  10.573  1.599   1.00 14.98 ? 47  GLY B C   1 
ATOM   1033 O O   . GLY B 1 48 ? 14.711  11.236  2.173   1.00 15.81 ? 47  GLY B O   1 
ATOM   1034 N N   A LYS B 1 49 ? 12.793  10.013  2.236   0.50 14.93 ? 48  LYS B N   1 
ATOM   1035 N N   B LYS B 1 49 ? 12.858  9.916   2.224   0.50 15.02 ? 48  LYS B N   1 
ATOM   1036 C CA  A LYS B 1 49 ? 12.604  10.111  3.689   0.50 16.06 ? 48  LYS B CA  1 
ATOM   1037 C CA  B LYS B 1 49 ? 12.556  10.046  3.640   0.50 16.30 ? 48  LYS B CA  1 
ATOM   1038 C C   A LYS B 1 49 ? 13.128  8.840   4.328   0.50 15.65 ? 48  LYS B C   1 
ATOM   1039 C C   B LYS B 1 49 ? 13.092  8.814   4.352   0.50 15.84 ? 48  LYS B C   1 
ATOM   1040 O O   A LYS B 1 49 ? 12.788  7.743   3.886   0.50 14.65 ? 48  LYS B O   1 
ATOM   1041 O O   B LYS B 1 49 ? 12.716  7.702   3.980   0.50 14.83 ? 48  LYS B O   1 
ATOM   1042 C CB  A LYS B 1 49 ? 11.124  10.247  4.058   0.50 17.50 ? 48  LYS B CB  1 
ATOM   1043 C CB  B LYS B 1 49 ? 11.042  10.041  3.779   0.50 18.07 ? 48  LYS B CB  1 
ATOM   1044 C CG  A LYS B 1 49 ? 10.388  11.416  3.420   0.50 19.71 ? 48  LYS B CG  1 
ATOM   1045 C CG  B LYS B 1 49 ? 10.349  11.385  3.906   0.50 20.38 ? 48  LYS B CG  1 
ATOM   1046 C CD  . LYS B 1 49 ? 8.861   11.355  3.539   1.00 21.33 ? 48  LYS B CD  1 
ATOM   1047 C CE  . LYS B 1 49 ? 8.299   10.042  3.005   1.00 23.28 ? 48  LYS B CE  1 
ATOM   1048 N N   . LYS B 1 50 ? 13.938  8.988   5.375   1.00 15.92 ? 49  LYS B N   1 
ATOM   1049 C CA  . LYS B 1 50 ? 14.445  7.848   6.163   1.00 16.77 ? 49  LYS B CA  1 
ATOM   1050 C C   . LYS B 1 50 ? 13.294  7.249   6.957   1.00 17.03 ? 49  LYS B C   1 
ATOM   1051 O O   . LYS B 1 50 ? 12.495  7.988   7.520   1.00 18.83 ? 49  LYS B O   1 
ATOM   1052 C CB  . LYS B 1 50 ? 15.561  8.294   7.134   1.00 18.39 ? 49  LYS B CB  1 
ATOM   1053 N N   . LEU B 1 51 ? 13.171  5.923   6.962   1.00 16.56 ? 50  LEU B N   1 
ATOM   1054 C CA  . LEU B 1 51 ? 12.050  5.259   7.638   1.00 16.23 ? 50  LEU B CA  1 
ATOM   1055 C C   . LEU B 1 51 ? 12.444  4.850   9.056   1.00 16.66 ? 50  LEU B C   1 
ATOM   1056 O O   . LEU B 1 51 ? 13.492  4.265   9.261   1.00 16.10 ? 50  LEU B O   1 
ATOM   1057 C CB  . LEU B 1 51 ? 11.626  4.029   6.840   1.00 16.63 ? 50  LEU B CB  1 
ATOM   1058 C CG  . LEU B 1 51 ? 11.303  4.314   5.367   1.00 17.00 ? 50  LEU B CG  1 
ATOM   1059 C CD1 . LEU B 1 51 ? 10.796  3.040   4.717   1.00 17.11 ? 50  LEU B CD1 1 
ATOM   1060 C CD2 . LEU B 1 51 ? 10.288  5.436   5.229   1.00 17.43 ? 50  LEU B CD2 1 
ATOM   1061 N N   A GLU B 1 52 ? 11.584  5.147   10.023  0.50 16.73 ? 51  GLU B N   1 
ATOM   1062 N N   B GLU B 1 52 ? 11.563  5.133   10.012  0.50 16.53 ? 51  GLU B N   1 
ATOM   1063 C CA  A GLU B 1 52 ? 11.881  4.885   11.432  0.50 18.42 ? 51  GLU B CA  1 
ATOM   1064 C CA  B GLU B 1 52 ? 11.815  4.885   11.430  0.50 18.14 ? 51  GLU B CA  1 
ATOM   1065 C C   A GLU B 1 52 ? 11.312  3.526   11.823  0.50 18.11 ? 51  GLU B C   1 
ATOM   1066 C C   B GLU B 1 52 ? 11.297  3.508   11.817  0.50 17.93 ? 51  GLU B C   1 
ATOM   1067 O O   A GLU B 1 52 ? 10.175  3.193   11.490  0.50 17.84 ? 51  GLU B O   1 
ATOM   1068 O O   B GLU B 1 52 ? 10.171  3.145   11.482  0.50 17.62 ? 51  GLU B O   1 
ATOM   1069 C CB  A GLU B 1 52 ? 11.296  5.988   12.314  0.50 20.02 ? 51  GLU B CB  1 
ATOM   1070 C CB  B GLU B 1 52 ? 11.108  5.950   12.271  0.50 19.43 ? 51  GLU B CB  1 
ATOM   1071 C CG  A GLU B 1 52 ? 11.755  7.397   11.961  0.50 22.09 ? 51  GLU B CG  1 
ATOM   1072 C CG  B GLU B 1 52 ? 11.818  7.291   12.316  0.50 21.23 ? 51  GLU B CG  1 
ATOM   1073 C CD  A GLU B 1 52 ? 13.242  7.633   12.174  0.50 24.07 ? 51  GLU B CD  1 
ATOM   1074 C CD  B GLU B 1 52 ? 11.163  8.266   13.279  0.50 22.99 ? 51  GLU B CD  1 
ATOM   1075 O OE1 A GLU B 1 52 ? 13.843  7.003   13.070  0.50 27.13 ? 51  GLU B OE1 1 
ATOM   1076 O OE1 B GLU B 1 52 ? 9.924   8.246   13.404  0.50 25.01 ? 51  GLU B OE1 1 
ATOM   1077 O OE2 A GLU B 1 52 ? 13.814  8.472   11.446  0.50 27.68 ? 51  GLU B OE2 1 
ATOM   1078 O OE2 B GLU B 1 52 ? 11.894  9.062   13.908  0.50 25.91 ? 51  GLU B OE2 1 
ATOM   1079 N N   . ASP B 1 53 ? 12.115  2.749   12.542  1.00 18.34 ? 52  ASP B N   1 
ATOM   1080 C CA  . ASP B 1 53 ? 11.826  1.344   12.824  1.00 18.89 ? 52  ASP B CA  1 
ATOM   1081 C C   . ASP B 1 53 ? 10.460  1.024   13.464  1.00 18.40 ? 52  ASP B C   1 
ATOM   1082 O O   . ASP B 1 53 ? 9.840   0.003   13.128  1.00 19.82 ? 52  ASP B O   1 
ATOM   1083 C CB  . ASP B 1 53 ? 12.953  0.759   13.705  1.00 20.03 ? 52  ASP B CB  1 
ATOM   1084 C CG  . ASP B 1 53 ? 14.261  0.563   12.948  1.00 21.22 ? 52  ASP B CG  1 
ATOM   1085 O OD1 . ASP B 1 53 ? 14.299  0.691   11.718  1.00 22.02 ? 52  ASP B OD1 1 
ATOM   1086 O OD2 . ASP B 1 53 ? 15.283  0.275   13.595  1.00 24.54 ? 52  ASP B OD2 1 
ATOM   1087 N N   . GLY B 1 54 ? 10.007  1.905   14.353  1.00 18.69 ? 53  GLY B N   1 
ATOM   1088 C CA  . GLY B 1 54 ? 8.768   1.710   15.080  1.00 18.84 ? 53  GLY B CA  1 
ATOM   1089 C C   . GLY B 1 54 ? 7.487   2.059   14.352  1.00 19.50 ? 53  GLY B C   1 
ATOM   1090 O O   . GLY B 1 54 ? 6.398   1.690   14.802  1.00 21.15 ? 53  GLY B O   1 
ATOM   1091 N N   . ARG B 1 55 ? 7.608   2.753   13.227  1.00 17.81 ? 54  ARG B N   1 
ATOM   1092 C CA  . ARG B 1 55 ? 6.458   3.162   12.442  1.00 17.47 ? 54  ARG B CA  1 
ATOM   1093 C C   . ARG B 1 55 ? 6.071   2.033   11.503  1.00 15.98 ? 54  ARG B C   1 
ATOM   1094 O O   . ARG B 1 55 ? 6.807   1.047   11.373  1.00 15.65 ? 54  ARG B O   1 
ATOM   1095 C CB  . ARG B 1 55 ? 6.775   4.420   11.669  1.00 19.65 ? 54  ARG B CB  1 
ATOM   1096 C CG  . ARG B 1 55 ? 7.150   5.566   12.592  1.00 22.04 ? 54  ARG B CG  1 
ATOM   1097 C CD  . ARG B 1 55 ? 6.946   6.922   11.965  1.00 25.24 ? 54  ARG B CD  1 
ATOM   1098 N NE  . ARG B 1 55 ? 7.301   7.991   12.893  1.00 29.42 ? 54  ARG B NE  1 
ATOM   1099 N N   . THR B 1 56 ? 4.910   2.176   10.883  1.00 15.31 ? 55  THR B N   1 
ATOM   1100 C CA  . THR B 1 56 ? 4.420   1.202   9.914   1.00 15.38 ? 55  THR B CA  1 
ATOM   1101 C C   . THR B 1 56 ? 4.605   1.688   8.485   1.00 14.73 ? 55  THR B C   1 
ATOM   1102 O O   . THR B 1 56 ? 4.816   2.868   8.235   1.00 14.07 ? 55  THR B O   1 
ATOM   1103 C CB  . THR B 1 56 ? 2.929   0.866   10.112  1.00 16.91 ? 55  THR B CB  1 
ATOM   1104 O OG1 . THR B 1 56 ? 2.149   2.057   9.951   1.00 17.42 ? 55  THR B OG1 1 
ATOM   1105 C CG2 . THR B 1 56 ? 2.690   0.302   11.499  1.00 17.27 ? 55  THR B CG2 1 
ATOM   1106 N N   . LEU B 1 57 ? 4.506   0.769   7.540   1.00 13.76 ? 56  LEU B N   1 
ATOM   1107 C CA  . LEU B 1 57 ? 4.554   1.152   6.131   1.00 13.98 ? 56  LEU B CA  1 
ATOM   1108 C C   . LEU B 1 57 ? 3.445   2.170   5.839   1.00 14.35 ? 56  LEU B C   1 
ATOM   1109 O O   . LEU B 1 57 ? 3.664   3.128   5.099   1.00 14.37 ? 56  LEU B O   1 
ATOM   1110 C CB  . LEU B 1 57 ? 4.429   -0.066  5.215   1.00 13.77 ? 56  LEU B CB  1 
ATOM   1111 C CG  . LEU B 1 57 ? 5.596   -1.053  5.262   1.00 13.88 ? 56  LEU B CG  1 
ATOM   1112 C CD1 . LEU B 1 57 ? 5.212   -2.316  4.528   1.00 13.89 ? 56  LEU B CD1 1 
ATOM   1113 C CD2 . LEU B 1 57 ? 6.848   -0.460  4.643   1.00 14.81 ? 56  LEU B CD2 1 
ATOM   1114 N N   . SER B 1 58 ? 2.261   1.938   6.413   1.00 14.75 ? 57  SER B N   1 
ATOM   1115 C CA  . SER B 1 58 ? 1.121   2.832   6.226   1.00 15.34 ? 57  SER B CA  1 
ATOM   1116 C C   . SER B 1 58 ? 1.377   4.247   6.720   1.00 14.98 ? 57  SER B C   1 
ATOM   1117 O O   . SER B 1 58 ? 0.824   5.216   6.160   1.00 14.70 ? 57  SER B O   1 
ATOM   1118 C CB  . SER B 1 58 ? -0.121  2.261   6.892   1.00 15.72 ? 57  SER B CB  1 
ATOM   1119 O OG  . SER B 1 58 ? 0.039   2.159   8.290   1.00 16.35 ? 57  SER B OG  1 
ATOM   1120 N N   . ASP B 1 59 ? 2.238   4.406   7.720   1.00 15.55 ? 58  ASP B N   1 
ATOM   1121 C CA  . ASP B 1 59 ? 2.581   5.758   8.197   1.00 15.77 ? 58  ASP B CA  1 
ATOM   1122 C C   . ASP B 1 59 ? 3.264   6.614   7.123   1.00 15.87 ? 58  ASP B C   1 
ATOM   1123 O O   . ASP B 1 59 ? 3.223   7.847   7.195   1.00 16.04 ? 58  ASP B O   1 
ATOM   1124 C CB  . ASP B 1 59 ? 3.484   5.730   9.436   1.00 16.45 ? 58  ASP B CB  1 
ATOM   1125 C CG  . ASP B 1 59 ? 2.773   5.260   10.688  1.00 17.66 ? 58  ASP B CG  1 
ATOM   1126 O OD1 . ASP B 1 59 ? 1.552   5.530   10.836  1.00 19.39 ? 58  ASP B OD1 1 
ATOM   1127 O OD2 . ASP B 1 59 ? 3.450   4.648   11.544  1.00 18.68 ? 58  ASP B OD2 1 
ATOM   1128 N N   . TYR B 1 60 ? 3.886   5.969   6.125   1.00 14.59 ? 59  TYR B N   1 
ATOM   1129 C CA  . TYR B 1 60 ? 4.568   6.659   5.031   1.00 15.11 ? 59  TYR B CA  1 
ATOM   1130 C C   . TYR B 1 60 ? 3.821   6.588   3.713   1.00 14.35 ? 59  TYR B C   1 
ATOM   1131 O O   . TYR B 1 60 ? 4.344   7.004   2.678   1.00 15.34 ? 59  TYR B O   1 
ATOM   1132 C CB  . TYR B 1 60 ? 5.966   6.065   4.852   1.00 14.94 ? 59  TYR B CB  1 
ATOM   1133 C CG  . TYR B 1 60 ? 6.822   6.259   6.073   1.00 15.07 ? 59  TYR B CG  1 
ATOM   1134 C CD1 . TYR B 1 60 ? 7.457   7.477   6.314   1.00 15.54 ? 59  TYR B CD1 1 
ATOM   1135 C CD2 . TYR B 1 60 ? 7.002   5.232   6.988   1.00 15.12 ? 59  TYR B CD2 1 
ATOM   1136 C CE1 . TYR B 1 60 ? 8.246   7.655   7.440   1.00 16.34 ? 59  TYR B CE1 1 
ATOM   1137 C CE2 . TYR B 1 60 ? 7.803   5.403   8.119   1.00 15.68 ? 59  TYR B CE2 1 
ATOM   1138 C CZ  . TYR B 1 60 ? 8.409   6.628   8.333   1.00 15.94 ? 59  TYR B CZ  1 
ATOM   1139 O OH  . TYR B 1 60 ? 9.216   6.813   9.454   1.00 17.65 ? 59  TYR B OH  1 
ATOM   1140 N N   . ASN B 1 61 ? 2.615   6.029   3.751   1.00 14.20 ? 60  ASN B N   1 
ATOM   1141 C CA  . ASN B 1 61 ? 1.816   5.807   2.539   1.00 14.67 ? 60  ASN B CA  1 
ATOM   1142 C C   . ASN B 1 61 ? 2.614   5.029   1.469   1.00 14.33 ? 60  ASN B C   1 
ATOM   1143 O O   . ASN B 1 61 ? 2.510   5.269   0.275   1.00 14.15 ? 60  ASN B O   1 
ATOM   1144 C CB  . ASN B 1 61 ? 1.192   7.117   2.020   1.00 16.23 ? 60  ASN B CB  1 
ATOM   1145 C CG  . ASN B 1 61 ? 0.019   7.586   2.883   1.00 17.28 ? 60  ASN B CG  1 
ATOM   1146 O OD1 . ASN B 1 61 ? 0.190   7.829   4.072   1.00 19.74 ? 60  ASN B OD1 1 
ATOM   1147 N ND2 . ASN B 1 61 ? -1.176  7.701   2.286   1.00 19.04 ? 60  ASN B ND2 1 
ATOM   1148 N N   . ILE B 1 62 ? 3.402   4.054   1.928   1.00 14.31 ? 61  ILE B N   1 
ATOM   1149 C CA  . ILE B 1 62 ? 4.048   3.101   1.046   1.00 13.71 ? 61  ILE B CA  1 
ATOM   1150 C C   . ILE B 1 62 ? 2.934   2.222   0.479   1.00 13.99 ? 61  ILE B C   1 
ATOM   1151 O O   . ILE B 1 62 ? 2.013   1.845   1.188   1.00 14.57 ? 61  ILE B O   1 
ATOM   1152 C CB  . ILE B 1 62 ? 5.153   2.317   1.796   1.00 13.47 ? 61  ILE B CB  1 
ATOM   1153 C CG1 . ILE B 1 62 ? 6.289   3.300   2.108   1.00 13.40 ? 61  ILE B CG1 1 
ATOM   1154 C CG2 . ILE B 1 62 ? 5.650   1.128   0.979   1.00 13.19 ? 61  ILE B CG2 1 
ATOM   1155 C CD1 . ILE B 1 62 ? 7.233   2.885   3.216   1.00 13.72 ? 61  ILE B CD1 1 
ATOM   1156 N N   . LYS B 1 63 ? 3.019   1.951   -0.809  1.00 13.77 ? 62  LYS B N   1 
ATOM   1157 C CA  . LYS B 1 63 ? 1.882   1.409   -1.527  1.00 14.49 ? 62  LYS B CA  1 
ATOM   1158 C C   . LYS B 1 63 ? 2.262   0.313   -2.523  1.00 13.85 ? 62  LYS B C   1 
ATOM   1159 O O   . LYS B 1 63 ? 3.374   -0.209  -2.491  1.00 13.09 ? 62  LYS B O   1 
ATOM   1160 C CB  . LYS B 1 63 ? 1.099   2.576   -2.103  1.00 15.89 ? 62  LYS B CB  1 
ATOM   1161 C CG  . LYS B 1 63 ? 1.790   3.378   -3.179  1.00 16.65 ? 62  LYS B CG  1 
ATOM   1162 C CD  . LYS B 1 63 ? 0.997   4.638   -3.526  1.00 18.39 ? 62  LYS B CD  1 
ATOM   1163 C CE  . LYS B 1 63 ? 1.836   5.551   -4.401  1.00 20.88 ? 62  LYS B CE  1 
ATOM   1164 N NZ  . LYS B 1 63 ? 1.061   6.631   -5.080  1.00 23.91 ? 62  LYS B NZ  1 
ATOM   1165 N N   . PHE B 1 64 ? 1.303   -0.115  -3.344  1.00 13.39 ? 63  PHE B N   1 
ATOM   1166 C CA  . PHE B 1 64 ? 1.497   -1.286  -4.179  1.00 14.02 ? 63  PHE B CA  1 
ATOM   1167 C C   . PHE B 1 64 ? 2.640   -1.056  -5.163  1.00 13.49 ? 63  PHE B C   1 
ATOM   1168 O O   . PHE B 1 64 ? 2.649   -0.054  -5.876  1.00 14.04 ? 63  PHE B O   1 
ATOM   1169 C CB  . PHE B 1 64 ? 0.196   -1.579  -4.923  1.00 15.00 ? 63  PHE B CB  1 
ATOM   1170 C CG  . PHE B 1 64 ? 0.187   -2.878  -5.662  1.00 16.32 ? 63  PHE B CG  1 
ATOM   1171 C CD1 . PHE B 1 64 ? 0.865   -3.016  -6.859  1.00 17.44 ? 63  PHE B CD1 1 
ATOM   1172 C CD2 . PHE B 1 64 ? -0.544  -3.954  -5.166  1.00 17.93 ? 63  PHE B CD2 1 
ATOM   1173 C CE1 . PHE B 1 64 ? 0.846   -4.227  -7.559  1.00 17.89 ? 63  PHE B CE1 1 
ATOM   1174 C CE2 . PHE B 1 64 ? -0.583  -5.148  -5.857  1.00 18.39 ? 63  PHE B CE2 1 
ATOM   1175 C CZ  . PHE B 1 64 ? 0.128   -5.287  -7.047  1.00 18.09 ? 63  PHE B CZ  1 
ATOM   1176 N N   . ALA B 1 65 ? 3.639   -1.941  -5.107  1.00 13.00 ? 64  ALA B N   1 
ATOM   1177 C CA  . ALA B 1 65 ? 4.818   -1.880  -5.977  1.00 13.11 ? 64  ALA B CA  1 
ATOM   1178 C C   . ALA B 1 65 ? 5.713   -0.646  -5.743  1.00 13.04 ? 64  ALA B C   1 
ATOM   1179 O O   . ALA B 1 65 ? 6.512   -0.291  -6.602  1.00 13.66 ? 64  ALA B O   1 
ATOM   1180 C CB  . ALA B 1 65 ? 4.421   -1.998  -7.445  1.00 13.82 ? 64  ALA B CB  1 
ATOM   1181 N N   . SER B 1 66 ? 5.585   -0.012  -4.574  1.00 12.73 ? 65  SER B N   1 
ATOM   1182 C CA  . SER B 1 66 ? 6.519   1.036   -4.191  1.00 12.92 ? 65  SER B CA  1 
ATOM   1183 C C   . SER B 1 66 ? 7.963   0.536   -4.151  1.00 12.52 ? 65  SER B C   1 
ATOM   1184 O O   . SER B 1 66 ? 8.232   -0.631  -3.858  1.00 13.57 ? 65  SER B O   1 
ATOM   1185 C CB  . SER B 1 66 ? 6.175   1.603   -2.815  1.00 12.83 ? 65  SER B CB  1 
ATOM   1186 O OG  . SER B 1 66 ? 5.020   2.432   -2.855  1.00 12.94 ? 65  SER B OG  1 
ATOM   1187 N N   . THR B 1 67 ? 8.872   1.449   -4.472  1.00 13.31 ? 66  THR B N   1 
ATOM   1188 C CA  . THR B 1 67 ? 10.298  1.240   -4.356  1.00 14.34 ? 66  THR B CA  1 
ATOM   1189 C C   . THR B 1 67 ? 10.809  1.918   -3.082  1.00 14.16 ? 66  THR B C   1 
ATOM   1190 O O   . THR B 1 67 ? 10.481  3.088   -2.817  1.00 13.99 ? 66  THR B O   1 
ATOM   1191 C CB  . THR B 1 67 ? 11.036  1.844   -5.563  1.00 16.44 ? 66  THR B CB  1 
ATOM   1192 O OG1 . THR B 1 67 ? 10.624  1.162   -6.743  1.00 17.58 ? 66  THR B OG1 1 
ATOM   1193 C CG2 . THR B 1 67 ? 12.550  1.712   -5.410  1.00 17.79 ? 66  THR B CG2 1 
ATOM   1194 N N   . LEU B 1 68 ? 11.613  1.176   -2.331  1.00 13.85 ? 67  LEU B N   1 
ATOM   1195 C CA  . LEU B 1 68 ? 12.385  1.696   -1.197  1.00 14.32 ? 67  LEU B CA  1 
ATOM   1196 C C   . LEU B 1 68 ? 13.848  1.583   -1.563  1.00 14.16 ? 67  LEU B C   1 
ATOM   1197 O O   . LEU B 1 68 ? 14.242  0.631   -2.230  1.00 15.69 ? 67  LEU B O   1 
ATOM   1198 C CB  . LEU B 1 68 ? 12.134  0.890   0.077   1.00 15.40 ? 67  LEU B CB  1 
ATOM   1199 C CG  . LEU B 1 68 ? 10.830  1.152   0.837   1.00 16.94 ? 67  LEU B CG  1 
ATOM   1200 C CD1 . LEU B 1 68 ? 9.601   1.098   -0.053  1.00 19.03 ? 67  LEU B CD1 1 
ATOM   1201 C CD2 . LEU B 1 68 ? 10.712  0.233   2.046   1.00 16.89 ? 67  LEU B CD2 1 
ATOM   1202 N N   . HIS B 1 69 ? 14.668  2.539   -1.124  1.00 12.78 ? 68  HIS B N   1 
ATOM   1203 C CA  . HIS B 1 69 ? 16.109  2.412   -1.246  1.00 13.73 ? 68  HIS B CA  1 
ATOM   1204 C C   . HIS B 1 69 ? 16.688  1.929   0.060   1.00 12.80 ? 68  HIS B C   1 
ATOM   1205 O O   . HIS B 1 69 ? 16.186  2.295   1.134   1.00 13.82 ? 68  HIS B O   1 
ATOM   1206 C CB  . HIS B 1 69 ? 16.742  3.729   -1.664  1.00 14.89 ? 68  HIS B CB  1 
ATOM   1207 C CG  . HIS B 1 69 ? 16.296  4.160   -3.021  1.00 16.42 ? 68  HIS B CG  1 
ATOM   1208 N ND1 . HIS B 1 69 ? 15.502  5.268   -3.223  1.00 18.12 ? 68  HIS B ND1 1 
ATOM   1209 C CD2 . HIS B 1 69 ? 16.474  3.593   -4.239  1.00 17.91 ? 68  HIS B CD2 1 
ATOM   1210 C CE1 . HIS B 1 69 ? 15.218  5.366   -4.511  1.00 19.33 ? 68  HIS B CE1 1 
ATOM   1211 N NE2 . HIS B 1 69 ? 15.787  4.359   -5.147  1.00 18.29 ? 68  HIS B NE2 1 
ATOM   1212 N N   . LEU B 1 70 ? 17.696  1.073   -0.055  1.00 12.09 ? 69  LEU B N   1 
ATOM   1213 C CA  . LEU B 1 70 ? 18.417  0.539   1.080   1.00 12.75 ? 69  LEU B CA  1 
ATOM   1214 C C   . LEU B 1 70 ? 19.882  0.952   1.018   1.00 12.96 ? 69  LEU B C   1 
ATOM   1215 O O   . LEU B 1 70 ? 20.566  0.694   0.033   1.00 13.34 ? 69  LEU B O   1 
ATOM   1216 C CB  . LEU B 1 70 ? 18.326  -0.987  1.083   1.00 12.64 ? 69  LEU B CB  1 
ATOM   1217 C CG  . LEU B 1 70 ? 19.195  -1.742  2.092   1.00 13.33 ? 69  LEU B CG  1 
ATOM   1218 C CD1 . LEU B 1 70 ? 18.839  -1.400  3.519   1.00 13.90 ? 69  LEU B CD1 1 
ATOM   1219 C CD2 . LEU B 1 70 ? 19.068  -3.238  1.864   1.00 13.57 ? 69  LEU B CD2 1 
ATOM   1220 N N   . VAL B 1 71 ? 20.350  1.580   2.088   1.00 12.89 ? 70  VAL B N   1 
ATOM   1221 C CA  . VAL B 1 71 ? 21.744  1.920   2.287   1.00 13.85 ? 70  VAL B CA  1 
ATOM   1222 C C   . VAL B 1 71 ? 22.237  1.068   3.461   1.00 13.70 ? 70  VAL B C   1 
ATOM   1223 O O   . VAL B 1 71 ? 21.555  0.973   4.482   1.00 13.11 ? 70  VAL B O   1 
ATOM   1224 C CB  . VAL B 1 71 ? 21.863  3.430   2.591   1.00 14.69 ? 70  VAL B CB  1 
ATOM   1225 C CG1 . VAL B 1 71 ? 23.288  3.809   2.943   1.00 15.16 ? 70  VAL B CG1 1 
ATOM   1226 C CG2 . VAL B 1 71 ? 21.370  4.239   1.417   1.00 15.77 ? 70  VAL B CG2 1 
ATOM   1227 N N   . ILE B 1 72 ? 23.392  0.430   3.305   1.00 14.60 ? 71  ILE B N   1 
ATOM   1228 C CA  . ILE B 1 72 ? 24.000  -0.332  4.400   1.00 14.71 ? 71  ILE B CA  1 
ATOM   1229 C C   . ILE B 1 72 ? 24.823  0.658   5.247   1.00 15.35 ? 71  ILE B C   1 
ATOM   1230 O O   . ILE B 1 72 ? 25.750  1.294   4.726   1.00 14.81 ? 71  ILE B O   1 
ATOM   1231 C CB  . ILE B 1 72 ? 24.851  -1.497  3.881   1.00 15.34 ? 71  ILE B CB  1 
ATOM   1232 C CG1 . ILE B 1 72 ? 23.944  -2.498  3.155   1.00 16.52 ? 71  ILE B CG1 1 
ATOM   1233 C CG2 . ILE B 1 72 ? 25.567  -2.170  5.058   1.00 15.24 ? 71  ILE B CG2 1 
ATOM   1234 C CD1 . ILE B 1 72 ? 24.674  -3.601  2.438   1.00 17.72 ? 71  ILE B CD1 1 
ATOM   1235 N N   A ARG B 1 73 ? 24.474  0.771   6.531   0.70 15.73 ? 72  ARG B N   1 
ATOM   1236 N N   B ARG B 1 73 ? 24.462  0.779   6.526   0.30 16.02 ? 72  ARG B N   1 
ATOM   1237 C CA  A ARG B 1 73 ? 25.118  1.694   7.465   0.70 17.96 ? 72  ARG B CA  1 
ATOM   1238 C CA  B ARG B 1 73 ? 25.081  1.704   7.476   0.30 17.43 ? 72  ARG B CA  1 
ATOM   1239 C C   A ARG B 1 73 ? 25.947  0.866   8.444   0.70 17.89 ? 72  ARG B C   1 
ATOM   1240 C C   B ARG B 1 73 ? 25.937  0.878   8.444   0.30 17.69 ? 72  ARG B C   1 
ATOM   1241 O O   A ARG B 1 73 ? 25.436  0.346   9.454   0.70 19.34 ? 72  ARG B O   1 
ATOM   1242 O O   B ARG B 1 73 ? 25.422  0.375   9.451   0.30 18.37 ? 72  ARG B O   1 
ATOM   1243 C CB  A ARG B 1 73 ? 24.063  2.531   8.202   0.70 19.72 ? 72  ARG B CB  1 
ATOM   1244 C CB  B ARG B 1 73 ? 23.975  2.466   8.235   0.30 18.32 ? 72  ARG B CB  1 
ATOM   1245 C CG  A ARG B 1 73 ? 23.215  3.412   7.300   0.70 21.25 ? 72  ARG B CG  1 
ATOM   1246 C CG  B ARG B 1 73 ? 24.437  3.684   9.028   0.30 19.06 ? 72  ARG B CG  1 
ATOM   1247 C CD  A ARG B 1 73 ? 23.989  4.596   6.768   0.70 23.16 ? 72  ARG B CD  1 
ATOM   1248 C CD  B ARG B 1 73 ? 23.307  4.378   9.786   0.30 20.18 ? 72  ARG B CD  1 
ATOM   1249 N NE  A ARG B 1 73 ? 24.192  5.618   7.794   0.70 25.64 ? 72  ARG B NE  1 
ATOM   1250 N NE  B ARG B 1 73 ? 23.830  5.358   10.732  0.30 21.39 ? 72  ARG B NE  1 
ATOM   1251 C CZ  A ARG B 1 73 ? 24.903  6.737   7.640   0.70 27.99 ? 72  ARG B CZ  1 
ATOM   1252 C CZ  B ARG B 1 73 ? 23.100  6.256   11.385  0.30 22.17 ? 72  ARG B CZ  1 
ATOM   1253 N NH1 A ARG B 1 73 ? 25.527  7.013   6.496   0.70 29.52 ? 72  ARG B NH1 1 
ATOM   1254 N NH1 B ARG B 1 73 ? 21.794  6.316   11.206  0.30 23.35 ? 72  ARG B NH1 1 
ATOM   1255 N NH2 A ARG B 1 73 ? 25.005  7.596   8.653   0.70 29.93 ? 72  ARG B NH2 1 
ATOM   1256 N NH2 B ARG B 1 73 ? 23.683  7.098   12.224  0.30 23.18 ? 72  ARG B NH2 1 
ATOM   1257 N N   . LEU B 1 74 ? 27.231  0.723   8.142   1.00 17.98 ? 73  LEU B N   1 
ATOM   1258 C CA  . LEU B 1 74 ? 28.121  -0.123  8.953   1.00 18.83 ? 73  LEU B CA  1 
ATOM   1259 C C   . LEU B 1 74 ? 28.251  0.340   10.394  1.00 20.15 ? 73  LEU B C   1 
ATOM   1260 O O   . LEU B 1 74 ? 28.337  -0.494  11.295  1.00 21.66 ? 73  LEU B O   1 
ATOM   1261 C CB  . LEU B 1 74 ? 29.484  -0.268  8.301   1.00 19.57 ? 73  LEU B CB  1 
ATOM   1262 C CG  . LEU B 1 74 ? 29.511  -0.976  6.944   1.00 19.62 ? 73  LEU B CG  1 
ATOM   1263 C CD1 . LEU B 1 74 ? 30.934  -0.991  6.397   1.00 21.10 ? 73  LEU B CD1 1 
ATOM   1264 C CD2 . LEU B 1 74 ? 28.950  -2.394  7.047   1.00 19.32 ? 73  LEU B CD2 1 
ATOM   1265 N N   . ARG B 1 75 ? 28.160  1.645   10.620  1.00 19.30 ? 74  ARG B N   1 
ATOM   1266 C CA  . ARG B 1 75 ? 28.274  2.185   11.972  1.00 22.36 ? 74  ARG B CA  1 
ATOM   1267 C C   . ARG B 1 75 ? 27.032  2.001   12.810  1.00 22.64 ? 74  ARG B C   1 
ATOM   1268 O O   . ARG B 1 75 ? 27.039  2.325   13.989  1.00 23.64 ? 74  ARG B O   1 
ATOM   1269 C CB  . ARG B 1 75 ? 28.562  3.674   11.906  1.00 26.02 ? 74  ARG B CB  1 
ATOM   1270 C CG  . ARG B 1 75 ? 29.802  4.033   11.122  1.00 29.12 ? 74  ARG B CG  1 
ATOM   1271 C CD  . ARG B 1 75 ? 29.841  5.533   11.010  1.00 32.16 ? 74  ARG B CD  1 
ATOM   1272 N NE  . ARG B 1 75 ? 31.071  5.987   10.388  1.00 34.19 ? 74  ARG B NE  1 
ATOM   1273 C CZ  . ARG B 1 75 ? 31.158  6.713   9.280   1.00 35.33 ? 74  ARG B CZ  1 
ATOM   1274 N NH1 . ARG B 1 75 ? 30.077  7.097   8.594   1.00 37.84 ? 74  ARG B NH1 1 
ATOM   1275 N NH2 . ARG B 1 75 ? 32.361  7.065   8.857   1.00 37.18 ? 74  ARG B NH2 1 
ATOM   1276 N N   . GLY B 1 76 ? 25.954  1.507   12.212  1.00 21.31 ? 75  GLY B N   1 
ATOM   1277 C CA  . GLY B 1 76 ? 24.673  1.489   12.875  1.00 22.79 ? 75  GLY B CA  1 
ATOM   1278 C C   . GLY B 1 76 ? 24.481  0.404   13.908  1.00 23.73 ? 75  GLY B C   1 
ATOM   1279 O O   . GLY B 1 76 ? 23.486  0.465   14.640  1.00 23.74 ? 75  GLY B O   1 
ATOM   1280 N N   . ALA B 1 77 ? 25.370  -0.591  13.971  1.00 24.31 ? 76  ALA B N   1 
ATOM   1281 C CA  . ALA B 1 77 ? 25.173  -1.707  14.900  1.00 27.06 ? 76  ALA B CA  1 
ATOM   1282 C C   . ALA B 1 77 ? 25.029  -1.199  16.343  1.00 28.81 ? 76  ALA B C   1 
ATOM   1283 O O   . ALA B 1 77 ? 25.850  -0.405  16.812  1.00 29.87 ? 76  ALA B O   1 
ATOM   1284 C CB  . ALA B 1 77 ? 26.293  -2.718  14.791  1.00 27.17 ? 76  ALA B CB  1 
ATOM   1285 N N   . ARG B 1 78 ? 23.977  -1.668  17.024  1.00 28.88 ? 77  ARG B N   1 
ATOM   1286 C CA  . ARG B 1 78 ? 23.580  -1.188  18.350  1.00 29.72 ? 77  ARG B CA  1 
ATOM   1287 C C   . ARG B 1 78 ? 23.422  -2.368  19.305  1.00 30.16 ? 77  ARG B C   1 
ATOM   1288 O O   . ARG B 1 78 ? 23.177  -3.501  18.871  1.00 28.39 ? 77  ARG B O   1 
ATOM   1289 C CB  . ARG B 1 78 ? 22.246  -0.437  18.263  1.00 31.71 ? 77  ARG B CB  1 
ATOM   1290 C CG  . ARG B 1 78 ? 22.357  1.016   17.809  1.00 34.72 ? 77  ARG B CG  1 
ATOM   1291 C CD  . ARG B 1 78 ? 21.000  1.709   17.737  1.00 37.82 ? 77  ARG B CD  1 
ATOM   1292 N NE  . ARG B 1 78 ? 20.153  1.229   16.637  1.00 40.44 ? 77  ARG B NE  1 
ATOM   1293 C CZ  . ARG B 1 78 ? 19.088  0.424   16.740  1.00 42.17 ? 77  ARG B CZ  1 
ATOM   1294 N NH1 . ARG B 1 78 ? 18.670  -0.061  17.914  1.00 43.54 ? 77  ARG B NH1 1 
ATOM   1295 N NH2 . ARG B 1 78 ? 18.424  0.089   15.635  1.00 42.72 ? 77  ARG B NH2 1 
ATOM   1296 N N   . PRO B 1 79 ? 23.523  -2.106  20.619  1.00 29.70 ? 78  PRO B N   1 
ATOM   1297 C CA  . PRO B 1 79 ? 23.225  -3.161  21.596  1.00 29.13 ? 78  PRO B CA  1 
ATOM   1298 C C   . PRO B 1 79 ? 21.736  -3.566  21.577  1.00 28.76 ? 78  PRO B C   1 
ATOM   1299 O O   . PRO B 1 79 ? 20.875  -2.884  21.018  1.00 28.61 ? 78  PRO B O   1 
ATOM   1300 C CB  . PRO B 1 79 ? 23.641  -2.536  22.940  1.00 30.37 ? 78  PRO B CB  1 
ATOM   1301 C CG  . PRO B 1 79 ? 23.727  -1.071  22.710  1.00 31.04 ? 78  PRO B CG  1 
ATOM   1302 C CD  . PRO B 1 79 ? 23.972  -0.848  21.253  1.00 30.96 ? 78  PRO B CD  1 
ATOM   1303 O OXT . PRO B 1 79 ? 21.351  -4.604  22.087  1.00 25.06 ? 78  PRO B OXT 1 
HETATM 1304 O O   . HOH C 2 .  ? -14.788 11.978  4.810   1.00 35.76 ? 101 HOH A O   1 
HETATM 1305 O O   . HOH C 2 .  ? -11.909 -7.446  6.605   1.00 30.84 ? 102 HOH A O   1 
HETATM 1306 O O   . HOH C 2 .  ? -23.632 -2.883  3.495   1.00 21.61 ? 103 HOH A O   1 
HETATM 1307 O O   . HOH C 2 .  ? -6.498  6.068   5.427   1.00 20.84 ? 104 HOH A O   1 
HETATM 1308 O O   . HOH C 2 .  ? -8.250  8.058   5.301   1.00 30.99 ? 105 HOH A O   1 
HETATM 1309 O O   . HOH C 2 .  ? -12.084 -5.984  -13.459 1.00 28.14 ? 106 HOH A O   1 
HETATM 1310 O O   A HOH C 2 .  ? -25.323 -7.835  -6.044  0.50 16.40 ? 107 HOH A O   1 
HETATM 1311 O O   B HOH C 2 .  ? -21.355 1.638   4.567   0.50 20.10 ? 107 HOH A O   1 
HETATM 1312 O O   . HOH C 2 .  ? -1.593  7.198   -4.947  1.00 41.59 ? 108 HOH A O   1 
HETATM 1313 O O   . HOH C 2 .  ? -12.976 10.954  -16.370 1.00 34.41 ? 109 HOH A O   1 
HETATM 1314 O O   . HOH C 2 .  ? -19.234 -10.971 -5.014  1.00 35.09 ? 110 HOH A O   1 
HETATM 1315 O O   . HOH C 2 .  ? -9.812  13.462  -7.806  1.00 31.64 ? 111 HOH A O   1 
HETATM 1316 O O   . HOH C 2 .  ? -19.331 3.550   3.343   1.00 17.86 ? 112 HOH A O   1 
HETATM 1317 O O   . HOH C 2 .  ? -3.810  9.487   0.134   1.00 44.09 ? 113 HOH A O   1 
HETATM 1318 O O   . HOH C 2 .  ? -24.287 -3.820  -10.797 1.00 37.65 ? 114 HOH A O   1 
HETATM 1319 O O   . HOH C 2 .  ? -5.175  -10.015 -1.635  1.00 30.19 ? 115 HOH A O   1 
HETATM 1320 O O   . HOH C 2 .  ? -19.782 -1.939  -16.446 1.00 35.32 ? 116 HOH A O   1 
HETATM 1321 O O   . HOH C 2 .  ? -18.210 -6.260  -10.684 1.00 39.77 ? 117 HOH A O   1 
HETATM 1322 O O   . HOH C 2 .  ? -13.530 6.488   -19.388 1.00 23.14 ? 118 HOH A O   1 
HETATM 1323 O O   . HOH C 2 .  ? -10.480 -7.030  -5.433  1.00 23.02 ? 119 HOH A O   1 
HETATM 1324 O O   . HOH C 2 .  ? -21.324 9.194   -7.069  1.00 14.84 ? 120 HOH A O   1 
HETATM 1325 O O   . HOH C 2 .  ? 0.390   1.805   -5.955  1.00 21.11 ? 121 HOH A O   1 
HETATM 1326 O O   . HOH C 2 .  ? -9.432  -3.057  13.197  1.00 46.44 ? 122 HOH A O   1 
HETATM 1327 O O   . HOH C 2 .  ? -2.290  -4.246  7.116   1.00 18.67 ? 123 HOH A O   1 
HETATM 1328 O O   . HOH C 2 .  ? -9.191  -10.735 -4.705  1.00 31.16 ? 124 HOH A O   1 
HETATM 1329 O O   . HOH C 2 .  ? -9.982  -0.171  -17.391 1.00 18.15 ? 125 HOH A O   1 
HETATM 1330 O O   . HOH C 2 .  ? -22.700 3.324   -12.007 1.00 39.67 ? 126 HOH A O   1 
HETATM 1331 O O   . HOH C 2 .  ? -2.516  8.632   5.792   1.00 26.32 ? 127 HOH A O   1 
HETATM 1332 O O   . HOH C 2 .  ? -5.540  -4.794  8.631   1.00 24.55 ? 128 HOH A O   1 
HETATM 1333 O O   . HOH C 2 .  ? -1.728  6.652   -0.404  1.00 20.74 ? 129 HOH A O   1 
HETATM 1334 O O   . HOH C 2 .  ? -20.571 -8.381  7.694   1.00 23.20 ? 130 HOH A O   1 
HETATM 1335 O O   . HOH C 2 .  ? -27.279 -0.829  -9.277  1.00 27.68 ? 131 HOH A O   1 
HETATM 1336 O O   . HOH C 2 .  ? -25.295 3.424   1.876   1.00 29.35 ? 132 HOH A O   1 
HETATM 1337 O O   . HOH C 2 .  ? -6.820  5.413   -16.296 1.00 19.28 ? 133 HOH A O   1 
HETATM 1338 O O   . HOH C 2 .  ? -3.784  -0.690  9.206   1.00 22.03 ? 134 HOH A O   1 
HETATM 1339 O O   . HOH C 2 .  ? -10.324 17.297  -17.500 1.00 18.84 ? 135 HOH A O   1 
HETATM 1340 O O   . HOH C 2 .  ? -11.503 -11.736 -5.425  1.00 31.75 ? 136 HOH A O   1 
HETATM 1341 O O   . HOH C 2 .  ? -6.917  6.087   -3.020  1.00 24.65 ? 137 HOH A O   1 
HETATM 1342 O O   . HOH C 2 .  ? -2.410  5.475   4.655   1.00 18.87 ? 138 HOH A O   1 
HETATM 1343 O O   . HOH C 2 .  ? -29.446 2.895   -1.722  1.00 34.31 ? 139 HOH A O   1 
HETATM 1344 O O   . HOH C 2 .  ? -8.475  -1.539  -14.542 1.00 17.08 ? 140 HOH A O   1 
HETATM 1345 O O   . HOH C 2 .  ? -5.658  1.280   -9.312  1.00 18.25 ? 141 HOH A O   1 
HETATM 1346 O O   . HOH C 2 .  ? -7.167  11.665  -21.760 1.00 43.35 ? 142 HOH A O   1 
HETATM 1347 O O   . HOH C 2 .  ? -7.344  -4.466  10.593  1.00 37.99 ? 143 HOH A O   1 
HETATM 1348 O O   . HOH C 2 .  ? -3.985  13.963  -16.410 1.00 32.28 ? 144 HOH A O   1 
HETATM 1349 O O   . HOH C 2 .  ? -10.245 7.286   -2.444  1.00 14.48 ? 145 HOH A O   1 
HETATM 1350 O O   . HOH C 2 .  ? -5.956  -8.716  5.398   1.00 32.80 ? 146 HOH A O   1 
HETATM 1351 O O   . HOH C 2 .  ? -0.848  4.736   -6.575  1.00 39.74 ? 147 HOH A O   1 
HETATM 1352 O O   . HOH C 2 .  ? -22.112 -5.312  -10.193 1.00 30.85 ? 148 HOH A O   1 
HETATM 1353 O O   . HOH C 2 .  ? -29.788 9.829   -8.395  1.00 37.78 ? 149 HOH A O   1 
HETATM 1354 O O   . HOH C 2 .  ? -1.139  4.234   2.579   1.00 16.39 ? 150 HOH A O   1 
HETATM 1355 O O   . HOH C 2 .  ? -15.391 12.020  -17.042 1.00 29.42 ? 151 HOH A O   1 
HETATM 1356 O O   . HOH C 2 .  ? -7.487  -11.927 2.814   1.00 34.23 ? 152 HOH A O   1 
HETATM 1357 O O   . HOH C 2 .  ? -11.077 10.634  5.488   1.00 27.54 ? 153 HOH A O   1 
HETATM 1358 O O   . HOH C 2 .  ? -28.355 2.904   -4.241  1.00 23.59 ? 154 HOH A O   1 
HETATM 1359 O O   . HOH C 2 .  ? -14.811 -8.451  -8.502  1.00 17.34 ? 155 HOH A O   1 
HETATM 1360 O O   . HOH C 2 .  ? -16.226 -10.588 6.648   1.00 25.04 ? 156 HOH A O   1 
HETATM 1361 O O   . HOH C 2 .  ? -14.250 -5.016  -12.252 1.00 27.59 ? 157 HOH A O   1 
HETATM 1362 O O   . HOH C 2 .  ? -20.209 -9.211  -9.164  1.00 43.13 ? 158 HOH A O   1 
HETATM 1363 O O   . HOH C 2 .  ? -4.113  7.636   -1.708  1.00 25.28 ? 159 HOH A O   1 
HETATM 1364 O O   . HOH C 2 .  ? -5.309  3.309   -7.178  1.00 32.05 ? 160 HOH A O   1 
HETATM 1365 O O   . HOH C 2 .  ? -5.956  6.490   -6.236  1.00 28.66 ? 161 HOH A O   1 
HETATM 1366 O O   . HOH C 2 .  ? -9.477  9.774   -2.707  1.00 39.96 ? 162 HOH A O   1 
HETATM 1367 O O   . HOH C 2 .  ? -26.842 -3.333  -11.099 1.00 35.30 ? 163 HOH A O   1 
HETATM 1368 O O   . HOH C 2 .  ? -22.410 -9.341  9.589   1.00 17.06 ? 164 HOH A O   1 
HETATM 1369 O O   . HOH C 2 .  ? -5.859  0.881   -12.119 1.00 20.44 ? 165 HOH A O   1 
HETATM 1370 O O   . HOH C 2 .  ? -3.135  2.417   -8.955  1.00 33.05 ? 166 HOH A O   1 
HETATM 1371 O O   . HOH D 2 .  ? 17.168  -15.874 8.462   0.50 18.53 ? 101 HOH B O   1 
HETATM 1372 O O   . HOH D 2 .  ? 22.621  -8.112  -0.230  1.00 35.87 ? 102 HOH B O   1 
HETATM 1373 O O   . HOH D 2 .  ? -0.844  6.961   6.021   1.00 14.67 ? 103 HOH B O   1 
HETATM 1374 O O   . HOH D 2 .  ? 13.055  -15.182 2.738   1.00 41.16 ? 104 HOH B O   1 
HETATM 1375 O O   . HOH D 2 .  ? -3.320  -7.936  -2.022  1.00 29.03 ? 105 HOH B O   1 
HETATM 1376 O O   . HOH D 2 .  ? 19.906  -15.921 3.950   1.00 40.42 ? 106 HOH B O   1 
HETATM 1377 O O   . HOH D 2 .  ? -3.755  -6.229  5.818   1.00 25.95 ? 107 HOH B O   1 
HETATM 1378 O O   . HOH D 2 .  ? 0.416   2.073   3.188   1.00 16.53 ? 108 HOH B O   1 
HETATM 1379 O O   . HOH D 2 .  ? 3.915   -9.298  6.158   1.00 29.26 ? 109 HOH B O   1 
HETATM 1380 O O   . HOH D 2 .  ? 22.994  -5.499  23.874  1.00 18.37 ? 110 HOH B O   1 
HETATM 1381 O O   . HOH D 2 .  ? 11.621  0.884   -9.115  1.00 42.04 ? 111 HOH B O   1 
HETATM 1382 O O   . HOH D 2 .  ? 20.098  6.045   9.206   1.00 42.36 ? 112 HOH B O   1 
HETATM 1383 O O   . HOH D 2 .  ? 10.799  -10.042 -8.093  1.00 20.82 ? 113 HOH B O   1 
HETATM 1384 O O   . HOH D 2 .  ? 2.525   3.743   13.826  1.00 38.52 ? 114 HOH B O   1 
HETATM 1385 O O   . HOH D 2 .  ? 5.660   9.257   2.400   1.00 24.50 ? 115 HOH B O   1 
HETATM 1386 O O   . HOH D 2 .  ? 6.127   -9.501  -3.869  1.00 29.61 ? 116 HOH B O   1 
HETATM 1387 O O   . HOH D 2 .  ? 9.599   9.322   10.130  1.00 26.87 ? 117 HOH B O   1 
HETATM 1388 O O   . HOH D 2 .  ? 0.086   5.354   13.032  1.00 40.12 ? 118 HOH B O   1 
HETATM 1389 O O   . HOH D 2 .  ? 11.887  -13.382 6.622   1.00 39.94 ? 119 HOH B O   1 
HETATM 1390 O O   . HOH D 2 .  ? 19.358  -0.731  20.612  1.00 22.37 ? 120 HOH B O   1 
HETATM 1391 O O   . HOH D 2 .  ? 6.930   -7.225  6.340   1.00 28.85 ? 121 HOH B O   1 
HETATM 1392 O O   . HOH D 2 .  ? 2.734   7.286   -1.468  1.00 22.79 ? 122 HOH B O   1 
HETATM 1393 O O   . HOH D 2 .  ? -0.690  4.423   9.525   1.00 21.33 ? 123 HOH B O   1 
HETATM 1394 O O   . HOH D 2 .  ? 23.054  0.173   -0.825  1.00 17.32 ? 124 HOH B O   1 
HETATM 1395 O O   . HOH D 2 .  ? 23.215  -6.159  14.721  1.00 22.20 ? 125 HOH B O   1 
HETATM 1396 O O   . HOH D 2 .  ? 3.708   1.594   14.852  1.00 31.43 ? 126 HOH B O   1 
HETATM 1397 O O   . HOH D 2 .  ? 17.779  0.368   11.813  1.00 26.40 ? 127 HOH B O   1 
HETATM 1398 O O   . HOH D 2 .  ? 26.436  5.662   4.339   1.00 34.62 ? 128 HOH B O   1 
HETATM 1399 O O   . HOH D 2 .  ? 8.066   1.678   -7.620  1.00 16.99 ? 129 HOH B O   1 
HETATM 1400 O O   . HOH D 2 .  ? 20.948  -6.522  20.215  1.00 34.84 ? 130 HOH B O   1 
HETATM 1401 O O   . HOH D 2 .  ? 21.137  1.899   14.196  1.00 45.16 ? 131 HOH B O   1 
HETATM 1402 O O   . HOH D 2 .  ? 5.445   4.446   -4.627  1.00 17.87 ? 132 HOH B O   1 
HETATM 1403 O O   . HOH D 2 .  ? 8.172   -4.067  15.196  1.00 37.91 ? 133 HOH B O   1 
HETATM 1404 O O   . HOH D 2 .  ? 26.824  3.285   3.212   1.00 18.02 ? 134 HOH B O   1 
HETATM 1405 O O   . HOH D 2 .  ? 9.367   -11.935 -1.358  1.00 40.35 ? 135 HOH B O   1 
HETATM 1406 O O   . HOH D 2 .  ? -1.433  -10.489 0.215   1.00 44.93 ? 136 HOH B O   1 
HETATM 1407 O O   . HOH D 2 .  ? 15.796  3.269   8.179   1.00 15.38 ? 137 HOH B O   1 
HETATM 1408 O O   . HOH D 2 .  ? 0.930   -6.338  10.070  1.00 24.31 ? 138 HOH B O   1 
HETATM 1409 O O   . HOH D 2 .  ? 5.984   10.128  -0.415  1.00 18.72 ? 139 HOH B O   1 
HETATM 1410 O O   . HOH D 2 .  ? 11.369  5.688   -2.980  1.00 14.48 ? 140 HOH B O   1 
HETATM 1411 O O   . HOH D 2 .  ? 2.177   9.666   4.577   1.00 39.19 ? 141 HOH B O   1 
HETATM 1412 O O   . HOH D 2 .  ? 0.800   -2.231  13.125  1.00 27.14 ? 142 HOH B O   1 
HETATM 1413 O O   . HOH D 2 .  ? 15.872  -2.878  -9.919  1.00 26.66 ? 143 HOH B O   1 
HETATM 1414 O O   . HOH D 2 .  ? 21.045  -9.778  13.528  1.00 13.03 ? 144 HOH B O   1 
HETATM 1415 O O   . HOH D 2 .  ? 0.486   8.047   10.379  1.00 33.69 ? 145 HOH B O   1 
HETATM 1416 O O   . HOH D 2 .  ? 11.188  4.004   15.724  1.00 34.92 ? 146 HOH B O   1 
HETATM 1417 O O   . HOH D 2 .  ? 13.806  6.858   -1.709  1.00 16.70 ? 147 HOH B O   1 
HETATM 1418 O O   . HOH D 2 .  ? 24.032  -5.496  17.128  1.00 29.25 ? 148 HOH B O   1 
HETATM 1419 O O   . HOH D 2 .  ? -0.608  10.198  5.311   1.00 43.10 ? 149 HOH B O   1 
HETATM 1420 O O   . HOH D 2 .  ? 21.025  1.805   10.466  1.00 35.69 ? 150 HOH B O   1 
HETATM 1421 O O   . HOH D 2 .  ? -1.333  0.259   9.850   1.00 23.92 ? 151 HOH B O   1 
HETATM 1422 O O   . HOH D 2 .  ? 18.823  -14.438 9.884   1.00 27.90 ? 152 HOH B O   1 
HETATM 1423 O O   . HOH D 2 .  ? 14.744  11.620  5.998   1.00 24.79 ? 153 HOH B O   1 
HETATM 1424 O O   . HOH D 2 .  ? 18.901  -7.511  -8.481  1.00 32.34 ? 154 HOH B O   1 
HETATM 1425 O O   . HOH D 2 .  ? 8.053   3.953   -5.559  1.00 17.71 ? 155 HOH B O   1 
HETATM 1426 O O   . HOH D 2 .  ? 14.287  -10.594 -4.238  1.00 24.08 ? 156 HOH B O   1 
HETATM 1427 O O   . HOH D 2 .  ? 9.720   -9.954  9.610   1.00 26.67 ? 157 HOH B O   1 
HETATM 1428 O O   . HOH D 2 .  ? 3.805   2.573   -6.360  1.00 31.57 ? 158 HOH B O   1 
HETATM 1429 O O   . HOH D 2 .  ? 8.363   -11.220 1.613   1.00 25.49 ? 159 HOH B O   1 
HETATM 1430 O O   . HOH D 2 .  ? 14.619  4.453   -7.816  1.00 34.77 ? 160 HOH B O   1 
HETATM 1431 O O   . HOH D 2 .  ? 13.692  -6.441  13.243  1.00 24.30 ? 161 HOH B O   1 
HETATM 1432 O O   . HOH D 2 .  ? 2.728   -5.054  12.792  1.00 39.78 ? 162 HOH B O   1 
HETATM 1433 O O   . HOH D 2 .  ? 19.331  -5.224  14.368  1.00 20.33 ? 163 HOH B O   1 
HETATM 1434 O O   . HOH D 2 .  ? 25.113  0.752   0.897   1.00 14.58 ? 164 HOH B O   1 
HETATM 1435 O O   . HOH D 2 .  ? 0.321   8.628   7.244   1.00 24.32 ? 165 HOH B O   1 
HETATM 1436 O O   . HOH D 2 .  ? 0.508   2.851   12.351  1.00 38.12 ? 166 HOH B O   1 
HETATM 1437 O O   . HOH D 2 .  ? 25.824  -11.878 6.393   0.50 27.01 ? 167 HOH B O   1 
HETATM 1438 O O   . HOH D 2 .  ? 12.635  -12.789 3.982   1.00 28.91 ? 168 HOH B O   1 
HETATM 1439 O O   . HOH D 2 .  ? 14.877  3.805   13.219  1.00 33.72 ? 169 HOH B O   1 
HETATM 1440 O O   . HOH D 2 .  ? 5.066   -5.778  12.033  1.00 24.67 ? 170 HOH B O   1 
HETATM 1441 O O   . HOH D 2 .  ? 2.833   -10.191 3.852   1.00 40.23 ? 171 HOH B O   1 
HETATM 1442 O O   . HOH D 2 .  ? 27.451  3.965   8.632   1.00 23.78 ? 172 HOH B O   1 
HETATM 1443 O O   . HOH D 2 .  ? 13.869  13.527  4.207   1.00 38.42 ? 173 HOH B O   1 
HETATM 1444 O O   . HOH D 2 .  ? 17.022  3.226   11.694  1.00 41.00 ? 174 HOH B O   1 
HETATM 1445 O O   . HOH D 2 .  ? -1.778  6.469   8.244   1.00 25.07 ? 175 HOH B O   1 
HETATM 1446 O O   . HOH D 2 .  ? 23.643  -7.014  19.525  1.00 34.87 ? 176 HOH B O   1 
HETATM 1447 O O   . HOH D 2 .  ? 0.120   8.039   -1.898  1.00 26.26 ? 177 HOH B O   1 
HETATM 1448 O O   . HOH D 2 .  ? 11.589  -12.144 8.985   1.00 36.35 ? 178 HOH B O   1 
HETATM 1449 O O   . HOH D 2 .  ? 10.231  -12.580 2.952   1.00 35.57 ? 179 HOH B O   1 
HETATM 1450 O O   . HOH D 2 .  ? 25.162  7.025   2.535   1.00 38.10 ? 180 HOH B O   1 
HETATM 1451 O O   . HOH D 2 .  ? 7.302   -12.156 -3.190  1.00 40.67 ? 181 HOH B O   1 
HETATM 1452 O O   . HOH D 2 .  ? 15.046  -8.503  -10.443 1.00 21.25 ? 182 HOH B O   1 
HETATM 1453 O O   . HOH D 2 .  ? 10.030  6.050   -5.506  1.00 21.23 ? 183 HOH B O   1 
HETATM 1454 O O   . HOH D 2 .  ? 17.652  5.041   9.184   1.00 30.56 ? 184 HOH B O   1 
HETATM 1455 O O   . HOH D 2 .  ? 20.376  1.653   21.447  1.00 31.04 ? 185 HOH B O   1 
HETATM 1456 O O   . HOH D 2 .  ? 13.047  -10.368 -9.848  1.00 18.95 ? 186 HOH B O   1 
HETATM 1457 O O   . HOH D 2 .  ? -0.926  0.039   12.424  1.00 33.56 ? 187 HOH B O   1 
HETATM 1458 O O   . HOH D 2 .  ? 6.277   -9.504  -6.979  1.00 30.25 ? 188 HOH B O   1 
HETATM 1459 O O   . HOH D 2 .  ? 2.513   -1.017  15.013  1.00 30.64 ? 189 HOH B O   1 
HETATM 1460 O O   . HOH D 2 .  ? 4.081   -2.028  16.929  1.00 40.18 ? 190 HOH B O   1 
# 
loop_
_pdbx_poly_seq_scheme.asym_id 
_pdbx_poly_seq_scheme.entity_id 
_pdbx_poly_seq_scheme.seq_id 
_pdbx_poly_seq_scheme.mon_id 
_pdbx_poly_seq_scheme.ndb_seq_num 
_pdbx_poly_seq_scheme.pdb_seq_num 
_pdbx_poly_seq_scheme.auth_seq_num 
_pdbx_poly_seq_scheme.pdb_mon_id 
_pdbx_poly_seq_scheme.auth_mon_id 
_pdbx_poly_seq_scheme.pdb_strand_id 
_pdbx_poly_seq_scheme.pdb_ins_code 
_pdbx_poly_seq_scheme.hetero 
A 1 1  GLY 1  0  0  GLY GLY A . n 
A 1 2  MET 2  1  1  MET MET A . n 
A 1 3  PRO 3  2  2  PRO PRO A . n 
A 1 4  ILE 4  3  3  ILE ILE A . n 
A 1 5  PHE 5  4  4  PHE PHE A . n 
A 1 6  VAL 6  5  5  VAL VAL A . n 
A 1 7  LYS 7  6  6  LYS LYS A . n 
A 1 8  THR 8  7  7  THR THR A . n 
A 1 9  LEU 9  8  8  LEU LEU A . n 
A 1 10 THR 10 9  9  THR THR A . n 
A 1 11 GLY 11 10 10 GLY GLY A . n 
A 1 12 LYS 12 11 11 LYS LYS A . n 
A 1 13 ASN 13 12 12 ASN ASN A . n 
A 1 14 ILE 14 13 13 ILE ILE A . n 
A 1 15 THR 15 14 14 THR THR A . n 
A 1 16 LEU 16 15 15 LEU LEU A . n 
A 1 17 GLU 17 16 16 GLU GLU A . n 
A 1 18 VAL 18 17 17 VAL VAL A . n 
A 1 19 GLU 19 18 18 GLU GLU A . n 
A 1 20 PRO 20 19 19 PRO PRO A . n 
A 1 21 SER 21 20 20 SER SER A . n 
A 1 22 ASP 22 21 21 ASP ASP A . n 
A 1 23 THR 23 22 22 THR THR A . n 
A 1 24 ILE 24 23 23 ILE ILE A . n 
A 1 25 GLU 25 24 24 GLU GLU A . n 
A 1 26 ASN 26 25 25 ASN ASN A . n 
A 1 27 VAL 27 26 26 VAL VAL A . n 
A 1 28 LYS 28 27 27 LYS LYS A . n 
A 1 29 ALA 29 28 28 ALA ALA A . n 
A 1 30 LYS 30 29 29 LYS LYS A . n 
A 1 31 ILE 31 30 30 ILE ILE A . n 
A 1 32 GLN 32 31 31 GLN GLN A . n 
A 1 33 ASP 33 32 32 ASP ASP A . n 
A 1 34 LYS 34 33 33 LYS LYS A . n 
A 1 35 GLU 35 34 34 GLU GLU A . n 
A 1 36 GLY 36 35 35 GLY GLY A . n 
A 1 37 ILE 37 36 36 ILE ILE A . n 
A 1 38 PRO 38 37 37 PRO PRO A . n 
A 1 39 PRO 39 38 38 PRO PRO A . n 
A 1 40 ASP 40 39 39 ASP ASP A . n 
A 1 41 GLN 41 40 40 GLN GLN A . n 
A 1 42 GLN 42 41 41 GLN GLN A . n 
A 1 43 ARG 43 42 42 ARG ARG A . n 
A 1 44 LEU 44 43 43 LEU LEU A . n 
A 1 45 ILE 45 44 44 ILE ILE A . n 
A 1 46 PHE 46 45 45 PHE PHE A . n 
A 1 47 THR 47 46 46 THR THR A . n 
A 1 48 GLY 48 47 47 GLY GLY A . n 
A 1 49 LYS 49 48 48 LYS LYS A . n 
A 1 50 LYS 50 49 49 LYS LYS A . n 
A 1 51 LEU 51 50 50 LEU LEU A . n 
A 1 52 GLU 52 51 51 GLU GLU A . n 
A 1 53 ASP 53 52 52 ASP ASP A . n 
A 1 54 GLY 54 53 53 GLY GLY A . n 
A 1 55 ARG 55 54 54 ARG ARG A . n 
A 1 56 THR 56 55 55 THR THR A . n 
A 1 57 LEU 57 56 56 LEU LEU A . n 
A 1 58 SER 58 57 57 SER SER A . n 
A 1 59 ASP 59 58 58 ASP ASP A . n 
A 1 60 TYR 60 59 59 TYR TYR A . n 
A 1 61 ASN 61 60 60 ASN ASN A . n 
A 1 62 ILE 62 61 61 ILE ILE A . n 
A 1 63 LYS 63 62 62 LYS LYS A . n 
A 1 64 PHE 64 63 63 PHE PHE A . n 
A 1 65 ALA 65 64 64 ALA ALA A . n 
A 1 66 SER 66 65 65 SER SER A . n 
A 1 67 THR 67 66 66 THR THR A . n 
A 1 68 LEU 68 67 67 LEU LEU A . n 
A 1 69 HIS 69 68 68 HIS HIS A . n 
A 1 70 LEU 70 69 69 LEU LEU A . n 
A 1 71 VAL 71 70 70 VAL VAL A . n 
A 1 72 ILE 72 71 71 ILE ILE A . n 
A 1 73 ARG 73 72 72 ARG ARG A . n 
A 1 74 LEU 74 73 73 LEU LEU A . n 
A 1 75 ARG 75 74 74 ARG ARG A . n 
A 1 76 GLY 76 75 75 GLY GLY A . n 
A 1 77 ALA 77 76 76 ALA ALA A . n 
A 1 78 ARG 78 77 77 ARG ARG A . n 
A 1 79 PRO 79 78 78 PRO PRO A . n 
B 1 1  GLY 1  0  0  GLY GLY B . n 
B 1 2  MET 2  1  1  MET MET B . n 
B 1 3  PRO 3  2  2  PRO PRO B . n 
B 1 4  ILE 4  3  3  ILE ILE B . n 
B 1 5  PHE 5  4  4  PHE PHE B . n 
B 1 6  VAL 6  5  5  VAL VAL B . n 
B 1 7  LYS 7  6  6  LYS LYS B . n 
B 1 8  THR 8  7  7  THR THR B . n 
B 1 9  LEU 9  8  8  LEU LEU B . n 
B 1 10 THR 10 9  9  THR THR B . n 
B 1 11 GLY 11 10 10 GLY GLY B . n 
B 1 12 LYS 12 11 11 LYS LYS B . n 
B 1 13 ASN 13 12 12 ASN ASN B . n 
B 1 14 ILE 14 13 13 ILE ILE B . n 
B 1 15 THR 15 14 14 THR THR B . n 
B 1 16 LEU 16 15 15 LEU LEU B . n 
B 1 17 GLU 17 16 16 GLU GLU B . n 
B 1 18 VAL 18 17 17 VAL VAL B . n 
B 1 19 GLU 19 18 18 GLU GLU B . n 
B 1 20 PRO 20 19 19 PRO PRO B . n 
B 1 21 SER 21 20 20 SER SER B . n 
B 1 22 ASP 22 21 21 ASP ASP B . n 
B 1 23 THR 23 22 22 THR THR B . n 
B 1 24 ILE 24 23 23 ILE ILE B . n 
B 1 25 GLU 25 24 24 GLU GLU B . n 
B 1 26 ASN 26 25 25 ASN ASN B . n 
B 1 27 VAL 27 26 26 VAL VAL B . n 
B 1 28 LYS 28 27 27 LYS LYS B . n 
B 1 29 ALA 29 28 28 ALA ALA B . n 
B 1 30 LYS 30 29 29 LYS LYS B . n 
B 1 31 ILE 31 30 30 ILE ILE B . n 
B 1 32 GLN 32 31 31 GLN GLN B . n 
B 1 33 ASP 33 32 32 ASP ASP B . n 
B 1 34 LYS 34 33 33 LYS LYS B . n 
B 1 35 GLU 35 34 34 GLU GLU B . n 
B 1 36 GLY 36 35 35 GLY GLY B . n 
B 1 37 ILE 37 36 36 ILE ILE B . n 
B 1 38 PRO 38 37 37 PRO PRO B . n 
B 1 39 PRO 39 38 38 PRO PRO B . n 
B 1 40 ASP 40 39 39 ASP ASP B . n 
B 1 41 GLN 41 40 40 GLN GLN B . n 
B 1 42 GLN 42 41 41 GLN GLN B . n 
B 1 43 ARG 43 42 42 ARG ARG B . n 
B 1 44 LEU 44 43 43 LEU LEU B . n 
B 1 45 ILE 45 44 44 ILE ILE B . n 
B 1 46 PHE 46 45 45 PHE PHE B . n 
B 1 47 THR 47 46 46 THR THR B . n 
B 1 48 GLY 48 47 47 GLY GLY B . n 
B 1 49 LYS 49 48 48 LYS LYS B . n 
B 1 50 LYS 50 49 49 LYS LYS B . n 
B 1 51 LEU 51 50 50 LEU LEU B . n 
B 1 52 GLU 52 51 51 GLU GLU B . n 
B 1 53 ASP 53 52 52 ASP ASP B . n 
B 1 54 GLY 54 53 53 GLY GLY B . n 
B 1 55 ARG 55 54 54 ARG ARG B . n 
B 1 56 THR 56 55 55 THR THR B . n 
B 1 57 LEU 57 56 56 LEU LEU B . n 
B 1 58 SER 58 57 57 SER SER B . n 
B 1 59 ASP 59 58 58 ASP ASP B . n 
B 1 60 TYR 60 59 59 TYR TYR B . n 
B 1 61 ASN 61 60 60 ASN ASN B . n 
B 1 62 ILE 62 61 61 ILE ILE B . n 
B 1 63 LYS 63 62 62 LYS LYS B . n 
B 1 64 PHE 64 63 63 PHE PHE B . n 
B 1 65 ALA 65 64 64 ALA ALA B . n 
B 1 66 SER 66 65 65 SER SER B . n 
B 1 67 THR 67 66 66 THR THR B . n 
B 1 68 LEU 68 67 67 LEU LEU B . n 
B 1 69 HIS 69 68 68 HIS HIS B . n 
B 1 70 LEU 70 69 69 LEU LEU B . n 
B 1 71 VAL 71 70 70 VAL VAL B . n 
B 1 72 ILE 72 71 71 ILE ILE B . n 
B 1 73 ARG 73 72 72 ARG ARG B . n 
B 1 74 LEU 74 73 73 LEU LEU B . n 
B 1 75 ARG 75 74 74 ARG ARG B . n 
B 1 76 GLY 76 75 75 GLY GLY B . n 
B 1 77 ALA 77 76 76 ALA ALA B . n 
B 1 78 ARG 78 77 77 ARG ARG B . n 
B 1 79 PRO 79 78 78 PRO PRO B . n 
# 
_pdbx_SG_project.id                    1 
_pdbx_SG_project.project_name          ? 
_pdbx_SG_project.full_name_of_center   'Structural Genomics Consortium' 
_pdbx_SG_project.initial_of_center     SGC 
# 
loop_
_pdbx_nonpoly_scheme.asym_id 
_pdbx_nonpoly_scheme.entity_id 
_pdbx_nonpoly_scheme.mon_id 
_pdbx_nonpoly_scheme.ndb_seq_num 
_pdbx_nonpoly_scheme.pdb_seq_num 
_pdbx_nonpoly_scheme.auth_seq_num 
_pdbx_nonpoly_scheme.pdb_mon_id 
_pdbx_nonpoly_scheme.auth_mon_id 
_pdbx_nonpoly_scheme.pdb_strand_id 
_pdbx_nonpoly_scheme.pdb_ins_code 
C 2 HOH 1  101 145 HOH HOH A . 
C 2 HOH 2  102 122 HOH HOH A . 
C 2 HOH 3  103 63  HOH HOH A . 
C 2 HOH 4  104 37  HOH HOH A . 
C 2 HOH 5  105 108 HOH HOH A . 
C 2 HOH 6  106 70  HOH HOH A . 
C 2 HOH 7  107 120 HOH HOH A . 
C 2 HOH 8  108 147 HOH HOH A . 
C 2 HOH 9  109 89  HOH HOH A . 
C 2 HOH 10 110 114 HOH HOH A . 
C 2 HOH 11 111 80  HOH HOH A . 
C 2 HOH 12 112 47  HOH HOH A . 
C 2 HOH 13 113 159 HOH HOH A . 
C 2 HOH 14 114 160 HOH HOH A . 
C 2 HOH 15 115 25  HOH HOH A . 
C 2 HOH 16 116 20  HOH HOH A . 
C 2 HOH 17 117 116 HOH HOH A . 
C 2 HOH 18 118 45  HOH HOH A . 
C 2 HOH 19 119 68  HOH HOH A . 
C 2 HOH 20 120 57  HOH HOH A . 
C 2 HOH 21 121 60  HOH HOH A . 
C 2 HOH 22 122 161 HOH HOH A . 
C 2 HOH 23 123 9   HOH HOH A . 
C 2 HOH 24 124 69  HOH HOH A . 
C 2 HOH 25 125 18  HOH HOH A . 
C 2 HOH 26 126 74  HOH HOH A . 
C 2 HOH 27 127 56  HOH HOH A . 
C 2 HOH 28 128 66  HOH HOH A . 
C 2 HOH 29 129 46  HOH HOH A . 
C 2 HOH 30 130 55  HOH HOH A . 
C 2 HOH 31 131 43  HOH HOH A . 
C 2 HOH 32 132 123 HOH HOH A . 
C 2 HOH 33 133 8   HOH HOH A . 
C 2 HOH 34 134 32  HOH HOH A . 
C 2 HOH 35 135 10  HOH HOH A . 
C 2 HOH 36 136 76  HOH HOH A . 
C 2 HOH 37 137 36  HOH HOH A . 
C 2 HOH 38 138 83  HOH HOH A . 
C 2 HOH 39 139 143 HOH HOH A . 
C 2 HOH 40 140 14  HOH HOH A . 
C 2 HOH 41 141 13  HOH HOH A . 
C 2 HOH 42 142 125 HOH HOH A . 
C 2 HOH 43 143 121 HOH HOH A . 
C 2 HOH 44 144 54  HOH HOH A . 
C 2 HOH 45 145 3   HOH HOH A . 
C 2 HOH 46 146 87  HOH HOH A . 
C 2 HOH 47 147 146 HOH HOH A . 
C 2 HOH 48 148 113 HOH HOH A . 
C 2 HOH 49 149 144 HOH HOH A . 
C 2 HOH 50 150 21  HOH HOH A . 
C 2 HOH 51 151 124 HOH HOH A . 
C 2 HOH 52 152 118 HOH HOH A . 
C 2 HOH 53 153 81  HOH HOH A . 
C 2 HOH 54 154 75  HOH HOH A . 
C 2 HOH 55 155 24  HOH HOH A . 
C 2 HOH 56 156 51  HOH HOH A . 
C 2 HOH 57 157 79  HOH HOH A . 
C 2 HOH 58 158 115 HOH HOH A . 
C 2 HOH 59 159 19  HOH HOH A . 
C 2 HOH 60 160 77  HOH HOH A . 
C 2 HOH 61 161 78  HOH HOH A . 
C 2 HOH 62 162 142 HOH HOH A . 
C 2 HOH 63 163 112 HOH HOH A . 
C 2 HOH 64 164 104 HOH HOH A . 
C 2 HOH 65 165 40  HOH HOH A . 
C 2 HOH 66 166 105 HOH HOH A . 
D 2 HOH 1  101 150 HOH HOH B . 
D 2 HOH 2  102 136 HOH HOH B . 
D 2 HOH 3  103 84  HOH HOH B . 
D 2 HOH 4  104 149 HOH HOH B . 
D 2 HOH 5  105 119 HOH HOH B . 
D 2 HOH 6  106 151 HOH HOH B . 
D 2 HOH 7  107 44  HOH HOH B . 
D 2 HOH 8  108 12  HOH HOH B . 
D 2 HOH 9  109 131 HOH HOH B . 
D 2 HOH 10 110 103 HOH HOH B . 
D 2 HOH 11 111 153 HOH HOH B . 
D 2 HOH 12 112 137 HOH HOH B . 
D 2 HOH 13 113 29  HOH HOH B . 
D 2 HOH 14 114 155 HOH HOH B . 
D 2 HOH 15 115 11  HOH HOH B . 
D 2 HOH 16 116 71  HOH HOH B . 
D 2 HOH 17 117 98  HOH HOH B . 
D 2 HOH 18 118 139 HOH HOH B . 
D 2 HOH 19 119 128 HOH HOH B . 
D 2 HOH 20 120 41  HOH HOH B . 
D 2 HOH 21 121 92  HOH HOH B . 
D 2 HOH 22 122 22  HOH HOH B . 
D 2 HOH 23 123 53  HOH HOH B . 
D 2 HOH 24 124 28  HOH HOH B . 
D 2 HOH 25 125 30  HOH HOH B . 
D 2 HOH 26 126 133 HOH HOH B . 
D 2 HOH 27 127 94  HOH HOH B . 
D 2 HOH 28 128 106 HOH HOH B . 
D 2 HOH 29 129 15  HOH HOH B . 
D 2 HOH 30 130 140 HOH HOH B . 
D 2 HOH 31 131 158 HOH HOH B . 
D 2 HOH 32 132 7   HOH HOH B . 
D 2 HOH 33 133 135 HOH HOH B . 
D 2 HOH 34 134 16  HOH HOH B . 
D 2 HOH 35 135 162 HOH HOH B . 
D 2 HOH 36 136 90  HOH HOH B . 
D 2 HOH 37 137 26  HOH HOH B . 
D 2 HOH 38 138 33  HOH HOH B . 
D 2 HOH 39 139 23  HOH HOH B . 
D 2 HOH 40 140 1   HOH HOH B . 
D 2 HOH 41 141 156 HOH HOH B . 
D 2 HOH 42 142 72  HOH HOH B . 
D 2 HOH 43 143 91  HOH HOH B . 
D 2 HOH 44 144 5   HOH HOH B . 
D 2 HOH 45 145 138 HOH HOH B . 
D 2 HOH 46 146 101 HOH HOH B . 
D 2 HOH 47 147 6   HOH HOH B . 
D 2 HOH 48 148 107 HOH HOH B . 
D 2 HOH 49 149 102 HOH HOH B . 
D 2 HOH 50 150 95  HOH HOH B . 
D 2 HOH 51 151 50  HOH HOH B . 
D 2 HOH 52 152 64  HOH HOH B . 
D 2 HOH 53 153 27  HOH HOH B . 
D 2 HOH 54 154 126 HOH HOH B . 
D 2 HOH 55 155 4   HOH HOH B . 
D 2 HOH 56 156 17  HOH HOH B . 
D 2 HOH 57 157 65  HOH HOH B . 
D 2 HOH 58 158 34  HOH HOH B . 
D 2 HOH 59 159 31  HOH HOH B . 
D 2 HOH 60 160 110 HOH HOH B . 
D 2 HOH 61 161 93  HOH HOH B . 
D 2 HOH 62 162 163 HOH HOH B . 
D 2 HOH 63 163 49  HOH HOH B . 
D 2 HOH 64 164 2   HOH HOH B . 
D 2 HOH 65 165 67  HOH HOH B . 
D 2 HOH 66 166 86  HOH HOH B . 
D 2 HOH 67 167 152 HOH HOH B . 
D 2 HOH 68 168 96  HOH HOH B . 
D 2 HOH 69 169 99  HOH HOH B . 
D 2 HOH 70 170 42  HOH HOH B . 
D 2 HOH 71 171 148 HOH HOH B . 
D 2 HOH 72 172 58  HOH HOH B . 
D 2 HOH 73 173 154 HOH HOH B . 
D 2 HOH 74 174 100 HOH HOH B . 
D 2 HOH 75 175 85  HOH HOH B . 
D 2 HOH 76 176 141 HOH HOH B . 
D 2 HOH 77 177 82  HOH HOH B . 
D 2 HOH 78 178 129 HOH HOH B . 
D 2 HOH 79 179 127 HOH HOH B . 
D 2 HOH 80 180 157 HOH HOH B . 
D 2 HOH 81 181 130 HOH HOH B . 
D 2 HOH 82 182 97  HOH HOH B . 
D 2 HOH 83 183 38  HOH HOH B . 
D 2 HOH 84 184 48  HOH HOH B . 
D 2 HOH 85 185 111 HOH HOH B . 
D 2 HOH 86 186 39  HOH HOH B . 
D 2 HOH 87 187 132 HOH HOH B . 
D 2 HOH 88 188 109 HOH HOH B . 
D 2 HOH 89 189 73  HOH HOH B . 
D 2 HOH 90 190 134 HOH HOH B . 
# 
loop_
_pdbx_struct_assembly.id 
_pdbx_struct_assembly.details 
_pdbx_struct_assembly.method_details 
_pdbx_struct_assembly.oligomeric_details 
_pdbx_struct_assembly.oligomeric_count 
1 author_and_software_defined_assembly PISA monomeric 1 
2 author_and_software_defined_assembly PISA monomeric 1 
# 
loop_
_pdbx_struct_assembly_gen.assembly_id 
_pdbx_struct_assembly_gen.oper_expression 
_pdbx_struct_assembly_gen.asym_id_list 
1 1 A,C 
2 1 B,D 
# 
_pdbx_struct_oper_list.id                   1 
_pdbx_struct_oper_list.type                 'identity operation' 
_pdbx_struct_oper_list.name                 1_555 
_pdbx_struct_oper_list.symmetry_operation   x,y,z 
_pdbx_struct_oper_list.matrix[1][1]         1.0000000000 
_pdbx_struct_oper_list.matrix[1][2]         0.0000000000 
_pdbx_struct_oper_list.matrix[1][3]         0.0000000000 
_pdbx_struct_oper_list.vector[1]            0.0000000000 
_pdbx_struct_oper_list.matrix[2][1]         0.0000000000 
_pdbx_struct_oper_list.matrix[2][2]         1.0000000000 
_pdbx_struct_oper_list.matrix[2][3]         0.0000000000 
_pdbx_struct_oper_list.vector[2]            0.0000000000 
_pdbx_struct_oper_list.matrix[3][1]         0.0000000000 
_pdbx_struct_oper_list.matrix[3][2]         0.0000000000 
_pdbx_struct_oper_list.matrix[3][3]         1.0000000000 
_pdbx_struct_oper_list.vector[3]            0.0000000000 
# 
loop_
_pdbx_audit_revision_history.ordinal 
_pdbx_audit_revision_history.data_content_type 
_pdbx_audit_revision_history.major_revision 
_pdbx_audit_revision_history.minor_revision 
_pdbx_audit_revision_history.revision_date 
1 'Structure model' 1 0 2017-06-07 
2 'Structure model' 1 1 2023-10-04 
# 
_pdbx_audit_revision_details.ordinal             1 
_pdbx_audit_revision_details.revision_ordinal    1 
_pdbx_audit_revision_details.data_content_type   'Structure model' 
_pdbx_audit_revision_details.provider            repository 
_pdbx_audit_revision_details.type                'Initial release' 
_pdbx_audit_revision_details.description         ? 
_pdbx_audit_revision_details.details             ? 
# 
loop_
_pdbx_audit_revision_group.ordinal 
_pdbx_audit_revision_group.revision_ordinal 
_pdbx_audit_revision_group.data_content_type 
_pdbx_audit_revision_group.group 
1 2 'Structure model' 'Data collection'        
2 2 'Structure model' 'Database references'    
3 2 'Structure model' 'Refinement description' 
# 
loop_
_pdbx_audit_revision_category.ordinal 
_pdbx_audit_revision_category.revision_ordinal 
_pdbx_audit_revision_category.data_content_type 
_pdbx_audit_revision_category.category 
1 2 'Structure model' chem_comp_atom                
2 2 'Structure model' chem_comp_bond                
3 2 'Structure model' database_2                    
4 2 'Structure model' pdbx_initial_refinement_model 
# 
loop_
_pdbx_audit_revision_item.ordinal 
_pdbx_audit_revision_item.revision_ordinal 
_pdbx_audit_revision_item.data_content_type 
_pdbx_audit_revision_item.item 
1 2 'Structure model' '_database_2.pdbx_DOI'                
2 2 'Structure model' '_database_2.pdbx_database_accession' 
# 
loop_
_software.citation_id 
_software.classification 
_software.compiler_name 
_software.compiler_version 
_software.contact_author 
_software.contact_author_email 
_software.date 
_software.description 
_software.dependencies 
_software.hardware 
_software.language 
_software.location 
_software.mods 
_software.name 
_software.os 
_software.os_version 
_software.type 
_software.version 
_software.pdbx_ordinal 
? 'data scaling'    ? ? ? ? ? ? ? ? ? ? ? SCALEPACK   ? ? ? .        1 
? refinement        ? ? ? ? ? ? ? ? ? ? ? REFMAC      ? ? ? 5.8.0158 2 
? 'data extraction' ? ? ? ? ? ? ? ? ? ? ? PDB_EXTRACT ? ? ? 3.22     3 
? phasing           ? ? ? ? ? ? ? ? ? ? ? PHASER      ? ? ? .        4 
? 'data reduction'  ? ? ? ? ? ? ? ? ? ? ? DENZO       ? ? ? .        5 
# 
loop_
_pdbx_unobs_or_zero_occ_atoms.id 
_pdbx_unobs_or_zero_occ_atoms.PDB_model_num 
_pdbx_unobs_or_zero_occ_atoms.polymer_flag 
_pdbx_unobs_or_zero_occ_atoms.occupancy_flag 
_pdbx_unobs_or_zero_occ_atoms.auth_asym_id 
_pdbx_unobs_or_zero_occ_atoms.auth_comp_id 
_pdbx_unobs_or_zero_occ_atoms.auth_seq_id 
_pdbx_unobs_or_zero_occ_atoms.PDB_ins_code 
_pdbx_unobs_or_zero_occ_atoms.auth_atom_id 
_pdbx_unobs_or_zero_occ_atoms.label_alt_id 
_pdbx_unobs_or_zero_occ_atoms.label_asym_id 
_pdbx_unobs_or_zero_occ_atoms.label_comp_id 
_pdbx_unobs_or_zero_occ_atoms.label_seq_id 
_pdbx_unobs_or_zero_occ_atoms.label_atom_id 
1  1 Y 1 A LYS 11 ? CG  ? A LYS 12 CG  
2  1 Y 1 A LYS 11 ? CD  ? A LYS 12 CD  
3  1 Y 1 A LYS 11 ? CE  ? A LYS 12 CE  
4  1 Y 1 A LYS 11 ? NZ  ? A LYS 12 NZ  
5  1 Y 1 A LYS 33 ? CE  ? A LYS 34 CE  
6  1 Y 1 A LYS 33 ? NZ  ? A LYS 34 NZ  
7  1 Y 1 A ARG 42 ? NE  ? A ARG 43 NE  
8  1 Y 1 A ARG 42 ? CZ  ? A ARG 43 CZ  
9  1 Y 1 A ARG 42 ? NH1 ? A ARG 43 NH1 
10 1 Y 1 A ARG 42 ? NH2 ? A ARG 43 NH2 
11 1 Y 1 B GLU 24 ? CD  ? B GLU 25 CD  
12 1 Y 1 B GLU 24 ? OE1 ? B GLU 25 OE1 
13 1 Y 1 B GLU 24 ? OE2 ? B GLU 25 OE2 
14 1 Y 1 B LYS 48 ? NZ  ? B LYS 49 NZ  
15 1 Y 1 B LYS 49 ? CG  ? B LYS 50 CG  
16 1 Y 1 B LYS 49 ? CD  ? B LYS 50 CD  
17 1 Y 1 B LYS 49 ? CE  ? B LYS 50 CE  
18 1 Y 1 B LYS 49 ? NZ  ? B LYS 50 NZ  
19 1 Y 1 B ARG 54 ? CZ  ? B ARG 55 CZ  
20 1 Y 1 B ARG 54 ? NH1 ? B ARG 55 NH1 
21 1 Y 1 B ARG 54 ? NH2 ? B ARG 55 NH2 
# 
loop_
_chem_comp_atom.comp_id 
_chem_comp_atom.atom_id 
_chem_comp_atom.type_symbol 
_chem_comp_atom.pdbx_aromatic_flag 
_chem_comp_atom.pdbx_stereo_config 
_chem_comp_atom.pdbx_ordinal 
ALA N    N N N 1   
ALA CA   C N S 2   
ALA C    C N N 3   
ALA O    O N N 4   
ALA CB   C N N 5   
ALA OXT  O N N 6   
ALA H    H N N 7   
ALA H2   H N N 8   
ALA HA   H N N 9   
ALA HB1  H N N 10  
ALA HB2  H N N 11  
ALA HB3  H N N 12  
ALA HXT  H N N 13  
ARG N    N N N 14  
ARG CA   C N S 15  
ARG C    C N N 16  
ARG O    O N N 17  
ARG CB   C N N 18  
ARG CG   C N N 19  
ARG CD   C N N 20  
ARG NE   N N N 21  
ARG CZ   C N N 22  
ARG NH1  N N N 23  
ARG NH2  N N N 24  
ARG OXT  O N N 25  
ARG H    H N N 26  
ARG H2   H N N 27  
ARG HA   H N N 28  
ARG HB2  H N N 29  
ARG HB3  H N N 30  
ARG HG2  H N N 31  
ARG HG3  H N N 32  
ARG HD2  H N N 33  
ARG HD3  H N N 34  
ARG HE   H N N 35  
ARG HH11 H N N 36  
ARG HH12 H N N 37  
ARG HH21 H N N 38  
ARG HH22 H N N 39  
ARG HXT  H N N 40  
ASN N    N N N 41  
ASN CA   C N S 42  
ASN C    C N N 43  
ASN O    O N N 44  
ASN CB   C N N 45  
ASN CG   C N N 46  
ASN OD1  O N N 47  
ASN ND2  N N N 48  
ASN OXT  O N N 49  
ASN H    H N N 50  
ASN H2   H N N 51  
ASN HA   H N N 52  
ASN HB2  H N N 53  
ASN HB3  H N N 54  
ASN HD21 H N N 55  
ASN HD22 H N N 56  
ASN HXT  H N N 57  
ASP N    N N N 58  
ASP CA   C N S 59  
ASP C    C N N 60  
ASP O    O N N 61  
ASP CB   C N N 62  
ASP CG   C N N 63  
ASP OD1  O N N 64  
ASP OD2  O N N 65  
ASP OXT  O N N 66  
ASP H    H N N 67  
ASP H2   H N N 68  
ASP HA   H N N 69  
ASP HB2  H N N 70  
ASP HB3  H N N 71  
ASP HD2  H N N 72  
ASP HXT  H N N 73  
GLN N    N N N 74  
GLN CA   C N S 75  
GLN C    C N N 76  
GLN O    O N N 77  
GLN CB   C N N 78  
GLN CG   C N N 79  
GLN CD   C N N 80  
GLN OE1  O N N 81  
GLN NE2  N N N 82  
GLN OXT  O N N 83  
GLN H    H N N 84  
GLN H2   H N N 85  
GLN HA   H N N 86  
GLN HB2  H N N 87  
GLN HB3  H N N 88  
GLN HG2  H N N 89  
GLN HG3  H N N 90  
GLN HE21 H N N 91  
GLN HE22 H N N 92  
GLN HXT  H N N 93  
GLU N    N N N 94  
GLU CA   C N S 95  
GLU C    C N N 96  
GLU O    O N N 97  
GLU CB   C N N 98  
GLU CG   C N N 99  
GLU CD   C N N 100 
GLU OE1  O N N 101 
GLU OE2  O N N 102 
GLU OXT  O N N 103 
GLU H    H N N 104 
GLU H2   H N N 105 
GLU HA   H N N 106 
GLU HB2  H N N 107 
GLU HB3  H N N 108 
GLU HG2  H N N 109 
GLU HG3  H N N 110 
GLU HE2  H N N 111 
GLU HXT  H N N 112 
GLY N    N N N 113 
GLY CA   C N N 114 
GLY C    C N N 115 
GLY O    O N N 116 
GLY OXT  O N N 117 
GLY H    H N N 118 
GLY H2   H N N 119 
GLY HA2  H N N 120 
GLY HA3  H N N 121 
GLY HXT  H N N 122 
HIS N    N N N 123 
HIS CA   C N S 124 
HIS C    C N N 125 
HIS O    O N N 126 
HIS CB   C N N 127 
HIS CG   C Y N 128 
HIS ND1  N Y N 129 
HIS CD2  C Y N 130 
HIS CE1  C Y N 131 
HIS NE2  N Y N 132 
HIS OXT  O N N 133 
HIS H    H N N 134 
HIS H2   H N N 135 
HIS HA   H N N 136 
HIS HB2  H N N 137 
HIS HB3  H N N 138 
HIS HD1  H N N 139 
HIS HD2  H N N 140 
HIS HE1  H N N 141 
HIS HE2  H N N 142 
HIS HXT  H N N 143 
HOH O    O N N 144 
HOH H1   H N N 145 
HOH H2   H N N 146 
ILE N    N N N 147 
ILE CA   C N S 148 
ILE C    C N N 149 
ILE O    O N N 150 
ILE CB   C N S 151 
ILE CG1  C N N 152 
ILE CG2  C N N 153 
ILE CD1  C N N 154 
ILE OXT  O N N 155 
ILE H    H N N 156 
ILE H2   H N N 157 
ILE HA   H N N 158 
ILE HB   H N N 159 
ILE HG12 H N N 160 
ILE HG13 H N N 161 
ILE HG21 H N N 162 
ILE HG22 H N N 163 
ILE HG23 H N N 164 
ILE HD11 H N N 165 
ILE HD12 H N N 166 
ILE HD13 H N N 167 
ILE HXT  H N N 168 
LEU N    N N N 169 
LEU CA   C N S 170 
LEU C    C N N 171 
LEU O    O N N 172 
LEU CB   C N N 173 
LEU CG   C N N 174 
LEU CD1  C N N 175 
LEU CD2  C N N 176 
LEU OXT  O N N 177 
LEU H    H N N 178 
LEU H2   H N N 179 
LEU HA   H N N 180 
LEU HB2  H N N 181 
LEU HB3  H N N 182 
LEU HG   H N N 183 
LEU HD11 H N N 184 
LEU HD12 H N N 185 
LEU HD13 H N N 186 
LEU HD21 H N N 187 
LEU HD22 H N N 188 
LEU HD23 H N N 189 
LEU HXT  H N N 190 
LYS N    N N N 191 
LYS CA   C N S 192 
LYS C    C N N 193 
LYS O    O N N 194 
LYS CB   C N N 195 
LYS CG   C N N 196 
LYS CD   C N N 197 
LYS CE   C N N 198 
LYS NZ   N N N 199 
LYS OXT  O N N 200 
LYS H    H N N 201 
LYS H2   H N N 202 
LYS HA   H N N 203 
LYS HB2  H N N 204 
LYS HB3  H N N 205 
LYS HG2  H N N 206 
LYS HG3  H N N 207 
LYS HD2  H N N 208 
LYS HD3  H N N 209 
LYS HE2  H N N 210 
LYS HE3  H N N 211 
LYS HZ1  H N N 212 
LYS HZ2  H N N 213 
LYS HZ3  H N N 214 
LYS HXT  H N N 215 
MET N    N N N 216 
MET CA   C N S 217 
MET C    C N N 218 
MET O    O N N 219 
MET CB   C N N 220 
MET CG   C N N 221 
MET SD   S N N 222 
MET CE   C N N 223 
MET OXT  O N N 224 
MET H    H N N 225 
MET H2   H N N 226 
MET HA   H N N 227 
MET HB2  H N N 228 
MET HB3  H N N 229 
MET HG2  H N N 230 
MET HG3  H N N 231 
MET HE1  H N N 232 
MET HE2  H N N 233 
MET HE3  H N N 234 
MET HXT  H N N 235 
PHE N    N N N 236 
PHE CA   C N S 237 
PHE C    C N N 238 
PHE O    O N N 239 
PHE CB   C N N 240 
PHE CG   C Y N 241 
PHE CD1  C Y N 242 
PHE CD2  C Y N 243 
PHE CE1  C Y N 244 
PHE CE2  C Y N 245 
PHE CZ   C Y N 246 
PHE OXT  O N N 247 
PHE H    H N N 248 
PHE H2   H N N 249 
PHE HA   H N N 250 
PHE HB2  H N N 251 
PHE HB3  H N N 252 
PHE HD1  H N N 253 
PHE HD2  H N N 254 
PHE HE1  H N N 255 
PHE HE2  H N N 256 
PHE HZ   H N N 257 
PHE HXT  H N N 258 
PRO N    N N N 259 
PRO CA   C N S 260 
PRO C    C N N 261 
PRO O    O N N 262 
PRO CB   C N N 263 
PRO CG   C N N 264 
PRO CD   C N N 265 
PRO OXT  O N N 266 
PRO H    H N N 267 
PRO HA   H N N 268 
PRO HB2  H N N 269 
PRO HB3  H N N 270 
PRO HG2  H N N 271 
PRO HG3  H N N 272 
PRO HD2  H N N 273 
PRO HD3  H N N 274 
PRO HXT  H N N 275 
SER N    N N N 276 
SER CA   C N S 277 
SER C    C N N 278 
SER O    O N N 279 
SER CB   C N N 280 
SER OG   O N N 281 
SER OXT  O N N 282 
SER H    H N N 283 
SER H2   H N N 284 
SER HA   H N N 285 
SER HB2  H N N 286 
SER HB3  H N N 287 
SER HG   H N N 288 
SER HXT  H N N 289 
THR N    N N N 290 
THR CA   C N S 291 
THR C    C N N 292 
THR O    O N N 293 
THR CB   C N R 294 
THR OG1  O N N 295 
THR CG2  C N N 296 
THR OXT  O N N 297 
THR H    H N N 298 
THR H2   H N N 299 
THR HA   H N N 300 
THR HB   H N N 301 
THR HG1  H N N 302 
THR HG21 H N N 303 
THR HG22 H N N 304 
THR HG23 H N N 305 
THR HXT  H N N 306 
TYR N    N N N 307 
TYR CA   C N S 308 
TYR C    C N N 309 
TYR O    O N N 310 
TYR CB   C N N 311 
TYR CG   C Y N 312 
TYR CD1  C Y N 313 
TYR CD2  C Y N 314 
TYR CE1  C Y N 315 
TYR CE2  C Y N 316 
TYR CZ   C Y N 317 
TYR OH   O N N 318 
TYR OXT  O N N 319 
TYR H    H N N 320 
TYR H2   H N N 321 
TYR HA   H N N 322 
TYR HB2  H N N 323 
TYR HB3  H N N 324 
TYR HD1  H N N 325 
TYR HD2  H N N 326 
TYR HE1  H N N 327 
TYR HE2  H N N 328 
TYR HH   H N N 329 
TYR HXT  H N N 330 
VAL N    N N N 331 
VAL CA   C N S 332 
VAL C    C N N 333 
VAL O    O N N 334 
VAL CB   C N N 335 
VAL CG1  C N N 336 
VAL CG2  C N N 337 
VAL OXT  O N N 338 
VAL H    H N N 339 
VAL H2   H N N 340 
VAL HA   H N N 341 
VAL HB   H N N 342 
VAL HG11 H N N 343 
VAL HG12 H N N 344 
VAL HG13 H N N 345 
VAL HG21 H N N 346 
VAL HG22 H N N 347 
VAL HG23 H N N 348 
VAL HXT  H N N 349 
# 
loop_
_chem_comp_bond.comp_id 
_chem_comp_bond.atom_id_1 
_chem_comp_bond.atom_id_2 
_chem_comp_bond.value_order 
_chem_comp_bond.pdbx_aromatic_flag 
_chem_comp_bond.pdbx_stereo_config 
_chem_comp_bond.pdbx_ordinal 
ALA N   CA   sing N N 1   
ALA N   H    sing N N 2   
ALA N   H2   sing N N 3   
ALA CA  C    sing N N 4   
ALA CA  CB   sing N N 5   
ALA CA  HA   sing N N 6   
ALA C   O    doub N N 7   
ALA C   OXT  sing N N 8   
ALA CB  HB1  sing N N 9   
ALA CB  HB2  sing N N 10  
ALA CB  HB3  sing N N 11  
ALA OXT HXT  sing N N 12  
ARG N   CA   sing N N 13  
ARG N   H    sing N N 14  
ARG N   H2   sing N N 15  
ARG CA  C    sing N N 16  
ARG CA  CB   sing N N 17  
ARG CA  HA   sing N N 18  
ARG C   O    doub N N 19  
ARG C   OXT  sing N N 20  
ARG CB  CG   sing N N 21  
ARG CB  HB2  sing N N 22  
ARG CB  HB3  sing N N 23  
ARG CG  CD   sing N N 24  
ARG CG  HG2  sing N N 25  
ARG CG  HG3  sing N N 26  
ARG CD  NE   sing N N 27  
ARG CD  HD2  sing N N 28  
ARG CD  HD3  sing N N 29  
ARG NE  CZ   sing N N 30  
ARG NE  HE   sing N N 31  
ARG CZ  NH1  sing N N 32  
ARG CZ  NH2  doub N N 33  
ARG NH1 HH11 sing N N 34  
ARG NH1 HH12 sing N N 35  
ARG NH2 HH21 sing N N 36  
ARG NH2 HH22 sing N N 37  
ARG OXT HXT  sing N N 38  
ASN N   CA   sing N N 39  
ASN N   H    sing N N 40  
ASN N   H2   sing N N 41  
ASN CA  C    sing N N 42  
ASN CA  CB   sing N N 43  
ASN CA  HA   sing N N 44  
ASN C   O    doub N N 45  
ASN C   OXT  sing N N 46  
ASN CB  CG   sing N N 47  
ASN CB  HB2  sing N N 48  
ASN CB  HB3  sing N N 49  
ASN CG  OD1  doub N N 50  
ASN CG  ND2  sing N N 51  
ASN ND2 HD21 sing N N 52  
ASN ND2 HD22 sing N N 53  
ASN OXT HXT  sing N N 54  
ASP N   CA   sing N N 55  
ASP N   H    sing N N 56  
ASP N   H2   sing N N 57  
ASP CA  C    sing N N 58  
ASP CA  CB   sing N N 59  
ASP CA  HA   sing N N 60  
ASP C   O    doub N N 61  
ASP C   OXT  sing N N 62  
ASP CB  CG   sing N N 63  
ASP CB  HB2  sing N N 64  
ASP CB  HB3  sing N N 65  
ASP CG  OD1  doub N N 66  
ASP CG  OD2  sing N N 67  
ASP OD2 HD2  sing N N 68  
ASP OXT HXT  sing N N 69  
GLN N   CA   sing N N 70  
GLN N   H    sing N N 71  
GLN N   H2   sing N N 72  
GLN CA  C    sing N N 73  
GLN CA  CB   sing N N 74  
GLN CA  HA   sing N N 75  
GLN C   O    doub N N 76  
GLN C   OXT  sing N N 77  
GLN CB  CG   sing N N 78  
GLN CB  HB2  sing N N 79  
GLN CB  HB3  sing N N 80  
GLN CG  CD   sing N N 81  
GLN CG  HG2  sing N N 82  
GLN CG  HG3  sing N N 83  
GLN CD  OE1  doub N N 84  
GLN CD  NE2  sing N N 85  
GLN NE2 HE21 sing N N 86  
GLN NE2 HE22 sing N N 87  
GLN OXT HXT  sing N N 88  
GLU N   CA   sing N N 89  
GLU N   H    sing N N 90  
GLU N   H2   sing N N 91  
GLU CA  C    sing N N 92  
GLU CA  CB   sing N N 93  
GLU CA  HA   sing N N 94  
GLU C   O    doub N N 95  
GLU C   OXT  sing N N 96  
GLU CB  CG   sing N N 97  
GLU CB  HB2  sing N N 98  
GLU CB  HB3  sing N N 99  
GLU CG  CD   sing N N 100 
GLU CG  HG2  sing N N 101 
GLU CG  HG3  sing N N 102 
GLU CD  OE1  doub N N 103 
GLU CD  OE2  sing N N 104 
GLU OE2 HE2  sing N N 105 
GLU OXT HXT  sing N N 106 
GLY N   CA   sing N N 107 
GLY N   H    sing N N 108 
GLY N   H2   sing N N 109 
GLY CA  C    sing N N 110 
GLY CA  HA2  sing N N 111 
GLY CA  HA3  sing N N 112 
GLY C   O    doub N N 113 
GLY C   OXT  sing N N 114 
GLY OXT HXT  sing N N 115 
HIS N   CA   sing N N 116 
HIS N   H    sing N N 117 
HIS N   H2   sing N N 118 
HIS CA  C    sing N N 119 
HIS CA  CB   sing N N 120 
HIS CA  HA   sing N N 121 
HIS C   O    doub N N 122 
HIS C   OXT  sing N N 123 
HIS CB  CG   sing N N 124 
HIS CB  HB2  sing N N 125 
HIS CB  HB3  sing N N 126 
HIS CG  ND1  sing Y N 127 
HIS CG  CD2  doub Y N 128 
HIS ND1 CE1  doub Y N 129 
HIS ND1 HD1  sing N N 130 
HIS CD2 NE2  sing Y N 131 
HIS CD2 HD2  sing N N 132 
HIS CE1 NE2  sing Y N 133 
HIS CE1 HE1  sing N N 134 
HIS NE2 HE2  sing N N 135 
HIS OXT HXT  sing N N 136 
HOH O   H1   sing N N 137 
HOH O   H2   sing N N 138 
ILE N   CA   sing N N 139 
ILE N   H    sing N N 140 
ILE N   H2   sing N N 141 
ILE CA  C    sing N N 142 
ILE CA  CB   sing N N 143 
ILE CA  HA   sing N N 144 
ILE C   O    doub N N 145 
ILE C   OXT  sing N N 146 
ILE CB  CG1  sing N N 147 
ILE CB  CG2  sing N N 148 
ILE CB  HB   sing N N 149 
ILE CG1 CD1  sing N N 150 
ILE CG1 HG12 sing N N 151 
ILE CG1 HG13 sing N N 152 
ILE CG2 HG21 sing N N 153 
ILE CG2 HG22 sing N N 154 
ILE CG2 HG23 sing N N 155 
ILE CD1 HD11 sing N N 156 
ILE CD1 HD12 sing N N 157 
ILE CD1 HD13 sing N N 158 
ILE OXT HXT  sing N N 159 
LEU N   CA   sing N N 160 
LEU N   H    sing N N 161 
LEU N   H2   sing N N 162 
LEU CA  C    sing N N 163 
LEU CA  CB   sing N N 164 
LEU CA  HA   sing N N 165 
LEU C   O    doub N N 166 
LEU C   OXT  sing N N 167 
LEU CB  CG   sing N N 168 
LEU CB  HB2  sing N N 169 
LEU CB  HB3  sing N N 170 
LEU CG  CD1  sing N N 171 
LEU CG  CD2  sing N N 172 
LEU CG  HG   sing N N 173 
LEU CD1 HD11 sing N N 174 
LEU CD1 HD12 sing N N 175 
LEU CD1 HD13 sing N N 176 
LEU CD2 HD21 sing N N 177 
LEU CD2 HD22 sing N N 178 
LEU CD2 HD23 sing N N 179 
LEU OXT HXT  sing N N 180 
LYS N   CA   sing N N 181 
LYS N   H    sing N N 182 
LYS N   H2   sing N N 183 
LYS CA  C    sing N N 184 
LYS CA  CB   sing N N 185 
LYS CA  HA   sing N N 186 
LYS C   O    doub N N 187 
LYS C   OXT  sing N N 188 
LYS CB  CG   sing N N 189 
LYS CB  HB2  sing N N 190 
LYS CB  HB3  sing N N 191 
LYS CG  CD   sing N N 192 
LYS CG  HG2  sing N N 193 
LYS CG  HG3  sing N N 194 
LYS CD  CE   sing N N 195 
LYS CD  HD2  sing N N 196 
LYS CD  HD3  sing N N 197 
LYS CE  NZ   sing N N 198 
LYS CE  HE2  sing N N 199 
LYS CE  HE3  sing N N 200 
LYS NZ  HZ1  sing N N 201 
LYS NZ  HZ2  sing N N 202 
LYS NZ  HZ3  sing N N 203 
LYS OXT HXT  sing N N 204 
MET N   CA   sing N N 205 
MET N   H    sing N N 206 
MET N   H2   sing N N 207 
MET CA  C    sing N N 208 
MET CA  CB   sing N N 209 
MET CA  HA   sing N N 210 
MET C   O    doub N N 211 
MET C   OXT  sing N N 212 
MET CB  CG   sing N N 213 
MET CB  HB2  sing N N 214 
MET CB  HB3  sing N N 215 
MET CG  SD   sing N N 216 
MET CG  HG2  sing N N 217 
MET CG  HG3  sing N N 218 
MET SD  CE   sing N N 219 
MET CE  HE1  sing N N 220 
MET CE  HE2  sing N N 221 
MET CE  HE3  sing N N 222 
MET OXT HXT  sing N N 223 
PHE N   CA   sing N N 224 
PHE N   H    sing N N 225 
PHE N   H2   sing N N 226 
PHE CA  C    sing N N 227 
PHE CA  CB   sing N N 228 
PHE CA  HA   sing N N 229 
PHE C   O    doub N N 230 
PHE C   OXT  sing N N 231 
PHE CB  CG   sing N N 232 
PHE CB  HB2  sing N N 233 
PHE CB  HB3  sing N N 234 
PHE CG  CD1  doub Y N 235 
PHE CG  CD2  sing Y N 236 
PHE CD1 CE1  sing Y N 237 
PHE CD1 HD1  sing N N 238 
PHE CD2 CE2  doub Y N 239 
PHE CD2 HD2  sing N N 240 
PHE CE1 CZ   doub Y N 241 
PHE CE1 HE1  sing N N 242 
PHE CE2 CZ   sing Y N 243 
PHE CE2 HE2  sing N N 244 
PHE CZ  HZ   sing N N 245 
PHE OXT HXT  sing N N 246 
PRO N   CA   sing N N 247 
PRO N   CD   sing N N 248 
PRO N   H    sing N N 249 
PRO CA  C    sing N N 250 
PRO CA  CB   sing N N 251 
PRO CA  HA   sing N N 252 
PRO C   O    doub N N 253 
PRO C   OXT  sing N N 254 
PRO CB  CG   sing N N 255 
PRO CB  HB2  sing N N 256 
PRO CB  HB3  sing N N 257 
PRO CG  CD   sing N N 258 
PRO CG  HG2  sing N N 259 
PRO CG  HG3  sing N N 260 
PRO CD  HD2  sing N N 261 
PRO CD  HD3  sing N N 262 
PRO OXT HXT  sing N N 263 
SER N   CA   sing N N 264 
SER N   H    sing N N 265 
SER N   H2   sing N N 266 
SER CA  C    sing N N 267 
SER CA  CB   sing N N 268 
SER CA  HA   sing N N 269 
SER C   O    doub N N 270 
SER C   OXT  sing N N 271 
SER CB  OG   sing N N 272 
SER CB  HB2  sing N N 273 
SER CB  HB3  sing N N 274 
SER OG  HG   sing N N 275 
SER OXT HXT  sing N N 276 
THR N   CA   sing N N 277 
THR N   H    sing N N 278 
THR N   H2   sing N N 279 
THR CA  C    sing N N 280 
THR CA  CB   sing N N 281 
THR CA  HA   sing N N 282 
THR C   O    doub N N 283 
THR C   OXT  sing N N 284 
THR CB  OG1  sing N N 285 
THR CB  CG2  sing N N 286 
THR CB  HB   sing N N 287 
THR OG1 HG1  sing N N 288 
THR CG2 HG21 sing N N 289 
THR CG2 HG22 sing N N 290 
THR CG2 HG23 sing N N 291 
THR OXT HXT  sing N N 292 
TYR N   CA   sing N N 293 
TYR N   H    sing N N 294 
TYR N   H2   sing N N 295 
TYR CA  C    sing N N 296 
TYR CA  CB   sing N N 297 
TYR CA  HA   sing N N 298 
TYR C   O    doub N N 299 
TYR C   OXT  sing N N 300 
TYR CB  CG   sing N N 301 
TYR CB  HB2  sing N N 302 
TYR CB  HB3  sing N N 303 
TYR CG  CD1  doub Y N 304 
TYR CG  CD2  sing Y N 305 
TYR CD1 CE1  sing Y N 306 
TYR CD1 HD1  sing N N 307 
TYR CD2 CE2  doub Y N 308 
TYR CD2 HD2  sing N N 309 
TYR CE1 CZ   doub Y N 310 
TYR CE1 HE1  sing N N 311 
TYR CE2 CZ   sing Y N 312 
TYR CE2 HE2  sing N N 313 
TYR CZ  OH   sing N N 314 
TYR OH  HH   sing N N 315 
TYR OXT HXT  sing N N 316 
VAL N   CA   sing N N 317 
VAL N   H    sing N N 318 
VAL N   H2   sing N N 319 
VAL CA  C    sing N N 320 
VAL CA  CB   sing N N 321 
VAL CA  HA   sing N N 322 
VAL C   O    doub N N 323 
VAL C   OXT  sing N N 324 
VAL CB  CG1  sing N N 325 
VAL CB  CG2  sing N N 326 
VAL CB  HB   sing N N 327 
VAL CG1 HG11 sing N N 328 
VAL CG1 HG12 sing N N 329 
VAL CG1 HG13 sing N N 330 
VAL CG2 HG21 sing N N 331 
VAL CG2 HG22 sing N N 332 
VAL CG2 HG23 sing N N 333 
VAL OXT HXT  sing N N 334 
# 
_pdbx_entity_nonpoly.entity_id   2 
_pdbx_entity_nonpoly.name        water 
_pdbx_entity_nonpoly.comp_id     HOH 
# 
_pdbx_initial_refinement_model.id               1 
_pdbx_initial_refinement_model.entity_id_list   ? 
_pdbx_initial_refinement_model.type             'experimental model' 
_pdbx_initial_refinement_model.source_name      PDB 
_pdbx_initial_refinement_model.accession_code   4AP4 
_pdbx_initial_refinement_model.details          ? 
# 
_pdbx_struct_assembly_auth_evidence.id                     1 
_pdbx_struct_assembly_auth_evidence.assembly_id            1 
_pdbx_struct_assembly_auth_evidence.experimental_support   'gel filtration' 
_pdbx_struct_assembly_auth_evidence.details                ? 
# 
